data_6BRT
#
_entry.id   6BRT
#
_cell.length_a   183.843
_cell.length_b   183.843
_cell.length_c   153.662
_cell.angle_alpha   90.000
_cell.angle_beta   90.000
_cell.angle_gamma   120.000
#
_symmetry.space_group_name_H-M   'P 65'
#
loop_
_entity.id
_entity.type
_entity.pdbx_description
1 polymer D3-CTH-D14-D-ring
2 non-polymer (5R)-5-hydroxy-3-methylfuran-2(5H)-one
3 water water
#
_entity_poly.entity_id   1
_entity_poly.type   'polypeptide(L)'
_entity_poly.pdbx_seq_one_letter_code
;DLMFTEMRAESWLRGSGSSGASLLQILNVRVVGSGERVVVLSHGFGTDQSAWSRVLPYLTRDHRVVLYDLVCAGSVNPDH
FDFRRYDNLDAYVDDLLAILDALRIPRCAFVGHSVSAMIGILASIRRPDLFAKLVLIGASPRFLNDSDYHGGFELEEIQQ
VFDAMGANYSAWATGYAPLAVGADVPAAVQEFSRTLFNMRPDISLHVCQTVFKTDLRGVLGMVRAPCVVVQTTRDVSVPA
SVAAYLKAHLGGRTTVEFLQTEGHLPHLSAPSLLAQVLRRALARY
;
_entity_poly.pdbx_strand_id   A,B,C,D,E,F,G,H
#
loop_
_chem_comp.id
_chem_comp.type
_chem_comp.name
_chem_comp.formula
H3M non-polymer (5R)-5-hydroxy-3-methylfuran-2(5H)-one 'C5 H6 O3'
#
# COMPACT_ATOMS: atom_id res chain seq x y z
N ASP A 1 -30.79 -16.61 -27.39
CA ASP A 1 -31.33 -15.38 -27.93
C ASP A 1 -30.53 -14.95 -29.16
N LEU A 2 -31.21 -14.37 -30.14
CA LEU A 2 -30.56 -13.99 -31.38
C LEU A 2 -29.59 -12.84 -31.15
N MET A 3 -30.00 -11.89 -30.31
CA MET A 3 -29.21 -10.70 -30.04
C MET A 3 -27.82 -11.11 -29.53
N PHE A 4 -27.77 -12.15 -28.71
CA PHE A 4 -26.51 -12.67 -28.20
C PHE A 4 -25.62 -13.08 -29.37
N THR A 5 -26.22 -13.72 -30.36
CA THR A 5 -25.50 -14.19 -31.53
C THR A 5 -24.85 -13.04 -32.29
N GLU A 6 -25.64 -11.99 -32.53
CA GLU A 6 -25.18 -10.86 -33.32
C GLU A 6 -24.18 -10.01 -32.55
N MET A 7 -24.27 -10.03 -31.23
CA MET A 7 -23.34 -9.25 -30.41
C MET A 7 -21.94 -9.84 -30.50
N ARG A 8 -21.84 -11.17 -30.43
CA ARG A 8 -20.58 -11.85 -30.64
C ARG A 8 -20.19 -11.74 -32.11
N ALA A 9 -21.19 -11.63 -32.97
CA ALA A 9 -20.95 -11.52 -34.40
C ALA A 9 -20.09 -10.31 -34.76
N GLU A 10 -20.34 -9.18 -34.10
CA GLU A 10 -19.65 -7.94 -34.47
C GLU A 10 -18.27 -7.81 -33.82
N SER A 11 -18.12 -8.40 -32.63
CA SER A 11 -16.84 -8.32 -31.95
C SER A 11 -15.82 -9.27 -32.58
N TRP A 12 -16.30 -10.17 -33.43
CA TRP A 12 -15.40 -11.03 -34.18
C TRP A 12 -14.82 -10.24 -35.35
N LEU A 13 -15.68 -9.39 -35.91
CA LEU A 13 -15.28 -8.44 -36.93
C LEU A 13 -14.54 -7.27 -36.34
N ARG A 14 -15.21 -6.59 -35.41
CA ARG A 14 -14.65 -5.45 -34.70
C ARG A 14 -13.57 -6.38 -34.19
N GLY A 15 -12.32 -6.03 -34.47
CA GLY A 15 -11.18 -6.87 -34.16
C GLY A 15 -10.66 -8.04 -34.98
N SER A 16 -11.31 -8.37 -36.09
CA SER A 16 -10.77 -9.40 -36.96
C SER A 16 -9.52 -8.73 -37.51
N GLY A 17 -8.41 -9.46 -37.57
CA GLY A 17 -7.16 -8.93 -38.08
C GLY A 17 -6.24 -8.65 -36.89
N SER A 18 -6.29 -7.41 -36.41
CA SER A 18 -5.56 -6.99 -35.24
C SER A 18 -4.07 -7.21 -34.90
N SER A 19 -3.81 -7.55 -33.66
CA SER A 19 -2.60 -8.16 -33.21
C SER A 19 -3.17 -9.45 -32.72
N GLY A 20 -4.10 -9.36 -31.79
CA GLY A 20 -4.73 -10.55 -31.25
C GLY A 20 -5.12 -11.79 -32.07
N ALA A 21 -5.96 -11.63 -33.05
CA ALA A 21 -6.45 -12.72 -33.82
C ALA A 21 -5.30 -13.46 -34.49
N SER A 22 -4.46 -12.73 -35.20
CA SER A 22 -3.36 -13.38 -35.90
C SER A 22 -2.43 -14.06 -34.96
N LEU A 23 -2.38 -13.49 -33.77
CA LEU A 23 -1.59 -13.98 -32.65
C LEU A 23 -1.95 -15.37 -32.23
N LEU A 24 -3.21 -15.70 -32.31
CA LEU A 24 -3.66 -16.98 -31.91
C LEU A 24 -2.84 -18.07 -32.53
N GLN A 25 -2.52 -17.91 -33.81
CA GLN A 25 -1.72 -18.89 -34.54
C GLN A 25 -0.23 -18.67 -34.31
N ILE A 26 0.19 -17.40 -34.29
CA ILE A 26 1.56 -17.08 -34.09
C ILE A 26 2.04 -17.52 -32.75
N LEU A 27 1.24 -17.35 -31.76
CA LEU A 27 1.75 -17.72 -30.44
C LEU A 27 1.29 -19.10 -29.96
N ASN A 28 0.85 -19.92 -30.92
CA ASN A 28 0.43 -21.28 -30.61
C ASN A 28 -0.55 -21.37 -29.46
N VAL A 29 -1.61 -20.58 -29.52
CA VAL A 29 -2.54 -20.57 -28.41
C VAL A 29 -3.38 -21.84 -28.37
N ARG A 30 -3.63 -22.33 -27.17
CA ARG A 30 -4.37 -23.54 -26.94
C ARG A 30 -5.40 -23.34 -25.82
N VAL A 31 -6.65 -23.72 -26.04
CA VAL A 31 -7.64 -23.75 -24.97
C VAL A 31 -8.01 -25.19 -24.66
N VAL A 32 -7.94 -25.56 -23.38
CA VAL A 32 -8.22 -26.93 -22.97
C VAL A 32 -9.03 -27.00 -21.70
N GLY A 33 -9.99 -27.91 -21.66
CA GLY A 33 -10.73 -28.15 -20.44
C GLY A 33 -12.14 -27.60 -20.50
N SER A 34 -12.81 -27.67 -19.37
CA SER A 34 -14.17 -27.16 -19.24
C SER A 34 -14.32 -26.46 -17.90
N GLY A 35 -15.18 -25.46 -17.87
CA GLY A 35 -15.43 -24.71 -16.66
C GLY A 35 -15.77 -23.34 -17.15
N GLU A 36 -16.49 -22.59 -16.34
CA GLU A 36 -16.70 -21.18 -16.65
C GLU A 36 -15.62 -20.40 -15.91
N ARG A 37 -14.75 -21.13 -15.25
CA ARG A 37 -13.61 -20.55 -14.58
C ARG A 37 -12.41 -20.65 -15.49
N VAL A 38 -11.88 -19.50 -15.90
CA VAL A 38 -10.78 -19.48 -16.82
C VAL A 38 -9.45 -19.25 -16.14
N VAL A 39 -8.45 -19.96 -16.64
CA VAL A 39 -7.11 -19.90 -16.12
C VAL A 39 -6.15 -19.75 -17.27
N VAL A 40 -5.25 -18.79 -17.16
CA VAL A 40 -4.25 -18.61 -18.17
C VAL A 40 -2.91 -19.11 -17.65
N LEU A 41 -2.21 -19.90 -18.44
CA LEU A 41 -0.88 -20.33 -18.04
C LEU A 41 0.20 -19.68 -18.89
N SER A 42 1.07 -18.91 -18.26
CA SER A 42 2.06 -18.14 -18.97
C SER A 42 3.47 -18.54 -18.55
N HIS A 43 4.22 -19.13 -19.46
CA HIS A 43 5.53 -19.67 -19.13
C HIS A 43 6.61 -18.57 -19.06
N GLY A 44 7.81 -18.93 -18.66
CA GLY A 44 8.89 -17.96 -18.53
C GLY A 44 10.05 -18.19 -19.49
N PHE A 45 11.17 -17.55 -19.21
CA PHE A 45 12.32 -17.62 -20.07
C PHE A 45 12.87 -19.02 -20.24
N GLY A 46 13.16 -19.38 -21.48
CA GLY A 46 13.82 -20.64 -21.72
C GLY A 46 12.91 -21.82 -22.02
N THR A 47 11.62 -21.66 -21.79
CA THR A 47 10.68 -22.73 -22.02
C THR A 47 9.59 -22.32 -23.00
N ASP A 48 8.59 -23.17 -23.16
CA ASP A 48 7.38 -22.87 -23.90
C ASP A 48 6.24 -23.49 -23.11
N GLN A 49 5.05 -23.57 -23.69
CA GLN A 49 3.90 -24.00 -22.93
C GLN A 49 3.94 -25.49 -22.54
N SER A 50 4.83 -26.27 -23.17
CA SER A 50 4.96 -27.68 -22.82
C SER A 50 5.46 -27.82 -21.40
N ALA A 51 5.97 -26.72 -20.85
CA ALA A 51 6.41 -26.72 -19.48
C ALA A 51 5.26 -26.99 -18.51
N TRP A 52 4.04 -26.73 -18.97
CA TRP A 52 2.89 -26.88 -18.09
C TRP A 52 2.21 -28.25 -18.20
N SER A 53 2.77 -29.13 -19.01
CA SER A 53 2.09 -30.36 -19.36
C SER A 53 1.83 -31.27 -18.16
N ARG A 54 2.77 -31.32 -17.23
CA ARG A 54 2.63 -32.20 -16.11
C ARG A 54 1.50 -31.74 -15.20
N VAL A 55 1.35 -30.45 -15.00
CA VAL A 55 0.29 -29.99 -14.12
C VAL A 55 -1.03 -29.76 -14.84
N LEU A 56 -0.98 -29.63 -16.15
CA LEU A 56 -2.19 -29.34 -16.92
C LEU A 56 -3.38 -30.31 -16.65
N PRO A 57 -3.15 -31.62 -16.64
CA PRO A 57 -4.26 -32.54 -16.38
C PRO A 57 -4.96 -32.28 -15.05
N TYR A 58 -4.26 -31.71 -14.07
CA TYR A 58 -4.87 -31.49 -12.77
C TYR A 58 -5.77 -30.26 -12.76
N LEU A 59 -5.85 -29.56 -13.88
CA LEU A 59 -6.64 -28.34 -13.90
C LEU A 59 -7.78 -28.40 -14.90
N THR A 60 -7.64 -29.23 -15.92
CA THR A 60 -8.57 -29.16 -17.04
C THR A 60 -9.96 -29.75 -16.82
N ARG A 61 -10.14 -30.52 -15.74
CA ARG A 61 -11.44 -31.14 -15.51
C ARG A 61 -12.46 -30.12 -15.08
N ASP A 62 -12.01 -29.05 -14.41
CA ASP A 62 -12.96 -28.05 -13.95
C ASP A 62 -12.43 -26.62 -14.11
N HIS A 63 -11.57 -26.43 -15.10
CA HIS A 63 -11.19 -25.10 -15.54
C HIS A 63 -11.04 -25.13 -17.04
N ARG A 64 -11.41 -24.06 -17.72
CA ARG A 64 -10.97 -23.90 -19.08
C ARG A 64 -9.60 -23.28 -18.96
N VAL A 65 -8.61 -23.88 -19.60
CA VAL A 65 -7.25 -23.41 -19.48
C VAL A 65 -6.69 -22.89 -20.80
N VAL A 66 -6.16 -21.67 -20.76
CA VAL A 66 -5.55 -21.06 -21.93
C VAL A 66 -4.04 -21.10 -21.85
N LEU A 67 -3.38 -21.66 -22.86
CA LEU A 67 -1.92 -21.60 -22.94
C LEU A 67 -1.45 -20.86 -24.20
N TYR A 68 -0.31 -20.19 -24.11
CA TYR A 68 0.33 -19.61 -25.28
C TYR A 68 1.81 -19.57 -25.08
N ASP A 69 2.55 -19.48 -26.17
CA ASP A 69 4.00 -19.33 -26.08
C ASP A 69 4.35 -17.84 -26.11
N LEU A 70 5.30 -17.44 -25.26
CA LEU A 70 5.90 -16.13 -25.41
C LEU A 70 6.55 -15.98 -26.76
N VAL A 71 6.57 -14.76 -27.27
CA VAL A 71 7.01 -14.57 -28.64
C VAL A 71 8.47 -14.92 -28.77
N CYS A 72 9.16 -14.95 -27.65
CA CYS A 72 10.57 -15.32 -27.69
C CYS A 72 10.82 -16.83 -27.64
N ALA A 73 9.77 -17.63 -27.53
CA ALA A 73 9.96 -19.07 -27.44
C ALA A 73 10.37 -19.71 -28.76
N GLY A 74 11.22 -20.73 -28.66
CA GLY A 74 11.70 -21.45 -29.82
C GLY A 74 10.62 -22.17 -30.62
N SER A 75 9.43 -22.28 -30.05
CA SER A 75 8.33 -22.91 -30.76
C SER A 75 7.56 -21.88 -31.58
N VAL A 76 7.90 -20.61 -31.43
CA VAL A 76 7.31 -19.55 -32.24
C VAL A 76 8.23 -19.21 -33.41
N ASN A 77 7.64 -18.90 -34.56
CA ASN A 77 8.42 -18.46 -35.69
C ASN A 77 9.23 -17.22 -35.33
N PRO A 78 10.55 -17.33 -35.41
CA PRO A 78 11.44 -16.27 -34.93
C PRO A 78 11.42 -14.99 -35.79
N ASP A 79 10.97 -15.07 -37.04
CA ASP A 79 10.77 -13.85 -37.83
C ASP A 79 9.76 -12.92 -37.18
N HIS A 80 8.96 -13.46 -36.27
CA HIS A 80 7.96 -12.67 -35.60
C HIS A 80 8.57 -11.90 -34.44
N PHE A 81 9.86 -12.07 -34.20
CA PHE A 81 10.42 -11.35 -33.08
C PHE A 81 10.98 -10.00 -33.53
N ASP A 82 10.15 -8.98 -33.36
CA ASP A 82 10.49 -7.59 -33.60
C ASP A 82 11.32 -7.07 -32.46
N PHE A 83 12.57 -6.75 -32.74
CA PHE A 83 13.50 -6.38 -31.69
C PHE A 83 13.23 -5.00 -31.11
N ARG A 84 12.69 -4.12 -31.94
CA ARG A 84 12.29 -2.84 -31.45
C ARG A 84 11.03 -2.95 -30.57
N ARG A 85 10.03 -3.69 -31.05
CA ARG A 85 8.73 -3.66 -30.41
C ARG A 85 8.80 -4.29 -29.02
N TYR A 86 9.58 -5.34 -28.90
CA TYR A 86 9.65 -6.05 -27.64
C TYR A 86 10.80 -5.58 -26.79
N ASP A 87 11.03 -4.28 -26.82
CA ASP A 87 12.15 -3.71 -26.11
C ASP A 87 11.95 -3.90 -24.63
N ASN A 88 10.76 -3.58 -24.15
CA ASN A 88 10.48 -3.85 -22.76
C ASN A 88 9.19 -4.65 -22.55
N LEU A 89 8.84 -4.89 -21.30
CA LEU A 89 7.83 -5.88 -21.01
C LEU A 89 6.48 -5.46 -21.49
N ASP A 90 6.32 -4.17 -21.72
CA ASP A 90 5.00 -3.61 -22.01
C ASP A 90 4.44 -4.27 -23.25
N ALA A 91 5.31 -4.63 -24.19
CA ALA A 91 4.86 -5.20 -25.45
C ALA A 91 4.40 -6.66 -25.30
N TYR A 92 5.03 -7.39 -24.38
CA TYR A 92 4.59 -8.76 -24.05
C TYR A 92 3.23 -8.73 -23.39
N VAL A 93 3.04 -7.68 -22.60
CA VAL A 93 1.76 -7.39 -21.96
C VAL A 93 0.67 -7.22 -23.01
N ASP A 94 0.93 -6.38 -24.01
CA ASP A 94 -0.05 -6.13 -25.04
C ASP A 94 -0.45 -7.42 -25.74
N ASP A 95 0.51 -8.33 -25.92
CA ASP A 95 0.22 -9.62 -26.56
C ASP A 95 -0.76 -10.44 -25.73
N LEU A 96 -0.50 -10.54 -24.44
CA LEU A 96 -1.40 -11.23 -23.54
C LEU A 96 -2.81 -10.70 -23.65
N LEU A 97 -2.92 -9.38 -23.56
CA LEU A 97 -4.21 -8.72 -23.58
C LEU A 97 -4.94 -8.92 -24.89
N ALA A 98 -4.18 -8.92 -25.99
CA ALA A 98 -4.75 -9.16 -27.30
C ALA A 98 -5.18 -10.62 -27.51
N ILE A 99 -4.43 -11.55 -26.95
CA ILE A 99 -4.88 -12.93 -26.99
C ILE A 99 -6.21 -13.07 -26.25
N LEU A 100 -6.27 -12.55 -25.04
CA LEU A 100 -7.45 -12.70 -24.22
C LEU A 100 -8.66 -12.01 -24.83
N ASP A 101 -8.46 -10.86 -25.47
CA ASP A 101 -9.53 -10.15 -26.17
C ASP A 101 -10.03 -10.92 -27.33
N ALA A 102 -9.16 -11.46 -28.14
CA ALA A 102 -9.53 -12.23 -29.30
C ALA A 102 -10.29 -13.48 -28.96
N LEU A 103 -10.04 -14.01 -27.78
CA LEU A 103 -10.73 -15.17 -27.29
C LEU A 103 -12.03 -14.73 -26.61
N ARG A 104 -12.15 -13.43 -26.38
CA ARG A 104 -13.35 -12.86 -25.79
C ARG A 104 -13.55 -13.34 -24.36
N ILE A 105 -12.56 -13.06 -23.54
CA ILE A 105 -12.51 -13.51 -22.16
C ILE A 105 -12.46 -12.32 -21.21
N PRO A 106 -13.55 -12.09 -20.48
CA PRO A 106 -13.70 -10.89 -19.66
C PRO A 106 -13.13 -11.02 -18.25
N ARG A 107 -12.85 -12.25 -17.84
CA ARG A 107 -12.40 -12.47 -16.48
C ARG A 107 -11.72 -13.82 -16.40
N CYS A 108 -10.52 -13.84 -15.84
CA CYS A 108 -9.79 -15.07 -15.75
C CYS A 108 -8.92 -15.03 -14.52
N ALA A 109 -8.30 -16.15 -14.23
CA ALA A 109 -7.20 -16.14 -13.29
C ALA A 109 -5.91 -16.30 -14.09
N PHE A 110 -4.82 -15.70 -13.61
CA PHE A 110 -3.58 -15.72 -14.35
C PHE A 110 -2.47 -16.44 -13.59
N VAL A 111 -1.81 -17.39 -14.21
CA VAL A 111 -0.63 -17.98 -13.59
C VAL A 111 0.62 -17.66 -14.40
N GLY A 112 1.58 -17.05 -13.75
CA GLY A 112 2.78 -16.62 -14.45
C GLY A 112 4.03 -17.10 -13.77
N HIS A 113 4.92 -17.70 -14.54
CA HIS A 113 6.23 -18.07 -14.06
C HIS A 113 7.24 -17.01 -14.43
N SER A 114 8.00 -16.55 -13.45
CA SER A 114 9.12 -15.67 -13.69
C SER A 114 8.75 -14.40 -14.46
N VAL A 115 9.41 -14.14 -15.58
CA VAL A 115 9.14 -12.92 -16.32
C VAL A 115 7.66 -12.80 -16.63
N SER A 116 7.02 -13.93 -16.84
CA SER A 116 5.57 -13.97 -17.00
C SER A 116 4.86 -13.48 -15.74
N ALA A 117 5.48 -13.70 -14.60
CA ALA A 117 4.98 -13.09 -13.38
C ALA A 117 5.03 -11.57 -13.52
N MET A 118 6.08 -11.05 -14.14
CA MET A 118 6.18 -9.60 -14.30
C MET A 118 5.10 -9.15 -15.25
N ILE A 119 4.96 -9.88 -16.34
CA ILE A 119 3.97 -9.57 -17.37
C ILE A 119 2.59 -9.51 -16.77
N GLY A 120 2.25 -10.51 -15.98
CA GLY A 120 0.93 -10.56 -15.37
C GLY A 120 0.69 -9.44 -14.39
N ILE A 121 1.71 -9.10 -13.62
CA ILE A 121 1.59 -7.99 -12.69
C ILE A 121 1.22 -6.73 -13.47
N LEU A 122 1.90 -6.48 -14.59
CA LEU A 122 1.65 -5.28 -15.39
C LEU A 122 0.32 -5.30 -16.11
N ALA A 123 -0.10 -6.48 -16.53
CA ALA A 123 -1.38 -6.64 -17.19
C ALA A 123 -2.50 -6.38 -16.21
N SER A 124 -2.37 -6.90 -14.99
CA SER A 124 -3.36 -6.68 -13.94
C SER A 124 -3.52 -5.20 -13.62
N ILE A 125 -2.41 -4.49 -13.63
CA ILE A 125 -2.41 -3.05 -13.46
C ILE A 125 -3.04 -2.34 -14.66
N ARG A 126 -2.79 -2.86 -15.85
CA ARG A 126 -3.37 -2.27 -17.05
C ARG A 126 -4.87 -2.55 -17.18
N ARG A 127 -5.33 -3.65 -16.59
CA ARG A 127 -6.69 -4.15 -16.79
C ARG A 127 -7.22 -4.84 -15.56
N PRO A 128 -7.44 -4.08 -14.49
CA PRO A 128 -7.84 -4.63 -13.19
C PRO A 128 -9.11 -5.45 -13.29
N ASP A 129 -9.91 -5.18 -14.32
CA ASP A 129 -11.18 -5.87 -14.51
C ASP A 129 -11.12 -7.19 -15.28
N LEU A 130 -9.92 -7.60 -15.66
CA LEU A 130 -9.75 -8.83 -16.40
C LEU A 130 -9.18 -9.95 -15.56
N PHE A 131 -8.34 -9.61 -14.59
CA PHE A 131 -7.72 -10.64 -13.78
C PHE A 131 -8.33 -10.72 -12.42
N ALA A 132 -9.04 -11.82 -12.18
CA ALA A 132 -9.69 -12.04 -10.91
C ALA A 132 -8.66 -12.40 -9.88
N LYS A 133 -7.50 -12.87 -10.32
CA LYS A 133 -6.52 -13.36 -9.39
C LYS A 133 -5.22 -13.62 -10.08
N LEU A 134 -4.13 -13.46 -9.35
CA LEU A 134 -2.79 -13.73 -9.84
C LEU A 134 -2.14 -14.83 -9.05
N VAL A 135 -1.50 -15.75 -9.75
CA VAL A 135 -0.65 -16.72 -9.11
C VAL A 135 0.74 -16.56 -9.66
N LEU A 136 1.68 -16.18 -8.81
CA LEU A 136 3.02 -15.82 -9.25
C LEU A 136 4.09 -16.80 -8.79
N ILE A 137 4.81 -17.37 -9.75
CA ILE A 137 5.79 -18.41 -9.48
C ILE A 137 7.19 -18.00 -9.88
N GLY A 138 8.15 -18.17 -8.99
CA GLY A 138 9.52 -17.79 -9.29
C GLY A 138 9.59 -16.31 -9.67
N ALA A 139 8.86 -15.48 -8.94
CA ALA A 139 8.67 -14.12 -9.35
C ALA A 139 9.59 -13.12 -8.62
N SER A 140 9.98 -12.07 -9.32
CA SER A 140 10.79 -11.00 -8.76
C SER A 140 10.41 -9.68 -9.41
N PRO A 141 10.33 -8.61 -8.62
CA PRO A 141 10.04 -7.29 -9.18
C PRO A 141 11.28 -6.66 -9.80
N ARG A 142 12.45 -7.19 -9.44
CA ARG A 142 13.72 -6.65 -9.90
C ARG A 142 14.86 -7.61 -9.63
N PHE A 143 15.62 -7.93 -10.65
CA PHE A 143 16.66 -8.94 -10.51
C PHE A 143 18.00 -8.38 -10.08
N LEU A 144 18.31 -7.18 -10.57
CA LEU A 144 19.55 -6.50 -10.19
C LEU A 144 19.52 -6.01 -8.76
N ASN A 145 20.58 -6.28 -8.02
CA ASN A 145 20.76 -5.72 -6.69
C ASN A 145 20.67 -4.21 -6.76
N ASP A 146 20.26 -3.60 -5.66
CA ASP A 146 20.24 -2.15 -5.59
C ASP A 146 20.65 -1.74 -4.18
N SER A 147 20.80 -0.44 -3.97
CA SER A 147 21.35 0.09 -2.74
C SER A 147 20.81 -0.57 -1.48
N ASP A 148 19.51 -0.80 -1.43
CA ASP A 148 18.93 -1.40 -0.25
C ASP A 148 18.19 -2.67 -0.63
N TYR A 149 18.41 -3.11 -1.85
CA TYR A 149 17.60 -4.18 -2.39
C TYR A 149 18.46 -5.27 -3.01
N HIS A 150 18.46 -6.44 -2.39
CA HIS A 150 19.19 -7.58 -2.90
C HIS A 150 18.39 -8.28 -3.99
N GLY A 151 18.88 -8.23 -5.22
CA GLY A 151 18.16 -8.84 -6.33
C GLY A 151 18.68 -10.23 -6.55
N GLY A 152 19.98 -10.40 -6.34
CA GLY A 152 20.63 -11.67 -6.51
C GLY A 152 21.61 -11.59 -7.64
N PHE A 153 21.58 -10.47 -8.37
CA PHE A 153 22.45 -10.31 -9.53
C PHE A 153 23.13 -8.97 -9.58
N GLU A 154 24.43 -8.98 -9.85
CA GLU A 154 25.22 -7.75 -10.08
C GLU A 154 25.41 -7.55 -11.57
N LEU A 155 25.57 -6.30 -11.98
CA LEU A 155 25.73 -5.95 -13.40
C LEU A 155 26.91 -6.62 -14.06
N GLU A 156 28.00 -6.75 -13.32
CA GLU A 156 29.18 -7.38 -13.86
C GLU A 156 28.88 -8.85 -14.12
N GLU A 157 28.01 -9.39 -13.28
CA GLU A 157 27.62 -10.77 -13.34
C GLU A 157 26.84 -11.09 -14.61
N ILE A 158 25.78 -10.35 -14.85
CA ILE A 158 24.96 -10.58 -16.01
C ILE A 158 25.78 -10.35 -17.27
N GLN A 159 26.71 -9.41 -17.24
CA GLN A 159 27.54 -9.15 -18.41
C GLN A 159 28.35 -10.41 -18.74
N GLN A 160 28.83 -11.11 -17.72
CA GLN A 160 29.52 -12.37 -17.94
C GLN A 160 28.62 -13.41 -18.58
N VAL A 161 27.37 -13.41 -18.15
CA VAL A 161 26.36 -14.33 -18.69
C VAL A 161 26.17 -14.09 -20.19
N PHE A 162 25.80 -12.86 -20.52
CA PHE A 162 25.78 -12.36 -21.88
C PHE A 162 26.94 -12.84 -22.75
N ASP A 163 28.16 -12.61 -22.30
CA ASP A 163 29.32 -13.05 -23.03
C ASP A 163 29.28 -14.57 -23.30
N ALA A 164 28.91 -15.36 -22.29
CA ALA A 164 28.95 -16.82 -22.42
C ALA A 164 27.90 -17.28 -23.41
N MET A 165 26.71 -16.68 -23.33
CA MET A 165 25.64 -16.91 -24.26
C MET A 165 26.04 -16.59 -25.70
N GLY A 166 26.69 -15.46 -25.92
CA GLY A 166 27.05 -15.06 -27.27
C GLY A 166 28.19 -15.86 -27.86
N ALA A 167 29.08 -16.32 -26.98
CA ALA A 167 30.29 -17.04 -27.35
C ALA A 167 30.02 -18.43 -27.88
N ASN A 168 29.05 -19.11 -27.28
CA ASN A 168 28.72 -20.46 -27.71
C ASN A 168 27.45 -20.43 -26.89
N TYR A 169 26.34 -20.52 -27.60
CA TYR A 169 25.07 -20.59 -26.94
C TYR A 169 24.69 -21.99 -26.46
N SER A 170 24.86 -22.98 -27.33
CA SER A 170 24.45 -24.34 -26.99
C SER A 170 25.24 -24.86 -25.81
N ALA A 171 26.54 -24.58 -25.78
CA ALA A 171 27.35 -24.94 -24.64
C ALA A 171 26.91 -24.22 -23.37
N TRP A 172 26.64 -22.93 -23.47
CA TRP A 172 26.13 -22.17 -22.34
C TRP A 172 24.84 -22.75 -21.75
N ALA A 173 23.90 -23.08 -22.62
CA ALA A 173 22.63 -23.61 -22.21
C ALA A 173 22.79 -24.94 -21.46
N THR A 174 23.60 -25.84 -22.01
CA THR A 174 23.82 -27.11 -21.35
C THR A 174 24.30 -26.90 -19.95
N GLY A 175 25.14 -25.91 -19.76
CA GLY A 175 25.68 -25.65 -18.45
C GLY A 175 24.66 -24.95 -17.58
N TYR A 176 23.76 -24.20 -18.19
CA TYR A 176 22.82 -23.38 -17.45
C TYR A 176 21.65 -24.19 -16.87
N ALA A 177 21.10 -25.07 -17.71
CA ALA A 177 19.95 -25.90 -17.37
C ALA A 177 19.93 -26.49 -15.96
N PRO A 178 20.99 -27.19 -15.55
CA PRO A 178 21.05 -27.77 -14.21
C PRO A 178 21.01 -26.72 -13.09
N LEU A 179 21.63 -25.57 -13.30
CA LEU A 179 21.71 -24.56 -12.25
C LEU A 179 20.34 -23.91 -12.01
N ALA A 180 19.65 -23.65 -13.10
CA ALA A 180 18.28 -23.18 -13.09
C ALA A 180 17.27 -24.17 -12.51
N VAL A 181 17.44 -25.45 -12.81
CA VAL A 181 16.55 -26.42 -12.21
C VAL A 181 16.90 -26.58 -10.75
N GLY A 182 18.18 -26.50 -10.44
CA GLY A 182 18.63 -26.52 -9.05
C GLY A 182 18.62 -27.89 -8.44
N ALA A 183 17.45 -28.51 -8.41
CA ALA A 183 17.32 -29.82 -7.83
C ALA A 183 17.94 -30.87 -8.73
N ASP A 184 18.19 -32.05 -8.18
CA ASP A 184 18.66 -33.20 -8.95
C ASP A 184 17.48 -33.95 -9.53
N VAL A 185 16.82 -33.33 -10.50
CA VAL A 185 15.74 -33.93 -11.24
C VAL A 185 16.13 -33.96 -12.71
N PRO A 186 16.85 -35.00 -13.12
CA PRO A 186 17.42 -35.08 -14.47
C PRO A 186 16.41 -34.88 -15.62
N ALA A 187 15.14 -35.19 -15.39
CA ALA A 187 14.11 -34.96 -16.41
C ALA A 187 13.71 -33.49 -16.56
N ALA A 188 13.80 -32.72 -15.48
CA ALA A 188 13.48 -31.32 -15.60
C ALA A 188 14.62 -30.63 -16.34
N VAL A 189 15.84 -31.01 -15.99
CA VAL A 189 17.03 -30.50 -16.61
C VAL A 189 17.09 -30.79 -18.09
N GLN A 190 16.69 -31.97 -18.49
CA GLN A 190 16.78 -32.29 -19.90
C GLN A 190 15.64 -31.64 -20.67
N GLU A 191 14.49 -31.47 -20.04
CA GLU A 191 13.42 -30.70 -20.68
C GLU A 191 13.76 -29.22 -20.85
N PHE A 192 14.35 -28.60 -19.83
CA PHE A 192 14.65 -27.17 -19.87
C PHE A 192 15.74 -26.89 -20.90
N SER A 193 16.69 -27.79 -21.01
CA SER A 193 17.74 -27.73 -21.98
C SER A 193 17.20 -27.66 -23.36
N ARG A 194 16.30 -28.58 -23.67
CA ARG A 194 15.69 -28.69 -24.96
C ARG A 194 14.98 -27.46 -25.45
N THR A 195 14.11 -26.87 -24.66
CA THR A 195 13.46 -25.66 -25.06
C THR A 195 14.45 -24.48 -25.08
N LEU A 196 15.54 -24.62 -24.38
CA LEU A 196 16.53 -23.54 -24.30
C LEU A 196 17.35 -23.55 -25.57
N PHE A 197 17.72 -24.75 -26.03
CA PHE A 197 18.35 -24.90 -27.31
C PHE A 197 17.46 -24.42 -28.45
N ASN A 198 16.15 -24.50 -28.30
CA ASN A 198 15.28 -24.15 -29.41
C ASN A 198 15.31 -22.66 -29.71
N MET A 199 15.61 -21.86 -28.70
CA MET A 199 15.62 -20.43 -28.91
C MET A 199 16.85 -19.98 -29.70
N ARG A 200 16.63 -18.97 -30.52
CA ARG A 200 17.71 -18.35 -31.28
C ARG A 200 18.50 -17.45 -30.34
N PRO A 201 19.81 -17.65 -30.27
CA PRO A 201 20.68 -17.00 -29.29
C PRO A 201 20.48 -15.48 -29.17
N ASP A 202 20.16 -14.80 -30.27
CA ASP A 202 20.04 -13.35 -30.24
C ASP A 202 18.76 -12.95 -29.54
N ILE A 203 17.70 -13.70 -29.76
CA ILE A 203 16.48 -13.48 -29.03
C ILE A 203 16.63 -13.82 -27.54
N SER A 204 17.29 -14.93 -27.20
CA SER A 204 17.55 -15.20 -25.79
C SER A 204 18.26 -14.03 -25.12
N LEU A 205 19.29 -13.53 -25.79
CA LEU A 205 20.05 -12.41 -25.28
C LEU A 205 19.16 -11.16 -25.12
N HIS A 206 18.37 -10.85 -26.15
CA HIS A 206 17.44 -9.73 -26.07
C HIS A 206 16.48 -9.86 -24.89
N VAL A 207 15.87 -11.02 -24.76
CA VAL A 207 14.90 -11.27 -23.70
C VAL A 207 15.55 -11.17 -22.34
N CYS A 208 16.72 -11.74 -22.17
CA CYS A 208 17.38 -11.69 -20.86
C CYS A 208 17.74 -10.25 -20.52
N GLN A 209 18.27 -9.53 -21.49
CA GLN A 209 18.52 -8.12 -21.28
C GLN A 209 17.25 -7.41 -20.89
N THR A 210 16.13 -7.83 -21.45
CA THR A 210 14.87 -7.15 -21.15
C THR A 210 14.38 -7.50 -19.75
N VAL A 211 14.69 -8.69 -19.28
CA VAL A 211 14.25 -9.10 -17.97
C VAL A 211 15.10 -8.38 -16.93
N PHE A 212 16.41 -8.60 -16.98
CA PHE A 212 17.32 -7.99 -16.02
C PHE A 212 17.19 -6.48 -15.97
N LYS A 213 16.67 -5.92 -17.04
CA LYS A 213 16.48 -4.48 -17.12
C LYS A 213 15.32 -4.05 -16.23
N THR A 214 14.24 -4.79 -16.30
CA THR A 214 12.97 -4.44 -15.67
C THR A 214 13.02 -4.22 -14.16
N ASP A 215 12.23 -3.26 -13.69
CA ASP A 215 12.09 -2.96 -12.27
C ASP A 215 10.66 -2.55 -12.01
N LEU A 216 9.93 -3.38 -11.30
CA LEU A 216 8.53 -3.13 -11.03
C LEU A 216 8.29 -2.60 -9.64
N ARG A 217 9.34 -2.43 -8.87
CA ARG A 217 9.20 -2.06 -7.49
C ARG A 217 8.24 -0.89 -7.28
N GLY A 218 8.29 0.06 -8.20
CA GLY A 218 7.42 1.22 -8.11
C GLY A 218 5.93 1.03 -8.35
N VAL A 219 5.52 -0.07 -8.98
CA VAL A 219 4.12 -0.18 -9.36
C VAL A 219 3.38 -1.35 -8.71
N LEU A 220 4.06 -2.05 -7.80
CA LEU A 220 3.49 -3.19 -7.09
C LEU A 220 2.26 -2.78 -6.31
N GLY A 221 2.24 -1.53 -5.86
CA GLY A 221 1.16 -1.05 -5.03
C GLY A 221 -0.09 -0.77 -5.81
N MET A 222 0.01 -0.76 -7.13
CA MET A 222 -1.16 -0.45 -7.95
C MET A 222 -1.99 -1.68 -8.25
N VAL A 223 -1.44 -2.86 -7.99
CA VAL A 223 -2.15 -4.11 -8.24
C VAL A 223 -3.37 -4.18 -7.33
N ARG A 224 -4.51 -4.55 -7.88
CA ARG A 224 -5.71 -4.64 -7.07
C ARG A 224 -6.14 -6.06 -6.94
N ALA A 225 -5.56 -6.93 -7.75
CA ALA A 225 -5.92 -8.33 -7.79
C ALA A 225 -5.30 -9.09 -6.65
N PRO A 226 -6.06 -10.00 -6.05
CA PRO A 226 -5.49 -10.94 -5.09
C PRO A 226 -4.32 -11.72 -5.69
N CYS A 227 -3.24 -11.93 -4.93
CA CYS A 227 -2.12 -12.71 -5.45
C CYS A 227 -1.68 -13.84 -4.52
N VAL A 228 -1.34 -14.96 -5.14
CA VAL A 228 -0.64 -16.00 -4.43
C VAL A 228 0.80 -15.95 -4.88
N VAL A 229 1.72 -15.68 -3.96
CA VAL A 229 3.13 -15.68 -4.31
C VAL A 229 3.75 -17.01 -3.94
N VAL A 230 4.19 -17.73 -4.96
CA VAL A 230 4.72 -19.05 -4.81
C VAL A 230 6.23 -19.02 -4.87
N GLN A 231 6.85 -19.48 -3.79
CA GLN A 231 8.30 -19.43 -3.69
C GLN A 231 8.88 -20.75 -3.26
N THR A 232 9.88 -21.20 -4.02
CA THR A 232 10.62 -22.41 -3.73
C THR A 232 11.79 -22.12 -2.80
N THR A 233 12.51 -23.16 -2.41
CA THR A 233 13.39 -23.08 -1.25
C THR A 233 14.74 -22.41 -1.47
N ARG A 234 15.37 -22.71 -2.59
CA ARG A 234 16.69 -22.16 -2.86
C ARG A 234 16.68 -21.67 -4.26
N ASP A 235 15.81 -20.72 -4.56
CA ASP A 235 15.65 -20.31 -5.93
C ASP A 235 16.86 -19.48 -6.29
N VAL A 236 17.59 -19.97 -7.28
CA VAL A 236 18.85 -19.39 -7.71
C VAL A 236 18.71 -17.95 -8.18
N SER A 237 17.58 -17.65 -8.80
CA SER A 237 17.39 -16.33 -9.37
C SER A 237 16.43 -15.51 -8.53
N VAL A 238 15.91 -16.10 -7.47
CA VAL A 238 15.04 -15.36 -6.56
C VAL A 238 15.35 -15.63 -5.10
N PRO A 239 16.09 -14.72 -4.48
CA PRO A 239 16.34 -14.84 -3.04
C PRO A 239 15.02 -14.80 -2.28
N ALA A 240 15.00 -15.33 -1.07
CA ALA A 240 13.80 -15.29 -0.27
C ALA A 240 13.44 -13.89 0.21
N SER A 241 14.42 -12.99 0.31
CA SER A 241 14.09 -11.63 0.75
C SER A 241 13.27 -10.90 -0.30
N VAL A 242 13.38 -11.35 -1.55
CA VAL A 242 12.70 -10.74 -2.68
C VAL A 242 11.25 -11.19 -2.72
N ALA A 243 11.07 -12.49 -2.64
CA ALA A 243 9.76 -13.06 -2.48
C ALA A 243 9.11 -12.34 -1.34
N ALA A 244 9.89 -12.06 -0.31
CA ALA A 244 9.39 -11.37 0.87
C ALA A 244 9.00 -9.92 0.54
N TYR A 245 9.81 -9.26 -0.26
CA TYR A 245 9.51 -7.90 -0.67
C TYR A 245 8.22 -7.86 -1.51
N LEU A 246 8.22 -8.67 -2.53
CA LEU A 246 7.12 -8.78 -3.47
C LEU A 246 5.78 -8.96 -2.77
N LYS A 247 5.79 -9.74 -1.69
CA LYS A 247 4.54 -10.02 -0.98
C LYS A 247 4.06 -8.83 -0.16
N ALA A 248 4.96 -8.20 0.57
CA ALA A 248 4.59 -7.03 1.37
C ALA A 248 4.09 -5.92 0.48
N HIS A 249 4.60 -5.85 -0.73
CA HIS A 249 4.42 -4.62 -1.50
C HIS A 249 3.36 -4.68 -2.58
N LEU A 250 2.80 -5.85 -2.84
CA LEU A 250 1.66 -5.94 -3.72
C LEU A 250 0.44 -5.43 -2.97
N GLY A 251 -0.36 -4.59 -3.61
CA GLY A 251 -1.44 -3.91 -2.93
C GLY A 251 -2.79 -4.59 -2.97
N GLY A 252 -2.84 -5.78 -3.55
CA GLY A 252 -4.04 -6.59 -3.46
C GLY A 252 -3.83 -7.56 -2.31
N ARG A 253 -4.81 -8.39 -2.02
CA ARG A 253 -4.66 -9.28 -0.90
C ARG A 253 -3.73 -10.44 -1.27
N THR A 254 -2.64 -10.55 -0.53
CA THR A 254 -1.55 -11.39 -0.92
C THR A 254 -1.25 -12.50 0.08
N THR A 255 -1.13 -13.73 -0.42
CA THR A 255 -0.69 -14.84 0.43
C THR A 255 0.53 -15.49 -0.18
N VAL A 256 1.36 -16.07 0.67
CA VAL A 256 2.56 -16.73 0.20
C VAL A 256 2.46 -18.24 0.37
N GLU A 257 2.91 -18.96 -0.66
CA GLU A 257 3.05 -20.40 -0.57
C GLU A 257 4.50 -20.78 -0.73
N PHE A 258 5.13 -21.20 0.36
CA PHE A 258 6.55 -21.52 0.30
C PHE A 258 6.76 -23.02 0.09
N LEU A 259 7.06 -23.41 -1.12
CA LEU A 259 7.29 -24.78 -1.49
C LEU A 259 8.54 -25.36 -0.87
N GLN A 260 8.45 -26.63 -0.52
CA GLN A 260 9.50 -27.40 0.09
C GLN A 260 10.59 -27.82 -0.87
N THR A 261 10.30 -27.83 -2.13
CA THR A 261 11.25 -28.20 -3.12
C THR A 261 12.20 -27.09 -3.51
N GLU A 262 13.35 -27.46 -3.99
CA GLU A 262 14.31 -26.44 -4.41
C GLU A 262 14.36 -26.28 -5.93
N GLY A 263 14.75 -25.10 -6.39
CA GLY A 263 14.85 -24.81 -7.81
C GLY A 263 13.86 -23.77 -8.32
N HIS A 264 14.17 -23.18 -9.45
CA HIS A 264 13.40 -22.06 -9.99
C HIS A 264 12.21 -22.49 -10.89
N LEU A 265 12.22 -23.74 -11.35
CA LEU A 265 11.19 -24.27 -12.27
C LEU A 265 10.41 -25.46 -11.67
N PRO A 266 9.59 -25.19 -10.64
CA PRO A 266 8.85 -26.25 -9.94
C PRO A 266 7.79 -26.89 -10.82
N HIS A 267 7.28 -26.16 -11.81
CA HIS A 267 6.29 -26.74 -12.69
C HIS A 267 6.92 -27.83 -13.55
N LEU A 268 8.25 -27.80 -13.67
CA LEU A 268 8.97 -28.85 -14.37
C LEU A 268 9.55 -29.87 -13.40
N SER A 269 10.03 -29.39 -12.27
CA SER A 269 10.85 -30.19 -11.39
C SER A 269 10.08 -30.70 -10.15
N ALA A 270 8.97 -30.06 -9.83
CA ALA A 270 8.12 -30.52 -8.73
C ALA A 270 6.63 -30.54 -9.08
N PRO A 271 6.29 -31.06 -10.26
CA PRO A 271 4.88 -31.00 -10.63
C PRO A 271 3.97 -31.74 -9.64
N SER A 272 4.43 -32.81 -8.99
CA SER A 272 3.57 -33.48 -8.00
C SER A 272 3.15 -32.51 -6.91
N LEU A 273 4.04 -31.61 -6.48
CA LEU A 273 3.66 -30.59 -5.49
C LEU A 273 2.85 -29.44 -6.09
N LEU A 274 3.36 -28.84 -7.16
CA LEU A 274 2.78 -27.62 -7.73
C LEU A 274 1.37 -27.78 -8.24
N ALA A 275 1.04 -28.96 -8.76
CA ALA A 275 -0.31 -29.23 -9.21
C ALA A 275 -1.33 -29.01 -8.09
N GLN A 276 -1.03 -29.56 -6.93
CA GLN A 276 -1.91 -29.46 -5.79
C GLN A 276 -1.90 -28.03 -5.29
N VAL A 277 -0.72 -27.42 -5.24
CA VAL A 277 -0.67 -26.01 -4.89
C VAL A 277 -1.60 -25.20 -5.80
N LEU A 278 -1.59 -25.55 -7.09
CA LEU A 278 -2.34 -24.78 -8.07
C LEU A 278 -3.84 -24.98 -7.99
N ARG A 279 -4.27 -26.21 -7.76
CA ARG A 279 -5.69 -26.51 -7.53
C ARG A 279 -6.22 -25.65 -6.42
N ARG A 280 -5.48 -25.58 -5.31
CA ARG A 280 -5.91 -24.83 -4.14
C ARG A 280 -5.93 -23.31 -4.42
N ALA A 281 -4.91 -22.80 -5.08
CA ALA A 281 -4.87 -21.39 -5.41
C ALA A 281 -5.95 -21.00 -6.41
N LEU A 282 -6.46 -21.98 -7.15
CA LEU A 282 -7.39 -21.69 -8.23
C LEU A 282 -8.78 -22.22 -7.97
N ALA A 283 -9.07 -22.53 -6.72
CA ALA A 283 -10.35 -23.16 -6.43
C ALA A 283 -11.48 -22.13 -6.43
N ARG A 284 -11.23 -20.93 -5.94
CA ARG A 284 -12.28 -19.95 -6.05
C ARG A 284 -11.76 -18.57 -6.34
N TYR A 285 -12.46 -17.87 -7.23
CA TYR A 285 -12.14 -16.50 -7.55
C TYR A 285 -13.23 -15.85 -8.37
N ASP B 1 26.55 -10.47 7.64
CA ASP B 1 25.41 -9.66 7.29
C ASP B 1 24.69 -10.26 6.10
N LEU B 2 25.47 -10.68 5.12
CA LEU B 2 24.97 -11.25 3.87
C LEU B 2 23.94 -12.30 3.63
N MET B 3 24.24 -13.49 4.15
CA MET B 3 23.36 -14.62 4.22
C MET B 3 22.65 -14.76 5.57
N PHE B 4 22.52 -13.67 6.27
CA PHE B 4 21.82 -13.63 7.54
C PHE B 4 20.47 -13.01 7.21
N THR B 5 20.50 -11.87 6.55
CA THR B 5 19.27 -11.25 6.15
C THR B 5 18.45 -12.28 5.36
N GLU B 6 19.14 -13.13 4.63
CA GLU B 6 18.46 -14.12 3.83
C GLU B 6 17.65 -14.98 4.73
N MET B 7 18.26 -15.40 5.83
CA MET B 7 17.53 -16.21 6.77
C MET B 7 16.34 -15.39 7.24
N ARG B 8 16.52 -14.09 7.51
CA ARG B 8 15.35 -13.34 7.92
C ARG B 8 14.25 -13.59 6.90
N ALA B 9 14.64 -13.62 5.64
CA ALA B 9 13.71 -13.69 4.52
C ALA B 9 12.89 -14.98 4.50
N GLU B 10 13.55 -16.13 4.55
CA GLU B 10 12.82 -17.38 4.41
C GLU B 10 11.90 -17.61 5.59
N SER B 11 12.29 -17.09 6.75
CA SER B 11 11.49 -17.18 7.97
C SER B 11 10.18 -16.42 7.86
N TRP B 12 10.26 -15.19 7.36
CA TRP B 12 9.06 -14.38 7.19
C TRP B 12 8.16 -15.00 6.14
N LEU B 13 8.78 -15.72 5.20
CA LEU B 13 8.06 -16.38 4.10
C LEU B 13 7.30 -17.59 4.58
N ARG B 14 7.37 -17.85 5.89
CA ARG B 14 6.60 -18.95 6.47
C ARG B 14 5.74 -18.43 7.60
N GLY B 15 6.03 -17.20 8.03
CA GLY B 15 5.23 -16.50 9.01
C GLY B 15 4.13 -15.49 8.74
N SER B 16 3.43 -15.71 7.62
CA SER B 16 2.59 -14.72 6.96
C SER B 16 1.13 -15.17 7.05
N GLY B 17 0.88 -16.37 6.55
CA GLY B 17 -0.44 -16.98 6.63
C GLY B 17 -0.53 -17.90 7.84
N SER B 18 0.49 -17.84 8.69
CA SER B 18 0.50 -18.58 9.94
C SER B 18 -0.42 -17.87 10.91
N SER B 19 -0.98 -18.60 11.86
CA SER B 19 -1.89 -18.01 12.83
C SER B 19 -1.19 -16.86 13.57
N GLY B 20 0.11 -17.03 13.82
CA GLY B 20 0.91 -16.03 14.48
C GLY B 20 0.88 -14.66 13.80
N ALA B 21 1.09 -14.65 12.49
CA ALA B 21 1.16 -13.41 11.73
C ALA B 21 -0.11 -12.58 11.85
N SER B 22 -1.26 -13.24 11.81
CA SER B 22 -2.52 -12.51 11.85
C SER B 22 -2.85 -12.07 13.27
N LEU B 23 -2.45 -12.86 14.25
CA LEU B 23 -2.74 -12.57 15.63
C LEU B 23 -2.08 -11.30 16.10
N LEU B 24 -1.12 -10.79 15.34
CA LEU B 24 -0.45 -9.56 15.74
C LEU B 24 -1.43 -8.40 15.72
N GLN B 25 -2.20 -8.32 14.65
CA GLN B 25 -3.23 -7.30 14.55
C GLN B 25 -4.35 -7.57 15.55
N ILE B 26 -4.90 -8.78 15.48
CA ILE B 26 -6.07 -9.17 16.26
C ILE B 26 -5.90 -8.97 17.77
N LEU B 27 -4.80 -9.45 18.31
CA LEU B 27 -4.51 -9.39 19.74
C LEU B 27 -3.70 -8.14 20.17
N ASN B 28 -3.58 -7.18 19.25
CA ASN B 28 -3.06 -5.83 19.56
C ASN B 28 -1.65 -5.86 20.13
N VAL B 29 -0.84 -6.78 19.65
CA VAL B 29 0.54 -6.95 20.10
C VAL B 29 1.37 -5.67 20.07
N ARG B 30 2.19 -5.49 21.11
CA ARG B 30 2.98 -4.29 21.29
C ARG B 30 4.40 -4.63 21.75
N VAL B 31 5.39 -4.00 21.14
CA VAL B 31 6.77 -4.12 21.60
C VAL B 31 7.28 -2.75 22.00
N VAL B 32 7.79 -2.66 23.22
CA VAL B 32 8.29 -1.41 23.76
C VAL B 32 9.54 -1.61 24.61
N GLY B 33 10.46 -0.66 24.55
CA GLY B 33 11.70 -0.73 25.29
C GLY B 33 12.86 -1.11 24.40
N SER B 34 13.99 -1.43 25.01
CA SER B 34 15.16 -1.87 24.26
C SER B 34 16.00 -2.81 25.10
N GLY B 35 16.80 -3.63 24.43
CA GLY B 35 17.65 -4.57 25.13
C GLY B 35 17.47 -6.01 24.68
N GLU B 36 18.56 -6.76 24.77
CA GLU B 36 18.59 -8.18 24.44
C GLU B 36 17.55 -8.96 25.23
N ARG B 37 17.35 -8.54 26.48
CA ARG B 37 16.41 -9.19 27.38
C ARG B 37 14.97 -8.93 27.00
N VAL B 38 14.22 -10.01 26.76
CA VAL B 38 12.84 -9.88 26.35
C VAL B 38 11.88 -10.27 27.44
N VAL B 39 10.93 -9.38 27.73
CA VAL B 39 9.89 -9.66 28.69
C VAL B 39 8.52 -9.67 28.00
N VAL B 40 7.76 -10.71 28.29
CA VAL B 40 6.37 -10.83 27.83
C VAL B 40 5.40 -10.59 28.99
N LEU B 41 4.50 -9.62 28.82
CA LEU B 41 3.49 -9.35 29.85
C LEU B 41 2.13 -9.87 29.42
N SER B 42 1.53 -10.70 30.27
CA SER B 42 0.25 -11.28 29.91
C SER B 42 -0.78 -11.04 30.99
N HIS B 43 -1.82 -10.29 30.64
CA HIS B 43 -2.87 -9.93 31.57
C HIS B 43 -3.87 -11.06 31.82
N GLY B 44 -4.71 -10.91 32.84
CA GLY B 44 -5.71 -11.90 33.18
C GLY B 44 -7.14 -11.47 32.89
N PHE B 45 -8.07 -12.20 33.50
CA PHE B 45 -9.51 -12.03 33.30
C PHE B 45 -10.02 -10.63 33.55
N GLY B 46 -10.78 -10.11 32.59
CA GLY B 46 -11.52 -8.89 32.81
C GLY B 46 -10.73 -7.65 32.51
N THR B 47 -9.48 -7.82 32.11
CA THR B 47 -8.66 -6.70 31.72
C THR B 47 -8.14 -6.84 30.28
N ASP B 48 -7.25 -5.92 29.92
CA ASP B 48 -6.45 -6.03 28.71
C ASP B 48 -5.07 -5.54 29.09
N GLN B 49 -4.18 -5.46 28.09
CA GLN B 49 -2.80 -5.13 28.33
C GLN B 49 -2.60 -3.79 29.03
N SER B 50 -3.61 -2.92 28.98
CA SER B 50 -3.51 -1.58 29.59
C SER B 50 -3.31 -1.65 31.11
N ALA B 51 -3.65 -2.79 31.72
CA ALA B 51 -3.38 -3.01 33.15
C ALA B 51 -1.88 -2.94 33.52
N TRP B 52 -1.01 -3.10 32.53
CA TRP B 52 0.43 -3.09 32.79
C TRP B 52 1.06 -1.68 32.71
N SER B 53 0.27 -0.66 32.41
CA SER B 53 0.81 0.68 32.16
C SER B 53 1.60 1.29 33.32
N ARG B 54 1.11 1.08 34.55
CA ARG B 54 1.71 1.63 35.74
C ARG B 54 3.09 1.04 36.05
N VAL B 55 3.37 -0.16 35.57
CA VAL B 55 4.63 -0.80 35.85
C VAL B 55 5.56 -0.86 34.64
N LEU B 56 5.00 -0.64 33.46
CA LEU B 56 5.75 -0.77 32.22
C LEU B 56 6.97 0.18 32.12
N PRO B 57 6.85 1.45 32.54
CA PRO B 57 8.00 2.34 32.44
C PRO B 57 9.21 1.87 33.25
N TYR B 58 8.98 0.96 34.19
CA TYR B 58 10.04 0.48 35.06
C TYR B 58 10.83 -0.64 34.42
N LEU B 59 10.39 -1.13 33.27
CA LEU B 59 11.09 -2.24 32.64
C LEU B 59 11.63 -1.92 31.24
N THR B 60 11.14 -0.86 30.63
CA THR B 60 11.42 -0.56 29.23
C THR B 60 12.79 0.08 28.91
N ARG B 61 13.46 0.64 29.92
CA ARG B 61 14.80 1.15 29.70
C ARG B 61 15.78 0.00 29.41
N ASP B 62 15.63 -1.11 30.13
CA ASP B 62 16.56 -2.21 29.96
C ASP B 62 15.89 -3.56 29.70
N HIS B 63 14.70 -3.52 29.10
CA HIS B 63 14.02 -4.73 28.63
C HIS B 63 13.19 -4.45 27.39
N ARG B 64 13.31 -5.33 26.40
CA ARG B 64 12.39 -5.36 25.30
C ARG B 64 11.06 -5.97 25.75
N VAL B 65 10.03 -5.14 25.86
CA VAL B 65 8.77 -5.59 26.43
C VAL B 65 7.68 -5.92 25.40
N VAL B 66 7.17 -7.15 25.47
CA VAL B 66 6.11 -7.60 24.57
C VAL B 66 4.79 -7.72 25.31
N LEU B 67 3.77 -7.02 24.84
CA LEU B 67 2.46 -7.06 25.47
C LEU B 67 1.39 -7.41 24.44
N TYR B 68 0.34 -8.12 24.87
CA TYR B 68 -0.76 -8.43 23.95
C TYR B 68 -2.07 -8.63 24.68
N ASP B 69 -3.17 -8.55 23.95
CA ASP B 69 -4.49 -8.74 24.53
C ASP B 69 -4.88 -10.21 24.43
N LEU B 70 -5.45 -10.75 25.50
CA LEU B 70 -6.01 -12.09 25.44
C LEU B 70 -7.17 -12.01 24.49
N VAL B 71 -7.40 -13.09 23.73
CA VAL B 71 -8.44 -13.03 22.70
C VAL B 71 -9.82 -12.71 23.28
N CYS B 72 -9.97 -12.90 24.59
CA CYS B 72 -11.24 -12.60 25.26
C CYS B 72 -11.38 -11.15 25.75
N ALA B 73 -10.31 -10.38 25.66
CA ALA B 73 -10.33 -8.97 26.06
C ALA B 73 -11.31 -8.16 25.24
N GLY B 74 -12.04 -7.27 25.92
CA GLY B 74 -13.04 -6.44 25.28
C GLY B 74 -12.47 -5.64 24.12
N SER B 75 -11.20 -5.26 24.25
CA SER B 75 -10.46 -4.52 23.22
C SER B 75 -10.08 -5.35 21.99
N VAL B 76 -10.34 -6.64 22.04
CA VAL B 76 -10.16 -7.51 20.89
C VAL B 76 -11.49 -7.61 20.15
N ASN B 77 -11.48 -7.57 18.82
CA ASN B 77 -12.73 -7.85 18.10
C ASN B 77 -13.28 -9.23 18.50
N PRO B 78 -14.46 -9.25 19.12
CA PRO B 78 -15.05 -10.49 19.67
C PRO B 78 -15.61 -11.43 18.59
N ASP B 79 -15.50 -11.08 17.31
CA ASP B 79 -15.81 -12.04 16.27
C ASP B 79 -14.74 -13.09 16.13
N HIS B 80 -13.62 -12.85 16.81
CA HIS B 80 -12.50 -13.77 16.70
C HIS B 80 -12.54 -14.80 17.82
N PHE B 81 -13.51 -14.69 18.71
CA PHE B 81 -13.56 -15.63 19.82
C PHE B 81 -14.33 -16.90 19.45
N ASP B 82 -13.57 -17.88 18.99
CA ASP B 82 -14.06 -19.22 18.65
C ASP B 82 -14.37 -20.02 19.90
N PHE B 83 -15.64 -20.13 20.26
CA PHE B 83 -16.03 -20.80 21.50
C PHE B 83 -15.61 -22.26 21.52
N ARG B 84 -15.68 -22.93 20.38
CA ARG B 84 -15.26 -24.30 20.35
C ARG B 84 -13.74 -24.33 20.39
N ARG B 85 -13.10 -23.55 19.54
CA ARG B 85 -11.65 -23.50 19.47
C ARG B 85 -11.08 -23.23 20.87
N TYR B 86 -11.65 -22.25 21.55
CA TYR B 86 -11.13 -21.85 22.83
C TYR B 86 -11.82 -22.54 23.97
N ASP B 87 -12.00 -23.85 23.83
CA ASP B 87 -12.70 -24.65 24.84
C ASP B 87 -11.85 -24.81 26.08
N ASN B 88 -10.54 -24.96 25.93
CA ASN B 88 -9.66 -24.94 27.09
C ASN B 88 -8.45 -24.02 26.88
N LEU B 89 -7.56 -23.96 27.87
CA LEU B 89 -6.48 -22.99 27.85
C LEU B 89 -5.42 -23.30 26.80
N ASP B 90 -5.38 -24.55 26.35
CA ASP B 90 -4.41 -24.98 25.34
C ASP B 90 -4.46 -24.12 24.10
N ALA B 91 -5.65 -23.63 23.77
CA ALA B 91 -5.79 -22.74 22.62
C ALA B 91 -5.22 -21.35 22.93
N TYR B 92 -5.32 -20.90 24.18
CA TYR B 92 -4.64 -19.67 24.60
C TYR B 92 -3.15 -19.83 24.51
N VAL B 93 -2.66 -20.97 24.98
CA VAL B 93 -1.25 -21.32 24.85
C VAL B 93 -0.81 -21.24 23.37
N ASP B 94 -1.64 -21.74 22.47
CA ASP B 94 -1.28 -21.80 21.06
C ASP B 94 -1.18 -20.40 20.46
N ASP B 95 -2.00 -19.48 20.97
CA ASP B 95 -1.93 -18.07 20.60
C ASP B 95 -0.67 -17.40 21.10
N LEU B 96 -0.34 -17.60 22.37
CA LEU B 96 0.86 -16.98 22.94
C LEU B 96 2.09 -17.42 22.16
N LEU B 97 2.20 -18.73 21.90
CA LEU B 97 3.37 -19.28 21.23
C LEU B 97 3.48 -18.83 19.78
N ALA B 98 2.35 -18.58 19.13
CA ALA B 98 2.34 -18.15 17.74
C ALA B 98 2.77 -16.70 17.63
N ILE B 99 2.38 -15.90 18.62
CA ILE B 99 2.84 -14.53 18.67
C ILE B 99 4.37 -14.51 18.75
N LEU B 100 4.90 -15.22 19.73
CA LEU B 100 6.34 -15.25 19.97
C LEU B 100 7.15 -15.74 18.77
N ASP B 101 6.66 -16.73 18.07
CA ASP B 101 7.30 -17.21 16.86
C ASP B 101 7.25 -16.15 15.76
N ALA B 102 6.08 -15.52 15.59
CA ALA B 102 5.90 -14.46 14.61
C ALA B 102 6.85 -13.28 14.82
N LEU B 103 7.23 -13.04 16.05
CA LEU B 103 8.15 -11.96 16.37
C LEU B 103 9.56 -12.42 16.35
N ARG B 104 9.74 -13.71 16.20
CA ARG B 104 11.03 -14.35 16.13
C ARG B 104 11.82 -14.23 17.38
N ILE B 105 11.14 -14.46 18.48
CA ILE B 105 11.78 -14.41 19.76
C ILE B 105 12.17 -15.79 20.19
N PRO B 106 13.54 -15.95 20.35
CA PRO B 106 13.95 -17.28 20.75
C PRO B 106 13.89 -17.52 22.25
N ARG B 107 14.31 -16.55 23.03
CA ARG B 107 14.23 -16.72 24.47
C ARG B 107 13.65 -15.48 25.13
N CYS B 108 12.92 -15.67 26.22
CA CYS B 108 12.29 -14.56 26.91
C CYS B 108 11.95 -14.98 28.34
N ALA B 109 11.65 -13.99 29.17
CA ALA B 109 11.04 -14.24 30.45
C ALA B 109 9.57 -13.90 30.32
N PHE B 110 8.72 -14.60 31.06
CA PHE B 110 7.29 -14.44 30.95
C PHE B 110 6.68 -13.97 32.26
N VAL B 111 5.71 -13.08 32.18
CA VAL B 111 5.04 -12.60 33.36
C VAL B 111 3.56 -12.80 33.16
N GLY B 112 2.92 -13.52 34.08
CA GLY B 112 1.52 -13.84 33.94
C GLY B 112 0.70 -13.62 35.19
N HIS B 113 -0.50 -13.09 35.02
CA HIS B 113 -1.45 -12.87 36.11
C HIS B 113 -2.73 -13.68 35.93
N SER B 114 -3.26 -14.25 37.01
CA SER B 114 -4.54 -14.96 36.94
C SER B 114 -4.49 -16.15 35.96
N VAL B 115 -5.42 -16.19 35.01
CA VAL B 115 -5.43 -17.24 34.00
C VAL B 115 -4.12 -17.25 33.21
N SER B 116 -3.49 -16.09 33.10
CA SER B 116 -2.23 -15.98 32.37
C SER B 116 -1.06 -16.69 33.06
N ALA B 117 -1.08 -16.77 34.38
CA ALA B 117 -0.11 -17.61 35.08
C ALA B 117 -0.19 -19.04 34.56
N MET B 118 -1.42 -19.56 34.43
CA MET B 118 -1.66 -20.92 33.99
C MET B 118 -1.17 -21.13 32.55
N ILE B 119 -1.57 -20.19 31.70
CA ILE B 119 -1.14 -20.14 30.32
C ILE B 119 0.37 -20.32 30.21
N GLY B 120 1.09 -19.56 31.01
CA GLY B 120 2.53 -19.53 30.92
C GLY B 120 3.11 -20.82 31.40
N ILE B 121 2.55 -21.34 32.48
CA ILE B 121 2.92 -22.66 32.94
C ILE B 121 2.78 -23.69 31.83
N LEU B 122 1.67 -23.64 31.10
CA LEU B 122 1.46 -24.60 30.01
C LEU B 122 2.45 -24.39 28.88
N ALA B 123 2.76 -23.12 28.60
CA ALA B 123 3.66 -22.76 27.51
C ALA B 123 5.12 -23.13 27.77
N SER B 124 5.56 -22.97 29.02
CA SER B 124 6.91 -23.35 29.36
C SER B 124 7.03 -24.87 29.34
N ILE B 125 5.91 -25.53 29.54
CA ILE B 125 5.81 -26.97 29.40
C ILE B 125 5.86 -27.39 27.94
N ARG B 126 5.20 -26.63 27.09
CA ARG B 126 5.20 -26.91 25.66
C ARG B 126 6.56 -26.55 25.03
N ARG B 127 7.18 -25.48 25.54
CA ARG B 127 8.40 -24.98 24.94
C ARG B 127 9.39 -24.49 25.99
N PRO B 128 10.00 -25.44 26.72
CA PRO B 128 10.95 -25.11 27.77
C PRO B 128 12.14 -24.31 27.24
N ASP B 129 12.36 -24.38 25.94
CA ASP B 129 13.44 -23.64 25.31
C ASP B 129 13.14 -22.14 25.33
N LEU B 130 11.87 -21.81 25.12
CA LEU B 130 11.45 -20.45 24.85
C LEU B 130 11.41 -19.54 26.08
N PHE B 131 11.17 -20.12 27.24
CA PHE B 131 10.94 -19.35 28.45
C PHE B 131 12.08 -19.49 29.45
N ALA B 132 12.85 -18.40 29.59
CA ALA B 132 14.00 -18.39 30.48
C ALA B 132 13.54 -18.34 31.94
N LYS B 133 12.35 -17.79 32.14
CA LYS B 133 11.87 -17.56 33.50
C LYS B 133 10.37 -17.32 33.52
N LEU B 134 9.77 -17.66 34.65
CA LEU B 134 8.36 -17.45 34.88
C LEU B 134 8.12 -16.61 36.11
N VAL B 135 7.29 -15.59 35.96
CA VAL B 135 6.86 -14.79 37.09
C VAL B 135 5.34 -14.86 37.18
N LEU B 136 4.85 -15.51 38.21
CA LEU B 136 3.41 -15.77 38.35
C LEU B 136 2.82 -14.88 39.43
N ILE B 137 1.69 -14.27 39.09
CA ILE B 137 1.04 -13.28 39.94
C ILE B 137 -0.41 -13.67 40.06
N GLY B 138 -0.91 -13.74 41.29
CA GLY B 138 -2.26 -14.17 41.56
C GLY B 138 -2.51 -15.53 40.92
N ALA B 139 -1.63 -16.47 41.20
CA ALA B 139 -1.57 -17.69 40.43
C ALA B 139 -2.17 -18.89 41.17
N SER B 140 -2.85 -19.75 40.43
CA SER B 140 -3.38 -20.98 40.98
C SER B 140 -3.45 -22.06 39.90
N PRO B 141 -3.23 -23.32 40.31
CA PRO B 141 -3.24 -24.50 39.46
C PRO B 141 -4.63 -25.09 39.38
N ARG B 142 -5.51 -24.60 40.26
CA ARG B 142 -6.89 -25.04 40.31
C ARG B 142 -7.64 -24.17 41.30
N PHE B 143 -8.79 -23.66 40.87
CA PHE B 143 -9.58 -22.76 41.68
C PHE B 143 -10.62 -23.47 42.55
N LEU B 144 -11.22 -24.52 42.03
CA LEU B 144 -12.24 -25.24 42.77
C LEU B 144 -11.62 -26.04 43.92
N ASN B 145 -12.34 -26.16 45.02
CA ASN B 145 -11.90 -27.04 46.10
C ASN B 145 -11.79 -28.49 45.63
N ASP B 146 -10.75 -29.17 46.10
CA ASP B 146 -10.60 -30.59 45.85
C ASP B 146 -10.76 -31.32 47.17
N SER B 147 -10.61 -32.63 47.16
CA SER B 147 -10.77 -33.42 48.38
C SER B 147 -9.80 -32.93 49.45
N ASP B 148 -8.50 -33.04 49.19
CA ASP B 148 -7.53 -32.53 50.14
C ASP B 148 -6.86 -31.31 49.55
N TYR B 149 -7.66 -30.47 48.88
CA TYR B 149 -7.15 -29.29 48.21
C TYR B 149 -8.12 -28.13 48.34
N HIS B 150 -7.79 -27.18 49.20
CA HIS B 150 -8.53 -25.95 49.32
C HIS B 150 -8.26 -25.09 48.08
N GLY B 151 -9.26 -24.96 47.22
CA GLY B 151 -9.11 -24.17 46.01
C GLY B 151 -9.54 -22.74 46.20
N GLY B 152 -10.60 -22.55 46.98
CA GLY B 152 -11.14 -21.22 47.22
C GLY B 152 -12.55 -21.02 46.68
N PHE B 153 -13.05 -22.00 45.93
CA PHE B 153 -14.37 -21.91 45.32
C PHE B 153 -15.11 -23.23 45.40
N GLU B 154 -16.42 -23.16 45.61
CA GLU B 154 -17.28 -24.33 45.58
C GLU B 154 -17.99 -24.36 44.24
N LEU B 155 -18.31 -25.55 43.76
CA LEU B 155 -18.98 -25.69 42.48
C LEU B 155 -20.33 -24.94 42.46
N GLU B 156 -21.13 -25.10 43.50
CA GLU B 156 -22.38 -24.36 43.64
C GLU B 156 -22.16 -22.86 43.72
N GLU B 157 -21.02 -22.48 44.28
CA GLU B 157 -20.69 -21.07 44.36
C GLU B 157 -20.45 -20.49 42.96
N ILE B 158 -19.60 -21.13 42.16
CA ILE B 158 -19.30 -20.59 40.82
C ILE B 158 -20.57 -20.55 39.97
N GLN B 159 -21.48 -21.51 40.18
CA GLN B 159 -22.74 -21.55 39.46
C GLN B 159 -23.65 -20.37 39.77
N GLN B 160 -23.54 -19.82 40.97
CA GLN B 160 -24.26 -18.60 41.30
C GLN B 160 -23.64 -17.38 40.61
N VAL B 161 -22.32 -17.35 40.47
CA VAL B 161 -21.65 -16.30 39.70
C VAL B 161 -22.11 -16.28 38.24
N PHE B 162 -22.05 -17.43 37.56
CA PHE B 162 -22.58 -17.59 36.21
C PHE B 162 -24.00 -17.04 36.04
N ASP B 163 -24.93 -17.49 36.88
CA ASP B 163 -26.29 -16.98 36.83
C ASP B 163 -26.35 -15.46 37.01
N ALA B 164 -25.48 -14.95 37.88
CA ALA B 164 -25.40 -13.52 38.12
C ALA B 164 -24.82 -12.79 36.91
N MET B 165 -23.78 -13.35 36.30
CA MET B 165 -23.20 -12.79 35.08
C MET B 165 -24.20 -12.72 33.92
N GLY B 166 -24.93 -13.80 33.67
CA GLY B 166 -25.88 -13.85 32.57
C GLY B 166 -27.13 -13.05 32.84
N ALA B 167 -27.50 -12.92 34.10
CA ALA B 167 -28.69 -12.17 34.51
C ALA B 167 -28.57 -10.67 34.19
N ASN B 168 -27.47 -10.06 34.60
CA ASN B 168 -27.23 -8.65 34.38
C ASN B 168 -25.73 -8.41 34.45
N TYR B 169 -25.07 -8.62 33.32
CA TYR B 169 -23.62 -8.57 33.28
C TYR B 169 -23.07 -7.25 33.85
N SER B 170 -23.53 -6.14 33.28
CA SER B 170 -23.10 -4.83 33.72
C SER B 170 -23.28 -4.65 35.21
N ALA B 171 -24.42 -5.04 35.73
CA ALA B 171 -24.66 -4.92 37.15
C ALA B 171 -23.73 -5.84 37.94
N TRP B 172 -23.51 -7.06 37.46
CA TRP B 172 -22.59 -7.97 38.13
C TRP B 172 -21.14 -7.43 38.22
N ALA B 173 -20.69 -6.77 37.19
CA ALA B 173 -19.29 -6.34 37.13
C ALA B 173 -18.99 -5.20 38.10
N THR B 174 -19.87 -4.22 38.14
CA THR B 174 -19.84 -3.21 39.15
C THR B 174 -19.67 -3.83 40.50
N GLY B 175 -20.52 -4.81 40.84
CA GLY B 175 -20.43 -5.45 42.13
C GLY B 175 -19.12 -6.18 42.31
N TYR B 176 -18.63 -6.75 41.24
CA TYR B 176 -17.50 -7.66 41.30
C TYR B 176 -16.14 -6.96 41.42
N ALA B 177 -16.00 -5.85 40.69
CA ALA B 177 -14.75 -5.10 40.62
C ALA B 177 -14.13 -4.75 41.99
N PRO B 178 -14.94 -4.20 42.92
CA PRO B 178 -14.39 -3.89 44.25
C PRO B 178 -13.96 -5.12 45.03
N LEU B 179 -14.55 -6.27 44.76
CA LEU B 179 -14.19 -7.49 45.48
C LEU B 179 -12.89 -8.10 44.97
N ALA B 180 -12.68 -8.04 43.67
CA ALA B 180 -11.43 -8.50 43.03
C ALA B 180 -10.21 -7.67 43.43
N VAL B 181 -10.41 -6.36 43.50
CA VAL B 181 -9.30 -5.46 43.77
C VAL B 181 -8.85 -5.64 45.20
N GLY B 182 -9.81 -5.85 46.09
CA GLY B 182 -9.51 -6.08 47.48
C GLY B 182 -9.31 -4.79 48.26
N ALA B 183 -8.09 -4.27 48.24
CA ALA B 183 -7.78 -3.02 48.94
C ALA B 183 -8.65 -1.88 48.41
N ASP B 184 -8.88 -0.88 49.25
CA ASP B 184 -9.63 0.29 48.84
C ASP B 184 -8.76 1.20 48.00
N VAL B 185 -8.62 0.86 46.73
CA VAL B 185 -7.93 1.70 45.76
C VAL B 185 -8.90 1.97 44.62
N PRO B 186 -9.70 3.04 44.77
CA PRO B 186 -10.74 3.41 43.81
C PRO B 186 -10.24 3.45 42.37
N ALA B 187 -9.08 4.05 42.16
CA ALA B 187 -8.50 4.09 40.83
C ALA B 187 -8.37 2.69 40.22
N ALA B 188 -7.96 1.72 41.03
CA ALA B 188 -7.89 0.35 40.58
C ALA B 188 -9.28 -0.22 40.35
N VAL B 189 -10.23 0.08 41.24
CA VAL B 189 -11.60 -0.38 41.07
C VAL B 189 -12.27 0.19 39.84
N GLN B 190 -11.94 1.43 39.47
CA GLN B 190 -12.48 2.01 38.24
C GLN B 190 -11.81 1.39 37.01
N GLU B 191 -10.57 0.94 37.15
CA GLU B 191 -9.83 0.45 36.01
C GLU B 191 -10.19 -0.99 35.68
N PHE B 192 -10.50 -1.80 36.68
CA PHE B 192 -10.93 -3.16 36.42
C PHE B 192 -12.37 -3.16 35.93
N SER B 193 -13.16 -2.26 36.52
CA SER B 193 -14.54 -2.01 36.14
C SER B 193 -14.67 -1.73 34.67
N ARG B 194 -13.99 -0.69 34.24
CA ARG B 194 -14.03 -0.30 32.84
C ARG B 194 -13.66 -1.44 31.91
N THR B 195 -12.53 -2.10 32.11
CA THR B 195 -12.18 -3.15 31.17
C THR B 195 -13.13 -4.35 31.28
N LEU B 196 -13.81 -4.50 32.41
CA LEU B 196 -14.68 -5.63 32.65
C LEU B 196 -15.98 -5.44 31.88
N PHE B 197 -16.30 -4.18 31.63
CA PHE B 197 -17.46 -3.74 30.86
C PHE B 197 -17.30 -3.94 29.37
N ASN B 198 -16.08 -3.77 28.87
CA ASN B 198 -15.84 -3.89 27.45
C ASN B 198 -16.04 -5.34 26.95
N MET B 199 -15.97 -6.31 27.86
CA MET B 199 -16.18 -7.69 27.48
C MET B 199 -17.63 -7.98 27.19
N ARG B 200 -17.85 -8.65 26.07
CA ARG B 200 -19.13 -9.20 25.75
C ARG B 200 -19.39 -10.35 26.72
N PRO B 201 -20.52 -10.30 27.42
CA PRO B 201 -20.94 -11.21 28.49
C PRO B 201 -20.82 -12.71 28.16
N ASP B 202 -21.19 -13.09 26.96
CA ASP B 202 -21.17 -14.50 26.60
C ASP B 202 -19.75 -15.03 26.63
N ILE B 203 -18.78 -14.16 26.35
CA ILE B 203 -17.38 -14.56 26.37
C ILE B 203 -16.75 -14.52 27.77
N SER B 204 -17.21 -13.59 28.60
CA SER B 204 -16.76 -13.58 29.99
C SER B 204 -17.18 -14.88 30.67
N LEU B 205 -18.41 -15.29 30.37
CA LEU B 205 -18.94 -16.53 30.89
C LEU B 205 -18.14 -17.73 30.41
N HIS B 206 -17.83 -17.76 29.12
CA HIS B 206 -17.09 -18.88 28.59
C HIS B 206 -15.67 -18.97 29.20
N VAL B 207 -15.02 -17.83 29.40
CA VAL B 207 -13.67 -17.76 29.97
C VAL B 207 -13.61 -18.23 31.41
N CYS B 208 -14.53 -17.73 32.22
CA CYS B 208 -14.64 -18.17 33.62
C CYS B 208 -14.95 -19.65 33.72
N GLN B 209 -15.88 -20.12 32.89
CA GLN B 209 -16.11 -21.53 32.72
C GLN B 209 -14.77 -22.23 32.55
N THR B 210 -14.10 -21.87 31.47
CA THR B 210 -12.76 -22.36 31.17
C THR B 210 -11.77 -22.26 32.33
N VAL B 211 -11.66 -21.10 32.95
CA VAL B 211 -10.68 -20.95 34.01
C VAL B 211 -11.03 -21.83 35.19
N PHE B 212 -12.32 -21.99 35.47
CA PHE B 212 -12.73 -22.73 36.65
C PHE B 212 -12.72 -24.23 36.39
N LYS B 213 -12.49 -24.58 35.14
CA LYS B 213 -12.47 -25.96 34.68
C LYS B 213 -11.04 -26.48 34.72
N THR B 214 -10.09 -25.56 34.73
CA THR B 214 -8.67 -25.88 34.67
C THR B 214 -8.13 -26.52 35.94
N ASP B 215 -7.31 -27.54 35.75
CA ASP B 215 -6.64 -28.24 36.84
C ASP B 215 -5.21 -28.59 36.44
N LEU B 216 -4.27 -27.74 36.81
CA LEU B 216 -2.89 -27.95 36.40
C LEU B 216 -2.07 -28.77 37.37
N ARG B 217 -2.68 -29.25 38.45
CA ARG B 217 -1.90 -29.88 39.50
C ARG B 217 -1.05 -31.02 38.95
N GLY B 218 -1.58 -31.76 37.98
CA GLY B 218 -0.85 -32.86 37.39
C GLY B 218 0.45 -32.52 36.68
N VAL B 219 0.58 -31.30 36.15
CA VAL B 219 1.70 -30.99 35.28
C VAL B 219 2.67 -29.97 35.85
N LEU B 220 2.43 -29.54 37.08
CA LEU B 220 3.31 -28.56 37.70
C LEU B 220 4.75 -29.04 37.78
N GLY B 221 4.94 -30.32 38.08
CA GLY B 221 6.26 -30.88 38.23
C GLY B 221 7.04 -30.91 36.93
N MET B 222 6.36 -30.65 35.83
CA MET B 222 6.98 -30.76 34.51
C MET B 222 7.73 -29.51 34.10
N VAL B 223 7.33 -28.36 34.66
CA VAL B 223 7.97 -27.09 34.37
C VAL B 223 9.47 -27.15 34.69
N ARG B 224 10.31 -26.64 33.79
CA ARG B 224 11.75 -26.67 34.00
C ARG B 224 12.30 -25.28 34.25
N ALA B 225 11.50 -24.27 33.95
CA ALA B 225 11.97 -22.91 34.07
C ALA B 225 11.88 -22.43 35.51
N PRO B 226 12.90 -21.69 35.96
CA PRO B 226 12.83 -21.06 37.27
C PRO B 226 11.62 -20.13 37.34
N CYS B 227 10.89 -20.17 38.44
CA CYS B 227 9.67 -19.37 38.57
C CYS B 227 9.71 -18.49 39.81
N VAL B 228 9.10 -17.31 39.72
CA VAL B 228 8.79 -16.58 40.92
C VAL B 228 7.29 -16.54 41.13
N VAL B 229 6.83 -17.02 42.28
CA VAL B 229 5.42 -16.95 42.63
C VAL B 229 5.12 -15.69 43.45
N VAL B 230 4.50 -14.70 42.83
CA VAL B 230 4.16 -13.48 43.56
C VAL B 230 2.77 -13.57 44.17
N GLN B 231 2.72 -13.51 45.49
CA GLN B 231 1.45 -13.61 46.21
C GLN B 231 1.17 -12.40 47.07
N THR B 232 -0.10 -12.01 47.09
CA THR B 232 -0.54 -10.90 47.94
C THR B 232 -1.20 -11.47 49.18
N THR B 233 -1.38 -10.65 50.21
CA THR B 233 -1.71 -11.19 51.53
C THR B 233 -3.14 -11.70 51.66
N ARG B 234 -4.05 -11.19 50.85
CA ARG B 234 -5.44 -11.54 51.04
C ARG B 234 -6.16 -11.74 49.74
N ASP B 235 -5.58 -12.57 48.87
CA ASP B 235 -6.16 -12.81 47.57
C ASP B 235 -7.41 -13.66 47.76
N VAL B 236 -8.56 -13.14 47.35
CA VAL B 236 -9.82 -13.83 47.51
C VAL B 236 -9.98 -15.02 46.55
N SER B 237 -9.19 -15.04 45.49
CA SER B 237 -9.23 -16.12 44.52
C SER B 237 -8.10 -17.09 44.78
N VAL B 238 -7.10 -16.63 45.52
CA VAL B 238 -5.92 -17.45 45.76
C VAL B 238 -5.56 -17.45 47.22
N PRO B 239 -6.08 -18.45 47.96
CA PRO B 239 -5.67 -18.65 49.34
C PRO B 239 -4.16 -18.82 49.42
N ALA B 240 -3.57 -18.50 50.55
CA ALA B 240 -2.13 -18.58 50.72
C ALA B 240 -1.60 -20.01 50.64
N SER B 241 -2.41 -20.98 51.06
CA SER B 241 -1.99 -22.37 50.96
C SER B 241 -1.75 -22.70 49.50
N VAL B 242 -2.63 -22.19 48.63
CA VAL B 242 -2.56 -22.40 47.18
C VAL B 242 -1.22 -21.98 46.63
N ALA B 243 -0.71 -20.88 47.14
CA ALA B 243 0.58 -20.35 46.72
C ALA B 243 1.69 -21.26 47.17
N ALA B 244 1.59 -21.70 48.42
CA ALA B 244 2.59 -22.60 48.99
C ALA B 244 2.60 -23.94 48.24
N TYR B 245 1.41 -24.44 47.99
CA TYR B 245 1.23 -25.62 47.19
C TYR B 245 1.94 -25.42 45.85
N LEU B 246 1.56 -24.34 45.19
CA LEU B 246 2.15 -23.93 43.93
C LEU B 246 3.67 -23.98 43.95
N LYS B 247 4.27 -23.27 44.88
CA LYS B 247 5.71 -23.20 44.96
C LYS B 247 6.30 -24.57 45.23
N ALA B 248 5.66 -25.30 46.13
CA ALA B 248 6.11 -26.64 46.52
C ALA B 248 6.14 -27.61 45.34
N HIS B 249 5.22 -27.46 44.40
CA HIS B 249 5.04 -28.51 43.41
C HIS B 249 5.59 -28.16 42.02
N LEU B 250 5.89 -26.89 41.78
CA LEU B 250 6.44 -26.52 40.49
C LEU B 250 7.80 -27.19 40.28
N GLY B 251 8.01 -27.79 39.12
CA GLY B 251 9.23 -28.53 38.82
C GLY B 251 10.49 -27.70 38.58
N GLY B 252 10.34 -26.40 38.39
CA GLY B 252 11.49 -25.55 38.16
C GLY B 252 12.04 -25.04 39.48
N ARG B 253 13.11 -24.25 39.40
CA ARG B 253 13.66 -23.65 40.60
C ARG B 253 12.74 -22.51 41.00
N THR B 254 12.20 -22.59 42.20
CA THR B 254 11.14 -21.68 42.62
C THR B 254 11.50 -20.78 43.81
N THR B 255 10.98 -19.56 43.78
CA THR B 255 11.04 -18.71 44.94
C THR B 255 9.70 -18.02 45.09
N VAL B 256 9.41 -17.58 46.31
CA VAL B 256 8.16 -16.90 46.60
C VAL B 256 8.33 -15.43 47.00
N GLU B 257 7.54 -14.56 46.38
CA GLU B 257 7.48 -13.15 46.75
C GLU B 257 6.12 -12.78 47.32
N PHE B 258 6.05 -12.65 48.64
CA PHE B 258 4.83 -12.27 49.30
C PHE B 258 4.76 -10.75 49.41
N LEU B 259 3.71 -10.17 48.85
CA LEU B 259 3.53 -8.73 48.86
C LEU B 259 2.71 -8.30 50.07
N GLN B 260 3.05 -7.15 50.64
CA GLN B 260 2.37 -6.64 51.81
C GLN B 260 0.96 -6.13 51.51
N THR B 261 0.70 -5.82 50.25
CA THR B 261 -0.60 -5.26 49.88
C THR B 261 -1.66 -6.32 49.71
N GLU B 262 -2.90 -5.87 49.58
CA GLU B 262 -4.02 -6.78 49.55
C GLU B 262 -4.70 -6.79 48.18
N GLY B 263 -5.14 -7.96 47.75
CA GLY B 263 -5.94 -8.06 46.54
C GLY B 263 -5.34 -8.89 45.41
N HIS B 264 -6.17 -9.14 44.41
CA HIS B 264 -5.81 -10.06 43.36
C HIS B 264 -5.16 -9.36 42.16
N LEU B 265 -5.33 -8.05 42.07
CA LEU B 265 -4.81 -7.29 40.93
C LEU B 265 -3.79 -6.22 41.35
N PRO B 266 -2.62 -6.65 41.81
CA PRO B 266 -1.63 -5.68 42.29
C PRO B 266 -0.99 -4.85 41.18
N HIS B 267 -1.10 -5.28 39.93
CA HIS B 267 -0.58 -4.48 38.82
C HIS B 267 -1.51 -3.30 38.57
N LEU B 268 -2.72 -3.41 39.11
CA LEU B 268 -3.64 -2.28 39.23
C LEU B 268 -3.55 -1.54 40.57
N SER B 269 -3.64 -2.27 41.67
CA SER B 269 -3.91 -1.65 42.95
C SER B 269 -2.66 -1.35 43.78
N ALA B 270 -1.53 -1.93 43.39
CA ALA B 270 -0.27 -1.66 44.09
C ALA B 270 0.94 -1.63 43.16
N PRO B 271 0.86 -0.88 42.07
CA PRO B 271 1.93 -0.79 41.07
C PRO B 271 3.31 -0.36 41.61
N SER B 272 3.34 0.66 42.45
CA SER B 272 4.58 1.16 43.04
C SER B 272 5.41 0.02 43.64
N LEU B 273 4.79 -0.86 44.41
CA LEU B 273 5.50 -2.03 44.95
C LEU B 273 5.88 -3.01 43.84
N LEU B 274 4.88 -3.40 43.07
CA LEU B 274 5.01 -4.48 42.11
C LEU B 274 6.05 -4.19 41.05
N ALA B 275 6.16 -2.93 40.66
CA ALA B 275 7.09 -2.59 39.61
C ALA B 275 8.49 -2.98 40.09
N GLN B 276 8.72 -2.79 41.38
CA GLN B 276 10.02 -3.02 41.98
C GLN B 276 10.29 -4.49 42.13
N VAL B 277 9.30 -5.20 42.64
CA VAL B 277 9.32 -6.65 42.69
C VAL B 277 9.67 -7.21 41.30
N LEU B 278 8.96 -6.72 40.28
CA LEU B 278 9.20 -7.12 38.91
C LEU B 278 10.61 -6.78 38.40
N ARG B 279 11.15 -5.63 38.80
CA ARG B 279 12.47 -5.26 38.36
C ARG B 279 13.47 -6.21 38.97
N ARG B 280 13.22 -6.63 40.20
CA ARG B 280 14.11 -7.59 40.85
C ARG B 280 13.95 -8.97 40.23
N ALA B 281 12.75 -9.30 39.77
CA ALA B 281 12.48 -10.61 39.23
C ALA B 281 13.06 -10.74 37.84
N LEU B 282 13.20 -9.62 37.14
CA LEU B 282 13.62 -9.68 35.75
C LEU B 282 15.06 -9.22 35.54
N ALA B 283 15.85 -9.19 36.62
CA ALA B 283 17.19 -8.65 36.57
C ALA B 283 18.17 -9.54 35.82
N ARG B 284 17.91 -10.85 35.81
CA ARG B 284 18.77 -11.74 35.06
C ARG B 284 18.13 -13.10 34.79
N TYR B 285 18.31 -13.57 33.57
CA TYR B 285 17.76 -14.84 33.16
C TYR B 285 18.27 -15.27 31.79
N ALA C 21 -18.70 -4.05 -76.95
CA ALA C 21 -19.21 -3.18 -78.01
C ALA C 21 -20.26 -2.21 -77.48
N SER C 22 -21.45 -2.23 -78.06
CA SER C 22 -22.48 -1.24 -77.76
C SER C 22 -23.10 -1.41 -76.36
N LEU C 23 -22.61 -2.35 -75.58
CA LEU C 23 -23.04 -2.42 -74.20
C LEU C 23 -22.54 -1.16 -73.50
N LEU C 24 -21.49 -0.57 -74.08
CA LEU C 24 -20.88 0.66 -73.57
C LEU C 24 -21.85 1.83 -73.62
N GLN C 25 -22.57 1.96 -74.73
CA GLN C 25 -23.59 2.97 -74.84
C GLN C 25 -24.66 2.67 -73.82
N ILE C 26 -25.10 1.42 -73.79
CA ILE C 26 -26.30 1.02 -73.06
C ILE C 26 -26.18 1.20 -71.56
N LEU C 27 -25.09 0.71 -71.00
CA LEU C 27 -24.87 0.75 -69.55
C LEU C 27 -24.16 2.02 -69.11
N ASN C 28 -24.09 2.99 -70.02
CA ASN C 28 -23.60 4.32 -69.67
C ASN C 28 -22.17 4.27 -69.13
N VAL C 29 -21.30 3.55 -69.81
CA VAL C 29 -19.97 3.32 -69.28
C VAL C 29 -19.11 4.57 -69.34
N ARG C 30 -18.40 4.82 -68.25
CA ARG C 30 -17.62 6.02 -68.04
C ARG C 30 -16.19 5.70 -67.61
N VAL C 31 -15.21 6.37 -68.21
CA VAL C 31 -13.84 6.26 -67.73
C VAL C 31 -13.31 7.61 -67.25
N VAL C 32 -12.83 7.65 -66.01
CA VAL C 32 -12.26 8.87 -65.46
C VAL C 32 -11.04 8.60 -64.58
N GLY C 33 -10.09 9.53 -64.64
CA GLY C 33 -8.88 9.45 -63.86
C GLY C 33 -7.71 9.10 -64.74
N SER C 34 -6.59 8.74 -64.12
CA SER C 34 -5.43 8.30 -64.87
C SER C 34 -4.60 7.40 -63.99
N GLY C 35 -3.74 6.60 -64.61
CA GLY C 35 -2.90 5.69 -63.86
C GLY C 35 -3.03 4.27 -64.34
N GLU C 36 -1.91 3.56 -64.32
CA GLU C 36 -1.87 2.16 -64.68
C GLU C 36 -2.88 1.36 -63.87
N ARG C 37 -3.19 1.84 -62.67
CA ARG C 37 -4.08 1.12 -61.78
C ARG C 37 -5.52 1.33 -62.20
N VAL C 38 -6.20 0.22 -62.51
CA VAL C 38 -7.59 0.29 -62.94
C VAL C 38 -8.55 -0.08 -61.82
N VAL C 39 -9.55 0.77 -61.61
CA VAL C 39 -10.56 0.53 -60.60
C VAL C 39 -11.97 0.54 -61.23
N VAL C 40 -12.72 -0.51 -60.95
CA VAL C 40 -14.12 -0.61 -61.39
C VAL C 40 -15.09 -0.37 -60.24
N LEU C 41 -16.07 0.51 -60.44
CA LEU C 41 -17.14 0.74 -59.47
C LEU C 41 -18.49 0.27 -59.99
N SER C 42 -19.13 -0.67 -59.28
CA SER C 42 -20.49 -1.09 -59.61
C SER C 42 -21.43 -0.77 -58.47
N HIS C 43 -22.52 -0.10 -58.79
CA HIS C 43 -23.52 0.28 -57.82
C HIS C 43 -24.47 -0.89 -57.49
N GLY C 44 -25.25 -0.75 -56.43
CA GLY C 44 -26.21 -1.75 -56.03
C GLY C 44 -27.65 -1.34 -56.30
N PHE C 45 -28.58 -2.14 -55.78
CA PHE C 45 -30.01 -1.97 -56.06
C PHE C 45 -30.50 -0.57 -55.83
N GLY C 46 -31.17 -0.01 -56.81
CA GLY C 46 -31.93 1.21 -56.61
C GLY C 46 -31.14 2.46 -56.91
N THR C 47 -29.87 2.29 -57.25
CA THR C 47 -29.07 3.44 -57.58
C THR C 47 -28.56 3.30 -59.03
N ASP C 48 -27.73 4.24 -59.45
CA ASP C 48 -26.99 4.14 -60.69
C ASP C 48 -25.59 4.58 -60.30
N GLN C 49 -24.71 4.68 -61.28
CA GLN C 49 -23.33 4.95 -60.96
C GLN C 49 -23.15 6.27 -60.17
N SER C 50 -24.10 7.20 -60.30
CA SER C 50 -24.00 8.51 -59.65
C SER C 50 -23.84 8.44 -58.13
N ALA C 51 -24.18 7.29 -57.55
CA ALA C 51 -23.92 7.07 -56.12
C ALA C 51 -22.42 7.18 -55.76
N TRP C 52 -21.56 7.04 -56.75
CA TRP C 52 -20.12 7.04 -56.50
C TRP C 52 -19.50 8.44 -56.59
N SER C 53 -20.32 9.47 -56.74
CA SER C 53 -19.82 10.83 -56.96
C SER C 53 -19.04 11.44 -55.80
N ARG C 54 -19.54 11.24 -54.59
CA ARG C 54 -18.91 11.81 -53.42
C ARG C 54 -17.55 11.19 -53.09
N VAL C 55 -17.27 9.97 -53.55
CA VAL C 55 -15.97 9.38 -53.30
C VAL C 55 -15.11 9.32 -54.55
N LEU C 56 -15.67 9.65 -55.70
CA LEU C 56 -14.96 9.54 -56.98
C LEU C 56 -13.73 10.45 -57.10
N PRO C 57 -13.80 11.71 -56.64
CA PRO C 57 -12.60 12.53 -56.76
C PRO C 57 -11.40 12.00 -55.99
N TYR C 58 -11.63 11.12 -55.02
CA TYR C 58 -10.56 10.63 -54.15
C TYR C 58 -9.72 9.50 -54.74
N LEU C 59 -10.16 8.91 -55.85
CA LEU C 59 -9.38 7.85 -56.49
C LEU C 59 -8.89 8.22 -57.89
N THR C 60 -9.47 9.25 -58.49
CA THR C 60 -9.16 9.61 -59.88
C THR C 60 -7.80 10.26 -60.08
N ARG C 61 -7.16 10.69 -59.02
CA ARG C 61 -5.86 11.28 -59.13
C ARG C 61 -4.91 10.22 -59.56
N ASP C 62 -4.92 9.09 -58.87
CA ASP C 62 -3.99 8.00 -59.19
C ASP C 62 -4.63 6.66 -59.59
N HIS C 63 -5.82 6.70 -60.17
CA HIS C 63 -6.48 5.50 -60.61
C HIS C 63 -7.36 5.75 -61.80
N ARG C 64 -7.22 4.94 -62.81
CA ARG C 64 -8.14 5.01 -63.93
C ARG C 64 -9.42 4.33 -63.50
N VAL C 65 -10.52 5.07 -63.47
CA VAL C 65 -11.75 4.58 -62.88
C VAL C 65 -12.85 4.25 -63.89
N VAL C 66 -13.35 3.04 -63.81
CA VAL C 66 -14.42 2.61 -64.70
C VAL C 66 -15.73 2.47 -63.94
N LEU C 67 -16.77 3.13 -64.46
CA LEU C 67 -18.08 3.08 -63.86
C LEU C 67 -19.11 2.76 -64.92
N TYR C 68 -20.20 2.14 -64.50
CA TYR C 68 -21.26 1.78 -65.43
C TYR C 68 -22.57 1.53 -64.69
N ASP C 69 -23.69 1.64 -65.40
CA ASP C 69 -24.97 1.42 -64.75
C ASP C 69 -25.32 -0.04 -64.84
N LEU C 70 -25.87 -0.57 -63.75
CA LEU C 70 -26.42 -1.90 -63.79
C LEU C 70 -27.61 -1.87 -64.74
N VAL C 71 -27.73 -2.93 -65.52
CA VAL C 71 -28.70 -2.99 -66.59
C VAL C 71 -30.11 -2.64 -66.08
N CYS C 72 -30.31 -2.73 -64.77
CA CYS C 72 -31.61 -2.43 -64.17
C CYS C 72 -31.80 -0.98 -63.67
N ALA C 73 -30.73 -0.19 -63.66
CA ALA C 73 -30.81 1.22 -63.29
C ALA C 73 -31.80 1.98 -64.19
N GLY C 74 -32.60 2.84 -63.56
CA GLY C 74 -33.61 3.60 -64.28
C GLY C 74 -33.01 4.48 -65.34
N SER C 75 -31.70 4.72 -65.21
CA SER C 75 -30.90 5.47 -66.17
C SER C 75 -30.46 4.65 -67.37
N VAL C 76 -30.70 3.35 -67.32
CA VAL C 76 -30.56 2.51 -68.51
C VAL C 76 -31.91 2.47 -69.21
N ASN C 77 -31.92 2.48 -70.54
CA ASN C 77 -33.17 2.26 -71.27
C ASN C 77 -33.82 0.95 -70.83
N PRO C 78 -35.04 1.03 -70.29
CA PRO C 78 -35.70 -0.18 -69.77
C PRO C 78 -36.15 -1.13 -70.87
N ASP C 79 -35.96 -0.79 -72.13
CA ASP C 79 -36.23 -1.74 -73.20
C ASP C 79 -35.18 -2.82 -73.27
N HIS C 80 -34.06 -2.60 -72.57
CA HIS C 80 -32.94 -3.53 -72.71
C HIS C 80 -32.94 -4.61 -71.65
N PHE C 81 -33.85 -4.52 -70.68
CA PHE C 81 -33.91 -5.49 -69.61
C PHE C 81 -34.66 -6.74 -70.03
N ASP C 82 -33.90 -7.75 -70.42
CA ASP C 82 -34.43 -9.06 -70.77
C ASP C 82 -34.76 -9.87 -69.52
N PHE C 83 -36.03 -9.94 -69.17
CA PHE C 83 -36.45 -10.65 -67.97
C PHE C 83 -36.03 -12.12 -67.99
N ARG C 84 -36.05 -12.73 -69.17
CA ARG C 84 -35.62 -14.10 -69.27
C ARG C 84 -34.10 -14.18 -69.19
N ARG C 85 -33.42 -13.26 -69.87
CA ARG C 85 -31.96 -13.23 -69.84
C ARG C 85 -31.45 -12.97 -68.43
N TYR C 86 -32.04 -12.00 -67.74
CA TYR C 86 -31.51 -11.57 -66.46
C TYR C 86 -32.20 -12.26 -65.30
N ASP C 87 -32.43 -13.55 -65.47
CA ASP C 87 -33.15 -14.35 -64.48
C ASP C 87 -32.27 -14.69 -63.26
N ASN C 88 -30.96 -14.71 -63.44
CA ASN C 88 -30.05 -14.78 -62.30
C ASN C 88 -28.78 -13.96 -62.53
N LEU C 89 -28.00 -13.79 -61.48
CA LEU C 89 -26.92 -12.81 -61.46
C LEU C 89 -25.82 -13.12 -62.46
N ASP C 90 -25.85 -14.34 -62.98
CA ASP C 90 -24.89 -14.77 -63.98
C ASP C 90 -24.98 -13.88 -65.21
N ALA C 91 -26.17 -13.41 -65.54
CA ALA C 91 -26.34 -12.48 -66.64
C ALA C 91 -25.69 -11.13 -66.36
N TYR C 92 -25.77 -10.66 -65.11
CA TYR C 92 -25.09 -9.43 -64.74
C TYR C 92 -23.60 -9.61 -64.84
N VAL C 93 -23.14 -10.81 -64.53
CA VAL C 93 -21.71 -11.10 -64.60
C VAL C 93 -21.26 -11.01 -66.05
N ASP C 94 -22.06 -11.56 -66.96
CA ASP C 94 -21.75 -11.55 -68.38
C ASP C 94 -21.57 -10.15 -68.91
N ASP C 95 -22.30 -9.19 -68.32
CA ASP C 95 -22.25 -7.79 -68.71
C ASP C 95 -20.96 -7.16 -68.20
N LEU C 96 -20.67 -7.37 -66.92
CA LEU C 96 -19.48 -6.82 -66.30
C LEU C 96 -18.22 -7.21 -67.08
N LEU C 97 -18.13 -8.50 -67.40
CA LEU C 97 -16.96 -9.05 -68.07
C LEU C 97 -16.84 -8.57 -69.50
N ALA C 98 -17.97 -8.27 -70.13
CA ALA C 98 -17.98 -7.90 -71.54
C ALA C 98 -17.56 -6.45 -71.74
N ILE C 99 -17.93 -5.60 -70.80
CA ILE C 99 -17.46 -4.23 -70.84
C ILE C 99 -15.94 -4.19 -70.65
N LEU C 100 -15.47 -4.92 -69.64
CA LEU C 100 -14.04 -4.99 -69.35
C LEU C 100 -13.23 -5.42 -70.56
N ASP C 101 -13.65 -6.51 -71.19
CA ASP C 101 -12.97 -6.99 -72.37
C ASP C 101 -13.11 -5.97 -73.47
N ALA C 102 -14.25 -5.30 -73.54
CA ALA C 102 -14.48 -4.29 -74.57
C ALA C 102 -13.57 -3.09 -74.36
N LEU C 103 -13.28 -2.78 -73.10
CA LEU C 103 -12.34 -1.71 -72.78
C LEU C 103 -10.91 -2.22 -72.83
N ARG C 104 -10.76 -3.53 -73.05
CA ARG C 104 -9.46 -4.17 -73.18
C ARG C 104 -8.65 -4.09 -71.89
N ILE C 105 -9.34 -4.22 -70.76
CA ILE C 105 -8.72 -4.15 -69.45
C ILE C 105 -8.34 -5.55 -68.95
N PRO C 106 -7.04 -5.83 -68.92
CA PRO C 106 -6.48 -7.11 -68.48
C PRO C 106 -6.55 -7.33 -66.97
N ARG C 107 -6.35 -6.28 -66.19
CA ARG C 107 -6.34 -6.45 -64.74
C ARG C 107 -6.84 -5.20 -64.04
N CYS C 108 -7.62 -5.40 -62.99
CA CYS C 108 -8.17 -4.30 -62.27
C CYS C 108 -8.56 -4.72 -60.88
N ALA C 109 -8.97 -3.74 -60.09
CA ALA C 109 -9.57 -4.01 -58.81
C ALA C 109 -11.06 -3.71 -58.93
N PHE C 110 -11.87 -4.41 -58.16
CA PHE C 110 -13.31 -4.27 -58.27
C PHE C 110 -13.94 -3.77 -56.98
N VAL C 111 -14.87 -2.84 -57.09
CA VAL C 111 -15.61 -2.40 -55.92
C VAL C 111 -17.08 -2.68 -56.12
N GLY C 112 -17.70 -3.32 -55.14
CA GLY C 112 -19.08 -3.74 -55.26
C GLY C 112 -19.90 -3.49 -54.01
N HIS C 113 -21.08 -2.93 -54.22
CA HIS C 113 -22.05 -2.69 -53.17
C HIS C 113 -23.29 -3.54 -53.41
N SER C 114 -23.80 -4.19 -52.37
CA SER C 114 -25.03 -4.99 -52.45
C SER C 114 -24.95 -6.11 -53.49
N VAL C 115 -25.93 -6.17 -54.37
CA VAL C 115 -25.95 -7.14 -55.46
C VAL C 115 -24.66 -7.10 -56.28
N SER C 116 -23.94 -5.99 -56.23
CA SER C 116 -22.68 -5.88 -56.98
C SER C 116 -21.54 -6.62 -56.30
N ALA C 117 -21.59 -6.71 -54.97
CA ALA C 117 -20.64 -7.55 -54.26
C ALA C 117 -20.73 -8.99 -54.77
N MET C 118 -21.95 -9.49 -54.89
CA MET C 118 -22.16 -10.84 -55.37
C MET C 118 -21.63 -10.99 -56.78
N ILE C 119 -21.95 -10.01 -57.62
CA ILE C 119 -21.59 -10.06 -59.03
C ILE C 119 -20.09 -10.17 -59.21
N GLY C 120 -19.34 -9.40 -58.43
CA GLY C 120 -17.90 -9.41 -58.52
C GLY C 120 -17.32 -10.69 -57.97
N ILE C 121 -17.88 -11.17 -56.87
CA ILE C 121 -17.50 -12.45 -56.33
C ILE C 121 -17.65 -13.54 -57.40
N LEU C 122 -18.77 -13.51 -58.13
CA LEU C 122 -18.98 -14.50 -59.19
C LEU C 122 -18.01 -14.28 -60.34
N ALA C 123 -17.77 -13.01 -60.67
CA ALA C 123 -16.89 -12.66 -61.78
C ALA C 123 -15.45 -13.08 -61.54
N SER C 124 -14.95 -12.83 -60.34
CA SER C 124 -13.61 -13.25 -59.98
C SER C 124 -13.51 -14.77 -60.01
N ILE C 125 -14.62 -15.44 -59.75
CA ILE C 125 -14.66 -16.90 -59.79
C ILE C 125 -14.53 -17.39 -61.23
N ARG C 126 -15.15 -16.66 -62.15
CA ARG C 126 -15.09 -16.98 -63.56
C ARG C 126 -13.82 -16.47 -64.20
N ARG C 127 -13.24 -15.42 -63.63
CA ARG C 127 -12.04 -14.83 -64.21
C ARG C 127 -11.10 -14.30 -63.14
N PRO C 128 -10.53 -15.21 -62.34
CA PRO C 128 -9.63 -14.83 -61.25
C PRO C 128 -8.39 -14.09 -61.75
N ASP C 129 -8.12 -14.25 -63.05
CA ASP C 129 -7.01 -13.58 -63.71
C ASP C 129 -7.27 -12.09 -63.81
N LEU C 130 -8.54 -11.75 -63.87
CA LEU C 130 -8.98 -10.40 -64.18
C LEU C 130 -9.00 -9.45 -62.99
N PHE C 131 -9.34 -9.98 -61.82
CA PHE C 131 -9.51 -9.12 -60.66
C PHE C 131 -8.39 -9.28 -59.67
N ALA C 132 -7.56 -8.25 -59.57
CA ALA C 132 -6.44 -8.23 -58.65
C ALA C 132 -6.89 -8.07 -57.20
N LYS C 133 -8.14 -7.66 -57.02
CA LYS C 133 -8.62 -7.38 -55.67
C LYS C 133 -10.11 -7.09 -55.62
N LEU C 134 -10.72 -7.40 -54.49
CA LEU C 134 -12.17 -7.27 -54.34
C LEU C 134 -12.56 -6.44 -53.11
N VAL C 135 -13.30 -5.38 -53.34
CA VAL C 135 -13.82 -4.60 -52.23
C VAL C 135 -15.33 -4.73 -52.19
N LEU C 136 -15.81 -5.39 -51.15
CA LEU C 136 -17.23 -5.67 -51.01
C LEU C 136 -17.83 -4.81 -49.93
N ILE C 137 -18.94 -4.17 -50.26
CA ILE C 137 -19.59 -3.23 -49.35
C ILE C 137 -21.04 -3.60 -49.18
N GLY C 138 -21.44 -3.77 -47.93
CA GLY C 138 -22.79 -4.24 -47.62
C GLY C 138 -23.13 -5.54 -48.34
N ALA C 139 -22.17 -6.44 -48.37
CA ALA C 139 -22.31 -7.66 -49.13
C ALA C 139 -22.90 -8.80 -48.30
N SER C 140 -23.64 -9.65 -48.96
CA SER C 140 -24.23 -10.79 -48.35
C SER C 140 -24.23 -11.87 -49.38
N PRO C 141 -24.02 -13.16 -48.92
CA PRO C 141 -24.07 -14.18 -49.94
C PRO C 141 -25.46 -14.80 -50.00
N ARG C 142 -26.36 -14.36 -49.14
CA ARG C 142 -27.71 -14.85 -49.07
C ARG C 142 -28.51 -14.06 -48.06
N PHE C 143 -29.65 -13.54 -48.48
CA PHE C 143 -30.46 -12.74 -47.61
C PHE C 143 -31.47 -13.48 -46.77
N LEU C 144 -31.90 -14.62 -47.24
CA LEU C 144 -32.88 -15.43 -46.52
C LEU C 144 -32.26 -16.26 -45.39
N ASN C 145 -32.95 -16.32 -44.28
CA ASN C 145 -32.55 -17.15 -43.20
C ASN C 145 -32.56 -18.61 -43.66
N ASP C 146 -31.71 -19.43 -43.06
CA ASP C 146 -31.60 -20.85 -43.34
C ASP C 146 -31.40 -21.50 -42.00
N SER C 147 -31.05 -22.78 -41.96
CA SER C 147 -30.86 -23.53 -40.72
C SER C 147 -30.16 -23.02 -39.48
N ASP C 148 -28.92 -22.61 -39.65
CA ASP C 148 -28.22 -21.85 -38.66
C ASP C 148 -27.53 -20.78 -39.48
N TYR C 149 -28.28 -20.17 -40.38
CA TYR C 149 -27.80 -19.09 -41.21
C TYR C 149 -28.83 -18.04 -41.19
N HIS C 150 -28.62 -17.07 -40.33
CA HIS C 150 -29.52 -15.95 -40.22
C HIS C 150 -29.17 -14.88 -41.26
N GLY C 151 -29.84 -14.91 -42.40
CA GLY C 151 -29.55 -13.99 -43.48
C GLY C 151 -30.19 -12.63 -43.27
N GLY C 152 -31.26 -12.60 -42.49
CA GLY C 152 -31.91 -11.36 -42.15
C GLY C 152 -33.28 -11.18 -42.76
N PHE C 153 -33.70 -12.11 -43.61
CA PHE C 153 -35.01 -12.04 -44.24
C PHE C 153 -35.75 -13.37 -44.16
N GLU C 154 -37.00 -13.33 -43.71
CA GLU C 154 -37.88 -14.50 -43.77
C GLU C 154 -38.69 -14.43 -45.06
N LEU C 155 -39.16 -15.59 -45.56
CA LEU C 155 -39.87 -15.63 -46.83
C LEU C 155 -41.13 -14.77 -46.83
N GLU C 156 -41.96 -14.91 -45.80
CA GLU C 156 -43.18 -14.11 -45.69
C GLU C 156 -42.86 -12.63 -45.63
N GLU C 157 -41.67 -12.31 -45.14
CA GLU C 157 -41.25 -10.91 -45.04
C GLU C 157 -40.97 -10.33 -46.44
N ILE C 158 -40.22 -11.04 -47.27
CA ILE C 158 -39.90 -10.51 -48.59
C ILE C 158 -41.15 -10.38 -49.45
N GLN C 159 -42.04 -11.37 -49.35
CA GLN C 159 -43.26 -11.39 -50.17
C GLN C 159 -44.12 -10.18 -49.85
N GLN C 160 -44.08 -9.74 -48.60
CA GLN C 160 -44.73 -8.51 -48.19
C GLN C 160 -44.11 -7.26 -48.83
N VAL C 161 -42.78 -7.24 -48.96
CA VAL C 161 -42.11 -6.16 -49.69
C VAL C 161 -42.50 -6.14 -51.17
N PHE C 162 -42.47 -7.31 -51.81
CA PHE C 162 -42.97 -7.48 -53.17
C PHE C 162 -44.38 -6.92 -53.32
N ASP C 163 -45.28 -7.34 -52.44
CA ASP C 163 -46.67 -6.88 -52.52
C ASP C 163 -46.76 -5.37 -52.36
N ALA C 164 -45.87 -4.78 -51.57
CA ALA C 164 -45.86 -3.33 -51.34
C ALA C 164 -45.28 -2.58 -52.54
N MET C 165 -44.23 -3.14 -53.13
CA MET C 165 -43.66 -2.63 -54.38
C MET C 165 -44.67 -2.57 -55.55
N GLY C 166 -45.41 -3.62 -55.81
CA GLY C 166 -46.36 -3.59 -56.89
C GLY C 166 -47.66 -2.84 -56.65
N ALA C 167 -48.03 -2.72 -55.39
CA ALA C 167 -49.22 -2.03 -54.99
C ALA C 167 -49.16 -0.54 -55.20
N ASN C 168 -48.00 0.06 -55.02
CA ASN C 168 -47.82 1.49 -55.17
C ASN C 168 -46.38 1.10 -55.12
N TYR C 169 -45.62 1.51 -56.09
CA TYR C 169 -44.19 1.63 -56.13
C TYR C 169 -43.59 2.92 -55.56
N SER C 170 -44.10 4.04 -55.99
CA SER C 170 -43.65 5.34 -55.54
C SER C 170 -43.84 5.54 -54.05
N ALA C 171 -45.02 5.21 -53.55
CA ALA C 171 -45.25 5.29 -52.12
C ALA C 171 -44.31 4.35 -51.37
N TRP C 172 -44.08 3.15 -51.90
CA TRP C 172 -43.15 2.21 -51.28
C TRP C 172 -41.70 2.78 -51.16
N ALA C 173 -41.22 3.37 -52.23
CA ALA C 173 -39.82 3.83 -52.30
C ALA C 173 -39.54 4.99 -51.33
N THR C 174 -40.44 5.96 -51.31
CA THR C 174 -40.41 7.00 -50.32
C THR C 174 -40.24 6.40 -48.95
N GLY C 175 -41.00 5.35 -48.66
CA GLY C 175 -40.97 4.73 -47.36
C GLY C 175 -39.68 3.98 -47.14
N TYR C 176 -39.18 3.38 -48.21
CA TYR C 176 -38.05 2.49 -48.14
C TYR C 176 -36.73 3.22 -47.90
N ALA C 177 -36.56 4.34 -48.59
CA ALA C 177 -35.33 5.14 -48.59
C ALA C 177 -34.73 5.49 -47.21
N PRO C 178 -35.55 5.92 -46.24
CA PRO C 178 -35.00 6.25 -44.91
C PRO C 178 -34.50 5.02 -44.15
N LEU C 179 -35.06 3.86 -44.47
CA LEU C 179 -34.70 2.63 -43.79
C LEU C 179 -33.38 2.04 -44.30
N ALA C 180 -33.23 2.04 -45.62
CA ALA C 180 -32.02 1.49 -46.24
C ALA C 180 -30.77 2.12 -45.65
N VAL C 181 -30.86 3.41 -45.33
CA VAL C 181 -29.73 4.14 -44.76
C VAL C 181 -29.67 3.96 -43.24
N GLY C 182 -30.75 4.31 -42.57
CA GLY C 182 -30.83 4.19 -41.11
C GLY C 182 -30.29 5.42 -40.41
N ALA C 183 -29.30 6.04 -41.01
CA ALA C 183 -28.78 7.24 -40.40
C ALA C 183 -29.37 8.51 -40.98
N ASP C 184 -29.71 9.44 -40.10
CA ASP C 184 -30.26 10.69 -40.55
C ASP C 184 -29.11 11.15 -41.40
N VAL C 185 -29.30 11.07 -42.69
CA VAL C 185 -28.56 11.79 -43.68
C VAL C 185 -29.53 12.04 -44.83
N PRO C 186 -30.13 13.22 -44.82
CA PRO C 186 -31.15 13.61 -45.80
C PRO C 186 -30.63 13.58 -47.23
N ALA C 187 -29.47 14.17 -47.46
CA ALA C 187 -28.91 14.21 -48.81
C ALA C 187 -28.78 12.81 -49.38
N ALA C 188 -28.60 11.84 -48.50
CA ALA C 188 -28.48 10.45 -48.93
C ALA C 188 -29.85 9.85 -49.14
N VAL C 189 -30.78 10.18 -48.24
CA VAL C 189 -32.13 9.70 -48.42
C VAL C 189 -32.76 10.29 -49.66
N GLN C 190 -32.46 11.57 -49.93
CA GLN C 190 -33.07 12.20 -51.08
C GLN C 190 -32.51 11.66 -52.40
N GLU C 191 -31.27 11.21 -52.45
CA GLU C 191 -30.87 10.72 -53.75
C GLU C 191 -30.80 9.20 -53.85
N PHE C 192 -31.06 8.49 -52.76
CA PHE C 192 -31.44 7.09 -52.90
C PHE C 192 -32.91 7.06 -53.31
N SER C 193 -33.69 7.97 -52.73
CA SER C 193 -35.06 8.20 -53.15
C SER C 193 -35.15 8.44 -54.64
N ARG C 194 -34.51 9.52 -55.08
CA ARG C 194 -34.54 9.87 -56.50
C ARG C 194 -34.26 8.71 -57.43
N THR C 195 -33.15 8.02 -57.22
CA THR C 195 -32.75 6.98 -58.15
C THR C 195 -33.60 5.71 -58.00
N LEU C 196 -34.36 5.61 -56.92
CA LEU C 196 -35.22 4.46 -56.71
C LEU C 196 -36.51 4.67 -57.51
N PHE C 197 -36.85 5.94 -57.72
CA PHE C 197 -38.02 6.35 -58.51
C PHE C 197 -37.82 6.12 -60.01
N ASN C 198 -36.59 6.31 -60.49
CA ASN C 198 -36.31 6.21 -61.92
C ASN C 198 -36.47 4.77 -62.45
N MET C 199 -36.40 3.79 -61.55
CA MET C 199 -36.57 2.39 -61.93
C MET C 199 -38.05 2.09 -62.21
N ARG C 200 -38.32 1.51 -63.37
CA ARG C 200 -39.63 0.97 -63.67
C ARG C 200 -39.92 -0.20 -62.73
N PRO C 201 -41.05 -0.14 -62.03
CA PRO C 201 -41.44 -1.06 -60.95
C PRO C 201 -41.35 -2.56 -61.28
N ASP C 202 -41.69 -2.94 -62.50
CA ASP C 202 -41.68 -4.35 -62.84
C ASP C 202 -40.26 -4.87 -62.76
N ILE C 203 -39.32 -4.00 -63.07
CA ILE C 203 -37.92 -4.39 -63.05
C ILE C 203 -37.32 -4.32 -61.63
N SER C 204 -37.78 -3.40 -60.82
CA SER C 204 -37.35 -3.37 -59.43
C SER C 204 -37.77 -4.65 -58.73
N LEU C 205 -38.99 -5.10 -59.04
CA LEU C 205 -39.49 -6.37 -58.53
C LEU C 205 -38.69 -7.55 -59.04
N HIS C 206 -38.36 -7.57 -60.32
CA HIS C 206 -37.61 -8.68 -60.85
C HIS C 206 -36.22 -8.83 -60.21
N VAL C 207 -35.53 -7.69 -60.05
CA VAL C 207 -34.21 -7.63 -59.44
C VAL C 207 -34.22 -8.10 -57.99
N CYS C 208 -35.16 -7.57 -57.22
CA CYS C 208 -35.33 -7.98 -55.82
C CYS C 208 -35.54 -9.47 -55.71
N GLN C 209 -36.37 -9.99 -56.59
CA GLN C 209 -36.60 -11.42 -56.67
C GLN C 209 -35.28 -12.16 -56.86
N THR C 210 -34.64 -11.88 -57.99
CA THR C 210 -33.32 -12.38 -58.31
C THR C 210 -32.33 -12.22 -57.17
N VAL C 211 -32.22 -11.01 -56.62
CA VAL C 211 -31.31 -10.76 -55.53
C VAL C 211 -31.67 -11.66 -54.35
N PHE C 212 -32.95 -11.79 -54.07
CA PHE C 212 -33.39 -12.52 -52.89
C PHE C 212 -33.35 -14.03 -53.11
N LYS C 213 -33.13 -14.45 -54.34
CA LYS C 213 -33.04 -15.87 -54.62
C LYS C 213 -31.59 -16.32 -54.58
N THR C 214 -30.67 -15.37 -54.73
CA THR C 214 -29.26 -15.67 -54.73
C THR C 214 -28.77 -16.39 -53.46
N ASP C 215 -27.93 -17.40 -53.64
CA ASP C 215 -27.30 -18.09 -52.53
C ASP C 215 -25.88 -18.50 -52.94
N LEU C 216 -24.91 -17.70 -52.53
CA LEU C 216 -23.54 -17.88 -52.97
C LEU C 216 -22.69 -18.66 -51.98
N ARG C 217 -23.26 -19.03 -50.85
CA ARG C 217 -22.50 -19.68 -49.80
C ARG C 217 -21.68 -20.84 -50.34
N GLY C 218 -22.27 -21.59 -51.26
CA GLY C 218 -21.59 -22.72 -51.84
C GLY C 218 -20.27 -22.44 -52.54
N VAL C 219 -20.10 -21.24 -53.08
CA VAL C 219 -18.97 -20.98 -53.97
C VAL C 219 -17.96 -20.00 -53.39
N LEU C 220 -18.24 -19.49 -52.19
CA LEU C 220 -17.37 -18.49 -51.58
C LEU C 220 -15.94 -18.93 -51.46
N GLY C 221 -15.74 -20.21 -51.17
CA GLY C 221 -14.40 -20.72 -50.96
C GLY C 221 -13.59 -20.71 -52.23
N MET C 222 -14.24 -20.54 -53.37
CA MET C 222 -13.58 -20.65 -54.66
C MET C 222 -12.97 -19.33 -55.11
N VAL C 223 -13.35 -18.25 -54.44
CA VAL C 223 -12.74 -16.96 -54.67
C VAL C 223 -11.26 -17.02 -54.29
N ARG C 224 -10.39 -16.48 -55.14
CA ARG C 224 -8.97 -16.56 -54.88
C ARG C 224 -8.29 -15.20 -54.79
N ALA C 225 -8.99 -14.16 -55.22
CA ALA C 225 -8.46 -12.81 -55.17
C ALA C 225 -8.61 -12.24 -53.77
N PRO C 226 -7.62 -11.47 -53.32
CA PRO C 226 -7.72 -10.85 -52.00
C PRO C 226 -8.97 -9.98 -51.94
N CYS C 227 -9.65 -10.02 -50.81
CA CYS C 227 -10.88 -9.29 -50.66
C CYS C 227 -10.87 -8.40 -49.44
N VAL C 228 -11.60 -7.31 -49.54
CA VAL C 228 -11.85 -6.48 -48.39
C VAL C 228 -13.37 -6.45 -48.20
N VAL C 229 -13.82 -6.88 -47.03
CA VAL C 229 -15.24 -6.84 -46.71
C VAL C 229 -15.53 -5.62 -45.87
N VAL C 230 -16.20 -4.65 -46.46
CA VAL C 230 -16.50 -3.42 -45.76
C VAL C 230 -17.90 -3.50 -45.18
N GLN C 231 -17.99 -3.43 -43.87
CA GLN C 231 -19.30 -3.53 -43.26
C GLN C 231 -19.52 -2.41 -42.30
N THR C 232 -20.72 -1.84 -42.36
CA THR C 232 -21.10 -0.76 -41.47
C THR C 232 -21.83 -1.33 -40.29
N THR C 233 -22.16 -0.47 -39.34
CA THR C 233 -22.93 -0.90 -38.19
C THR C 233 -24.43 -0.81 -38.51
N ARG C 234 -25.22 -1.72 -37.94
CA ARG C 234 -26.66 -1.73 -38.13
C ARG C 234 -27.12 -1.64 -39.58
N ASP C 235 -26.55 -2.45 -40.46
CA ASP C 235 -27.09 -2.59 -41.80
C ASP C 235 -28.29 -3.54 -41.72
N VAL C 236 -29.49 -3.02 -42.01
CA VAL C 236 -30.70 -3.84 -41.93
C VAL C 236 -30.76 -4.89 -43.01
N SER C 237 -29.91 -4.77 -44.02
CA SER C 237 -29.89 -5.75 -45.09
C SER C 237 -28.80 -6.80 -44.85
N VAL C 238 -27.80 -6.42 -44.05
CA VAL C 238 -26.68 -7.31 -43.77
C VAL C 238 -26.37 -7.32 -42.28
N PRO C 239 -26.85 -8.35 -41.58
CA PRO C 239 -26.53 -8.53 -40.16
C PRO C 239 -25.04 -8.73 -39.98
N ALA C 240 -24.52 -8.37 -38.81
CA ALA C 240 -23.09 -8.50 -38.58
C ALA C 240 -22.66 -9.95 -38.75
N SER C 241 -23.47 -10.88 -38.26
CA SER C 241 -23.11 -12.29 -38.37
C SER C 241 -22.98 -12.73 -39.84
N VAL C 242 -23.61 -12.01 -40.76
CA VAL C 242 -23.49 -12.33 -42.18
C VAL C 242 -22.14 -11.89 -42.73
N ALA C 243 -21.72 -10.70 -42.34
CA ALA C 243 -20.43 -10.20 -42.76
C ALA C 243 -19.31 -11.05 -42.17
N ALA C 244 -19.49 -11.51 -40.93
CA ALA C 244 -18.54 -12.41 -40.30
C ALA C 244 -18.43 -13.74 -41.06
N TYR C 245 -19.58 -14.38 -41.27
CA TYR C 245 -19.69 -15.57 -42.09
C TYR C 245 -18.97 -15.39 -43.42
N LEU C 246 -19.36 -14.33 -44.11
CA LEU C 246 -18.78 -13.97 -45.40
C LEU C 246 -17.25 -13.84 -45.35
N LYS C 247 -16.74 -13.20 -44.31
CA LYS C 247 -15.31 -13.00 -44.21
C LYS C 247 -14.62 -14.33 -43.99
N ALA C 248 -15.26 -15.17 -43.17
CA ALA C 248 -14.66 -16.46 -42.80
C ALA C 248 -14.56 -17.44 -43.95
N HIS C 249 -15.47 -17.35 -44.92
CA HIS C 249 -15.60 -18.43 -45.89
C HIS C 249 -15.08 -18.06 -47.26
N LEU C 250 -14.82 -16.78 -47.48
CA LEU C 250 -14.26 -16.34 -48.75
C LEU C 250 -12.90 -16.96 -48.95
N GLY C 251 -12.62 -17.39 -50.18
CA GLY C 251 -11.42 -18.15 -50.48
C GLY C 251 -10.12 -17.37 -50.57
N GLY C 252 -10.21 -16.09 -50.91
CA GLY C 252 -9.00 -15.28 -51.03
C GLY C 252 -8.45 -14.81 -49.69
N ARG C 253 -7.39 -14.01 -49.75
CA ARG C 253 -6.89 -13.38 -48.55
C ARG C 253 -7.81 -12.23 -48.18
N THR C 254 -8.48 -12.37 -47.05
CA THR C 254 -9.56 -11.47 -46.69
C THR C 254 -9.23 -10.52 -45.54
N THR C 255 -9.76 -9.30 -45.61
CA THR C 255 -9.65 -8.40 -44.48
C THR C 255 -10.97 -7.68 -44.24
N VAL C 256 -11.18 -7.25 -42.99
CA VAL C 256 -12.43 -6.63 -42.63
C VAL C 256 -12.26 -5.15 -42.30
N GLU C 257 -13.09 -4.32 -42.93
CA GLU C 257 -13.20 -2.91 -42.59
C GLU C 257 -14.60 -2.61 -42.05
N PHE C 258 -14.70 -2.64 -40.73
CA PHE C 258 -15.96 -2.40 -40.07
C PHE C 258 -16.07 -0.93 -39.70
N LEU C 259 -16.91 -0.21 -40.44
CA LEU C 259 -17.08 1.23 -40.23
C LEU C 259 -18.08 1.52 -39.14
N GLN C 260 -17.88 2.62 -38.42
CA GLN C 260 -18.73 2.96 -37.30
C GLN C 260 -19.96 3.77 -37.66
N THR C 261 -20.10 4.16 -38.92
CA THR C 261 -21.32 4.85 -39.32
C THR C 261 -22.42 3.85 -39.63
N GLU C 262 -23.64 4.33 -39.65
CA GLU C 262 -24.77 3.43 -39.73
C GLU C 262 -25.41 3.42 -41.11
N GLY C 263 -25.75 2.23 -41.61
CA GLY C 263 -26.57 2.12 -42.80
C GLY C 263 -25.95 1.35 -43.95
N HIS C 264 -26.80 1.00 -44.90
CA HIS C 264 -26.43 0.10 -45.98
C HIS C 264 -25.70 0.78 -47.14
N LEU C 265 -25.81 2.11 -47.22
CA LEU C 265 -25.21 2.86 -48.33
C LEU C 265 -24.20 3.92 -47.88
N PRO C 266 -23.03 3.48 -47.42
CA PRO C 266 -21.99 4.39 -46.97
C PRO C 266 -21.41 5.27 -48.07
N HIS C 267 -21.48 4.85 -49.33
CA HIS C 267 -20.98 5.70 -50.41
C HIS C 267 -21.92 6.91 -50.64
N LEU C 268 -23.15 6.79 -50.15
CA LEU C 268 -24.07 7.93 -50.07
C LEU C 268 -24.06 8.66 -48.71
N SER C 269 -24.26 7.92 -47.63
CA SER C 269 -24.55 8.53 -46.34
C SER C 269 -23.30 8.83 -45.53
N ALA C 270 -22.16 8.35 -45.99
CA ALA C 270 -20.93 8.55 -45.24
C ALA C 270 -19.69 8.54 -46.10
N PRO C 271 -19.71 9.28 -47.21
CA PRO C 271 -18.61 9.28 -48.19
C PRO C 271 -17.25 9.70 -47.60
N SER C 272 -17.26 10.71 -46.73
CA SER C 272 -16.04 11.22 -46.11
C SER C 272 -15.20 10.13 -45.46
N LEU C 273 -15.84 9.24 -44.72
CA LEU C 273 -15.15 8.06 -44.21
C LEU C 273 -14.77 7.14 -45.37
N LEU C 274 -15.78 6.72 -46.12
CA LEU C 274 -15.63 5.66 -47.10
C LEU C 274 -14.60 5.97 -48.18
N ALA C 275 -14.48 7.23 -48.58
CA ALA C 275 -13.50 7.56 -49.59
C ALA C 275 -12.11 7.20 -49.08
N GLN C 276 -11.91 7.38 -47.78
CA GLN C 276 -10.62 7.10 -47.14
C GLN C 276 -10.36 5.61 -47.04
N VAL C 277 -11.40 4.87 -46.69
CA VAL C 277 -11.34 3.42 -46.66
C VAL C 277 -10.97 2.89 -48.04
N LEU C 278 -11.60 3.43 -49.08
CA LEU C 278 -11.31 3.00 -50.45
C LEU C 278 -9.87 3.29 -50.89
N ARG C 279 -9.35 4.47 -50.55
CA ARG C 279 -8.00 4.81 -50.95
C ARG C 279 -7.04 3.82 -50.36
N ARG C 280 -7.22 3.52 -49.07
CA ARG C 280 -6.37 2.54 -48.40
C ARG C 280 -6.54 1.17 -49.03
N ALA C 281 -7.75 0.83 -49.45
CA ALA C 281 -8.03 -0.51 -49.97
C ALA C 281 -7.51 -0.70 -51.38
N LEU C 282 -7.34 0.39 -52.11
CA LEU C 282 -6.91 0.32 -53.50
C LEU C 282 -5.49 0.86 -53.70
N ALA C 283 -4.78 1.05 -52.61
CA ALA C 283 -3.43 1.61 -52.66
C ALA C 283 -2.42 0.66 -53.30
N ARG C 284 -2.64 -0.65 -53.18
CA ARG C 284 -1.67 -1.61 -53.69
C ARG C 284 -2.31 -2.86 -54.28
N TYR C 285 -2.06 -3.08 -55.56
CA TYR C 285 -2.50 -4.30 -56.23
C TYR C 285 -2.00 -4.33 -57.65
N ALA D 21 -6.24 14.24 -77.26
CA ALA D 21 -7.44 14.19 -76.49
C ALA D 21 -7.12 14.33 -75.04
N SER D 22 -5.95 14.84 -74.74
CA SER D 22 -5.52 15.00 -73.40
C SER D 22 -6.53 15.83 -72.63
N LEU D 23 -7.10 16.83 -73.28
CA LEU D 23 -8.09 17.67 -72.67
C LEU D 23 -9.36 16.91 -72.23
N LEU D 24 -9.80 15.96 -73.04
CA LEU D 24 -10.95 15.14 -72.72
C LEU D 24 -10.73 14.38 -71.40
N GLN D 25 -9.51 13.94 -71.18
CA GLN D 25 -9.16 13.33 -69.91
C GLN D 25 -8.96 14.36 -68.79
N ILE D 26 -8.34 15.50 -69.07
CA ILE D 26 -8.04 16.47 -68.02
C ILE D 26 -9.30 17.04 -67.40
N LEU D 27 -10.28 17.30 -68.24
CA LEU D 27 -11.52 17.87 -67.75
C LEU D 27 -12.57 16.78 -67.57
N ASN D 28 -12.13 15.53 -67.66
CA ASN D 28 -12.99 14.39 -67.30
C ASN D 28 -14.26 14.27 -68.16
N VAL D 29 -14.10 14.40 -69.47
CA VAL D 29 -15.24 14.51 -70.36
C VAL D 29 -16.02 13.22 -70.45
N ARG D 30 -17.33 13.35 -70.35
CA ARG D 30 -18.25 12.23 -70.38
C ARG D 30 -19.28 12.40 -71.48
N VAL D 31 -19.47 11.38 -72.28
CA VAL D 31 -20.57 11.41 -73.22
C VAL D 31 -21.57 10.36 -72.81
N VAL D 32 -22.85 10.61 -72.99
CA VAL D 32 -23.85 9.61 -72.67
C VAL D 32 -25.15 9.79 -73.44
N GLY D 33 -25.78 8.66 -73.77
CA GLY D 33 -27.06 8.63 -74.48
C GLY D 33 -26.98 8.47 -75.99
N SER D 34 -28.03 7.89 -76.58
CA SER D 34 -28.15 7.77 -78.03
C SER D 34 -28.94 8.93 -78.64
N GLY D 35 -28.71 9.24 -79.91
CA GLY D 35 -29.51 10.25 -80.59
C GLY D 35 -28.79 11.29 -81.44
N GLU D 36 -29.51 11.85 -82.41
CA GLU D 36 -29.02 12.86 -83.35
C GLU D 36 -28.75 14.21 -82.64
N ARG D 37 -29.72 14.69 -81.88
CA ARG D 37 -29.56 15.93 -81.16
C ARG D 37 -28.46 15.89 -80.08
N VAL D 38 -27.44 16.69 -80.22
CA VAL D 38 -26.34 16.73 -79.26
C VAL D 38 -26.51 17.78 -78.20
N VAL D 39 -26.47 17.41 -76.94
CA VAL D 39 -26.57 18.43 -75.91
C VAL D 39 -25.26 18.53 -75.13
N VAL D 40 -24.98 19.72 -74.61
CA VAL D 40 -23.82 19.99 -73.77
C VAL D 40 -24.27 20.54 -72.43
N LEU D 41 -23.87 19.86 -71.34
CA LEU D 41 -24.13 20.33 -69.98
C LEU D 41 -22.87 20.93 -69.36
N SER D 42 -22.93 22.18 -68.95
CA SER D 42 -21.75 22.85 -68.43
C SER D 42 -22.09 23.52 -67.11
N HIS D 43 -21.39 23.12 -66.05
CA HIS D 43 -21.71 23.59 -64.70
C HIS D 43 -21.06 24.92 -64.35
N GLY D 44 -21.53 25.50 -63.26
CA GLY D 44 -21.02 26.75 -62.74
C GLY D 44 -20.10 26.60 -61.54
N PHE D 45 -19.83 27.74 -60.90
CA PHE D 45 -18.90 27.81 -59.80
C PHE D 45 -19.31 26.95 -58.63
N GLY D 46 -18.36 26.24 -58.04
CA GLY D 46 -18.64 25.52 -56.82
C GLY D 46 -19.09 24.08 -56.94
N THR D 47 -19.30 23.58 -58.15
CA THR D 47 -19.65 22.18 -58.31
C THR D 47 -18.93 21.52 -59.47
N ASP D 48 -19.36 20.33 -59.84
CA ASP D 48 -18.87 19.72 -61.07
C ASP D 48 -20.02 19.13 -61.84
N GLN D 49 -19.70 18.35 -62.87
CA GLN D 49 -20.72 17.84 -63.74
C GLN D 49 -21.71 16.99 -62.97
N SER D 50 -21.28 16.46 -61.84
CA SER D 50 -22.16 15.58 -61.08
C SER D 50 -23.38 16.36 -60.56
N ALA D 51 -23.38 17.69 -60.70
CA ALA D 51 -24.58 18.50 -60.45
C ALA D 51 -25.77 18.18 -61.39
N TRP D 52 -25.49 17.56 -62.54
CA TRP D 52 -26.53 17.33 -63.55
C TRP D 52 -27.15 15.93 -63.44
N SER D 53 -26.62 15.10 -62.55
CA SER D 53 -27.02 13.69 -62.49
C SER D 53 -28.53 13.50 -62.38
N ARG D 54 -29.20 14.37 -61.64
CA ARG D 54 -30.64 14.24 -61.43
C ARG D 54 -31.47 14.47 -62.70
N VAL D 55 -31.00 15.36 -63.58
CA VAL D 55 -31.76 15.66 -64.79
C VAL D 55 -31.22 14.93 -66.01
N LEU D 56 -30.00 14.42 -65.89
CA LEU D 56 -29.39 13.57 -66.92
C LEU D 56 -30.30 12.45 -67.47
N PRO D 57 -30.88 11.62 -66.59
CA PRO D 57 -31.77 10.51 -66.96
C PRO D 57 -32.90 10.92 -67.89
N TYR D 58 -33.34 12.17 -67.74
CA TYR D 58 -34.45 12.66 -68.53
C TYR D 58 -34.01 13.17 -69.88
N LEU D 59 -32.71 13.25 -70.12
CA LEU D 59 -32.25 13.84 -71.37
C LEU D 59 -31.61 12.82 -72.31
N THR D 60 -31.07 11.74 -71.76
CA THR D 60 -30.26 10.81 -72.54
C THR D 60 -31.03 9.82 -73.44
N ARG D 61 -32.33 9.69 -73.31
CA ARG D 61 -33.00 8.81 -74.24
C ARG D 61 -33.18 9.52 -75.56
N ASP D 62 -33.26 10.81 -75.47
CA ASP D 62 -33.56 11.69 -76.54
C ASP D 62 -32.38 12.41 -77.12
N HIS D 63 -31.31 12.51 -76.37
CA HIS D 63 -30.15 13.18 -76.90
C HIS D 63 -28.89 12.50 -76.57
N ARG D 64 -27.91 12.83 -77.37
CA ARG D 64 -26.54 12.48 -77.08
C ARG D 64 -25.93 13.61 -76.22
N VAL D 65 -25.67 13.34 -74.95
CA VAL D 65 -25.33 14.40 -73.99
C VAL D 65 -23.85 14.46 -73.61
N VAL D 66 -23.36 15.66 -73.46
CA VAL D 66 -21.95 15.90 -73.25
C VAL D 66 -21.74 16.72 -71.99
N LEU D 67 -20.94 16.17 -71.09
CA LEU D 67 -20.62 16.81 -69.83
C LEU D 67 -19.14 16.93 -69.69
N TYR D 68 -18.71 17.90 -68.90
CA TYR D 68 -17.31 18.05 -68.58
C TYR D 68 -17.22 18.88 -67.35
N ASP D 69 -16.03 18.90 -66.76
CA ASP D 69 -15.77 19.72 -65.60
C ASP D 69 -14.91 20.91 -65.99
N LEU D 70 -15.31 22.09 -65.54
CA LEU D 70 -14.48 23.27 -65.69
C LEU D 70 -13.11 23.01 -65.05
N VAL D 71 -12.07 23.49 -65.73
CA VAL D 71 -10.70 23.41 -65.25
C VAL D 71 -10.54 23.77 -63.77
N CYS D 72 -11.53 24.42 -63.18
CA CYS D 72 -11.42 24.84 -61.78
C CYS D 72 -12.17 23.96 -60.77
N ALA D 73 -13.00 23.05 -61.26
CA ALA D 73 -13.72 22.13 -60.40
C ALA D 73 -12.76 21.25 -59.58
N GLY D 74 -13.20 20.86 -58.39
CA GLY D 74 -12.38 20.08 -57.48
C GLY D 74 -12.30 18.61 -57.85
N SER D 75 -12.64 18.29 -59.08
CA SER D 75 -12.56 16.93 -59.59
C SER D 75 -11.59 16.88 -60.77
N VAL D 76 -10.89 17.98 -60.97
CA VAL D 76 -9.81 18.07 -61.94
C VAL D 76 -8.48 18.29 -61.22
N ASN D 77 -7.41 17.70 -61.73
CA ASN D 77 -6.09 17.86 -61.10
C ASN D 77 -5.73 19.33 -61.05
N PRO D 78 -5.77 19.91 -59.86
CA PRO D 78 -5.63 21.35 -59.64
C PRO D 78 -4.24 21.84 -60.02
N ASP D 79 -3.36 20.95 -60.41
CA ASP D 79 -2.09 21.37 -60.99
C ASP D 79 -2.31 22.01 -62.37
N HIS D 80 -3.38 21.65 -63.06
CA HIS D 80 -3.65 22.21 -64.39
C HIS D 80 -4.21 23.63 -64.36
N PHE D 81 -4.64 24.09 -63.19
CA PHE D 81 -5.21 25.44 -63.09
C PHE D 81 -4.15 26.48 -63.36
N ASP D 82 -3.99 26.82 -64.63
CA ASP D 82 -3.02 27.82 -65.07
C ASP D 82 -3.56 29.19 -64.65
N PHE D 83 -3.01 29.77 -63.58
CA PHE D 83 -3.54 31.02 -63.01
C PHE D 83 -3.47 32.18 -63.98
N ARG D 84 -2.43 32.19 -64.81
CA ARG D 84 -2.24 33.21 -65.84
C ARG D 84 -3.22 33.00 -66.99
N ARG D 85 -3.27 31.76 -67.48
CA ARG D 85 -4.05 31.40 -68.65
C ARG D 85 -5.55 31.67 -68.48
N TYR D 86 -6.05 31.45 -67.27
CA TYR D 86 -7.48 31.62 -66.99
C TYR D 86 -7.76 32.91 -66.21
N ASP D 87 -7.23 34.02 -66.70
CA ASP D 87 -7.45 35.32 -66.07
C ASP D 87 -8.81 35.89 -66.43
N ASN D 88 -9.27 35.57 -67.62
CA ASN D 88 -10.61 35.94 -68.06
C ASN D 88 -11.28 34.72 -68.67
N LEU D 89 -12.53 34.88 -69.08
CA LEU D 89 -13.34 33.73 -69.46
C LEU D 89 -13.00 33.14 -70.83
N ASP D 90 -12.23 33.88 -71.63
CA ASP D 90 -11.81 33.40 -72.93
C ASP D 90 -11.09 32.06 -72.83
N ALA D 91 -10.36 31.84 -71.73
CA ALA D 91 -9.63 30.60 -71.60
C ALA D 91 -10.59 29.42 -71.44
N TYR D 92 -11.68 29.64 -70.70
CA TYR D 92 -12.71 28.59 -70.55
C TYR D 92 -13.42 28.30 -71.87
N VAL D 93 -13.58 29.32 -72.70
CA VAL D 93 -14.27 29.15 -73.98
C VAL D 93 -13.43 28.32 -74.92
N ASP D 94 -12.11 28.48 -74.85
CA ASP D 94 -11.18 27.66 -75.63
C ASP D 94 -11.28 26.19 -75.24
N ASP D 95 -11.46 25.95 -73.94
CA ASP D 95 -11.59 24.61 -73.42
C ASP D 95 -12.86 23.94 -73.92
N LEU D 96 -13.97 24.66 -73.78
CA LEU D 96 -15.25 24.17 -74.27
C LEU D 96 -15.16 23.87 -75.76
N LEU D 97 -14.70 24.85 -76.53
CA LEU D 97 -14.55 24.71 -77.98
C LEU D 97 -13.68 23.52 -78.37
N ALA D 98 -12.54 23.41 -77.70
CA ALA D 98 -11.57 22.38 -78.02
C ALA D 98 -12.15 21.00 -77.79
N ILE D 99 -12.89 20.85 -76.70
CA ILE D 99 -13.53 19.57 -76.40
C ILE D 99 -14.49 19.19 -77.51
N LEU D 100 -15.32 20.15 -77.92
CA LEU D 100 -16.32 19.91 -78.94
C LEU D 100 -15.66 19.51 -80.26
N ASP D 101 -14.53 20.12 -80.55
CA ASP D 101 -13.80 19.80 -81.76
C ASP D 101 -13.01 18.52 -81.61
N ALA D 102 -12.67 18.14 -80.38
CA ALA D 102 -11.99 16.87 -80.17
C ALA D 102 -12.99 15.74 -80.36
N LEU D 103 -14.24 16.00 -79.96
CA LEU D 103 -15.33 15.06 -80.17
C LEU D 103 -15.93 15.19 -81.56
N ARG D 104 -15.42 16.16 -82.32
CA ARG D 104 -15.89 16.41 -83.68
C ARG D 104 -17.39 16.67 -83.72
N ILE D 105 -17.87 17.57 -82.87
CA ILE D 105 -19.28 17.93 -82.87
C ILE D 105 -19.45 19.31 -83.50
N PRO D 106 -20.02 19.34 -84.71
CA PRO D 106 -20.15 20.56 -85.52
C PRO D 106 -21.37 21.40 -85.14
N ARG D 107 -22.36 20.79 -84.47
CA ARG D 107 -23.53 21.53 -84.01
C ARG D 107 -24.16 20.86 -82.80
N CYS D 108 -24.49 21.68 -81.81
CA CYS D 108 -25.01 21.15 -80.56
C CYS D 108 -25.89 22.14 -79.81
N ALA D 109 -26.47 21.65 -78.72
CA ALA D 109 -27.27 22.46 -77.85
C ALA D 109 -26.48 22.68 -76.58
N PHE D 110 -26.50 23.88 -76.04
CA PHE D 110 -25.70 24.18 -74.87
C PHE D 110 -26.56 24.59 -73.68
N VAL D 111 -26.28 23.99 -72.53
CA VAL D 111 -26.88 24.38 -71.26
C VAL D 111 -25.80 24.86 -70.30
N GLY D 112 -25.88 26.12 -69.90
CA GLY D 112 -24.93 26.70 -68.96
C GLY D 112 -25.55 27.14 -67.64
N HIS D 113 -24.78 27.06 -66.59
CA HIS D 113 -25.18 27.51 -65.27
C HIS D 113 -24.24 28.55 -64.73
N SER D 114 -24.83 29.56 -64.08
CA SER D 114 -24.05 30.66 -63.51
C SER D 114 -23.05 31.14 -64.54
N VAL D 115 -21.78 31.04 -64.18
CA VAL D 115 -20.70 31.43 -65.06
C VAL D 115 -20.58 30.61 -66.36
N SER D 116 -21.16 29.43 -66.38
CA SER D 116 -21.22 28.66 -67.63
C SER D 116 -22.14 29.34 -68.64
N ALA D 117 -23.17 30.03 -68.15
CA ALA D 117 -23.99 30.82 -69.05
C ALA D 117 -23.11 31.85 -69.73
N MET D 118 -22.23 32.48 -68.96
CA MET D 118 -21.35 33.48 -69.54
C MET D 118 -20.58 32.82 -70.67
N ILE D 119 -19.78 31.82 -70.34
CA ILE D 119 -18.98 31.05 -71.30
C ILE D 119 -19.72 30.75 -72.62
N GLY D 120 -20.98 30.35 -72.49
CA GLY D 120 -21.79 30.00 -73.63
C GLY D 120 -22.04 31.17 -74.57
N ILE D 121 -22.41 32.31 -74.02
CA ILE D 121 -22.64 33.50 -74.81
C ILE D 121 -21.41 33.77 -75.65
N LEU D 122 -20.27 33.84 -74.99
CA LEU D 122 -18.98 34.02 -75.67
C LEU D 122 -18.71 32.96 -76.72
N ALA D 123 -18.98 31.71 -76.38
CA ALA D 123 -18.75 30.62 -77.31
C ALA D 123 -19.60 30.83 -78.53
N SER D 124 -20.84 31.27 -78.31
CA SER D 124 -21.76 31.51 -79.40
C SER D 124 -21.25 32.64 -80.26
N ILE D 125 -20.69 33.66 -79.62
CA ILE D 125 -20.14 34.78 -80.37
C ILE D 125 -19.07 34.26 -81.32
N ARG D 126 -18.17 33.43 -80.80
CA ARG D 126 -17.00 33.02 -81.54
C ARG D 126 -17.32 32.03 -82.65
N ARG D 127 -18.33 31.19 -82.43
CA ARG D 127 -18.60 30.05 -83.31
C ARG D 127 -20.08 29.86 -83.55
N PRO D 128 -20.72 30.83 -84.20
CA PRO D 128 -22.18 30.96 -84.39
C PRO D 128 -22.87 29.71 -84.93
N ASP D 129 -22.14 28.86 -85.64
CA ASP D 129 -22.74 27.72 -86.27
C ASP D 129 -22.71 26.47 -85.39
N LEU D 130 -21.96 26.53 -84.30
CA LEU D 130 -21.79 25.40 -83.39
C LEU D 130 -22.95 25.28 -82.38
N PHE D 131 -23.66 26.38 -82.16
CA PHE D 131 -24.74 26.39 -81.20
C PHE D 131 -26.10 26.72 -81.78
N ALA D 132 -26.93 25.72 -81.96
CA ALA D 132 -28.26 25.88 -82.45
C ALA D 132 -29.10 26.58 -81.45
N LYS D 133 -28.82 26.40 -80.17
CA LYS D 133 -29.60 27.05 -79.14
C LYS D 133 -28.88 27.08 -77.85
N LEU D 134 -29.13 28.13 -77.10
CA LEU D 134 -28.52 28.29 -75.80
C LEU D 134 -29.58 28.32 -74.75
N VAL D 135 -29.34 27.61 -73.65
CA VAL D 135 -30.18 27.56 -72.46
C VAL D 135 -29.39 27.96 -71.19
N LEU D 136 -29.68 29.15 -70.68
CA LEU D 136 -28.91 29.74 -69.60
C LEU D 136 -29.66 29.77 -68.27
N ILE D 137 -29.14 29.03 -67.30
CA ILE D 137 -29.75 28.95 -65.99
C ILE D 137 -28.93 29.76 -65.01
N GLY D 138 -29.59 30.43 -64.07
CA GLY D 138 -28.90 31.21 -63.05
C GLY D 138 -27.97 32.21 -63.70
N ALA D 139 -28.48 32.81 -64.77
CA ALA D 139 -27.69 33.53 -65.77
C ALA D 139 -27.58 35.03 -65.51
N SER D 140 -26.38 35.55 -65.68
CA SER D 140 -26.13 36.98 -65.54
C SER D 140 -24.98 37.39 -66.43
N PRO D 141 -25.08 38.59 -67.02
CA PRO D 141 -24.04 39.24 -67.83
C PRO D 141 -23.16 40.15 -67.00
N ARG D 142 -23.67 40.60 -65.85
CA ARG D 142 -22.91 41.28 -64.83
C ARG D 142 -23.54 41.16 -63.43
N PHE D 143 -22.87 40.45 -62.56
CA PHE D 143 -23.29 40.29 -61.16
C PHE D 143 -23.08 41.59 -60.40
N LEU D 144 -22.08 42.36 -60.80
CA LEU D 144 -21.71 43.58 -60.11
C LEU D 144 -22.63 44.72 -60.51
N ASN D 145 -23.06 45.51 -59.54
CA ASN D 145 -23.97 46.60 -59.80
C ASN D 145 -23.31 47.69 -60.63
N ASP D 146 -24.12 48.65 -61.06
CA ASP D 146 -23.63 49.67 -61.94
C ASP D 146 -24.52 50.90 -61.87
N SER D 147 -23.99 52.03 -62.33
CA SER D 147 -24.67 53.32 -62.18
C SER D 147 -26.10 53.30 -62.70
N ASP D 148 -26.35 52.53 -63.75
CA ASP D 148 -27.70 52.38 -64.27
C ASP D 148 -27.98 50.91 -64.55
N TYR D 149 -27.62 50.06 -63.59
CA TYR D 149 -27.77 48.61 -63.73
C TYR D 149 -27.71 47.88 -62.38
N HIS D 150 -28.83 47.28 -62.00
CA HIS D 150 -28.92 46.52 -60.76
C HIS D 150 -28.59 45.08 -61.07
N GLY D 151 -27.36 44.67 -60.77
CA GLY D 151 -26.91 43.31 -61.02
C GLY D 151 -26.90 42.41 -59.79
N GLY D 152 -26.80 42.99 -58.60
CA GLY D 152 -26.87 42.20 -57.39
C GLY D 152 -25.84 42.47 -56.29
N PHE D 153 -24.62 42.87 -56.65
CA PHE D 153 -23.56 42.98 -55.65
C PHE D 153 -22.90 44.33 -55.56
N GLU D 154 -22.31 44.60 -54.40
CA GLU D 154 -21.50 45.81 -54.17
C GLU D 154 -20.03 45.42 -54.06
N LEU D 155 -19.14 46.32 -54.47
CA LEU D 155 -17.71 46.03 -54.46
C LEU D 155 -17.11 45.81 -53.07
N GLU D 156 -17.58 46.57 -52.08
CA GLU D 156 -17.10 46.33 -50.73
C GLU D 156 -17.57 44.96 -50.30
N GLU D 157 -18.76 44.59 -50.77
CA GLU D 157 -19.31 43.27 -50.51
C GLU D 157 -18.38 42.17 -50.97
N ILE D 158 -17.88 42.30 -52.19
CA ILE D 158 -17.01 41.30 -52.81
C ILE D 158 -15.70 41.14 -52.08
N GLN D 159 -15.18 42.24 -51.54
CA GLN D 159 -13.93 42.19 -50.80
C GLN D 159 -14.10 41.31 -49.56
N GLN D 160 -15.17 41.52 -48.81
CA GLN D 160 -15.39 40.75 -47.59
C GLN D 160 -15.67 39.28 -47.90
N VAL D 161 -16.09 38.99 -49.13
CA VAL D 161 -16.25 37.62 -49.58
C VAL D 161 -14.90 36.92 -49.59
N PHE D 162 -14.01 37.46 -50.41
CA PHE D 162 -12.62 37.08 -50.44
C PHE D 162 -12.00 36.95 -49.05
N ASP D 163 -12.26 37.90 -48.18
CA ASP D 163 -11.63 37.85 -46.86
C ASP D 163 -12.07 36.59 -46.08
N ALA D 164 -13.37 36.34 -46.02
CA ALA D 164 -13.87 35.18 -45.32
C ALA D 164 -13.42 33.88 -46.00
N MET D 165 -13.35 33.89 -47.33
CA MET D 165 -12.89 32.74 -48.08
C MET D 165 -11.46 32.39 -47.70
N GLY D 166 -10.58 33.39 -47.82
CA GLY D 166 -9.18 33.23 -47.48
C GLY D 166 -8.87 33.04 -46.00
N ALA D 167 -9.69 33.67 -45.15
CA ALA D 167 -9.53 33.56 -43.70
C ALA D 167 -9.68 32.11 -43.24
N ASN D 168 -10.80 31.50 -43.61
CA ASN D 168 -11.11 30.13 -43.19
C ASN D 168 -12.08 29.45 -44.17
N TYR D 169 -11.55 28.82 -45.21
CA TYR D 169 -12.32 28.46 -46.41
C TYR D 169 -13.39 27.39 -46.19
N SER D 170 -13.07 26.37 -45.41
CA SER D 170 -14.05 25.33 -45.14
C SER D 170 -15.18 25.92 -44.33
N ALA D 171 -14.82 26.78 -43.37
CA ALA D 171 -15.83 27.47 -42.58
C ALA D 171 -16.65 28.42 -43.46
N TRP D 172 -16.00 29.11 -44.39
CA TRP D 172 -16.76 29.96 -45.28
C TRP D 172 -17.79 29.17 -46.13
N ALA D 173 -17.34 28.08 -46.76
CA ALA D 173 -18.21 27.23 -47.61
C ALA D 173 -19.43 26.59 -46.96
N THR D 174 -19.37 26.27 -45.67
CA THR D 174 -20.53 25.64 -45.04
C THR D 174 -21.64 26.68 -44.87
N GLY D 175 -21.23 27.91 -44.64
CA GLY D 175 -22.16 29.02 -44.52
C GLY D 175 -22.71 29.43 -45.86
N TYR D 176 -21.88 29.47 -46.88
CA TYR D 176 -22.35 29.95 -48.16
C TYR D 176 -23.28 28.95 -48.85
N ALA D 177 -23.03 27.66 -48.66
CA ALA D 177 -23.82 26.67 -49.38
C ALA D 177 -25.33 26.89 -49.24
N PRO D 178 -25.84 27.04 -48.01
CA PRO D 178 -27.30 27.17 -47.84
C PRO D 178 -27.92 28.48 -48.34
N LEU D 179 -27.12 29.50 -48.62
CA LEU D 179 -27.67 30.76 -49.11
C LEU D 179 -27.67 30.70 -50.62
N ALA D 180 -26.79 29.86 -51.15
CA ALA D 180 -26.72 29.64 -52.58
C ALA D 180 -27.89 28.78 -53.06
N VAL D 181 -28.14 27.67 -52.36
CA VAL D 181 -29.30 26.83 -52.66
C VAL D 181 -30.60 27.58 -52.46
N GLY D 182 -30.65 28.46 -51.46
CA GLY D 182 -31.81 29.30 -51.24
C GLY D 182 -32.97 28.57 -50.57
N ALA D 183 -33.46 27.53 -51.23
CA ALA D 183 -34.56 26.75 -50.69
C ALA D 183 -34.06 25.84 -49.59
N ASP D 184 -34.98 25.38 -48.74
CA ASP D 184 -34.66 24.38 -47.72
C ASP D 184 -34.64 22.97 -48.33
N VAL D 185 -33.56 22.63 -49.00
CA VAL D 185 -33.38 21.32 -49.62
C VAL D 185 -31.98 20.81 -49.30
N PRO D 186 -31.88 19.84 -48.38
CA PRO D 186 -30.67 19.24 -47.83
C PRO D 186 -29.72 18.61 -48.86
N ALA D 187 -30.23 17.66 -49.64
CA ALA D 187 -29.48 17.05 -50.73
C ALA D 187 -28.66 18.08 -51.48
N ALA D 188 -29.30 19.15 -51.92
CA ALA D 188 -28.62 20.21 -52.65
C ALA D 188 -27.57 20.89 -51.78
N VAL D 189 -27.97 21.30 -50.59
CA VAL D 189 -27.06 21.93 -49.63
C VAL D 189 -25.87 21.05 -49.30
N GLN D 190 -26.13 19.75 -49.21
CA GLN D 190 -25.11 18.78 -48.87
C GLN D 190 -24.21 18.52 -50.08
N GLU D 191 -24.82 18.24 -51.21
CA GLU D 191 -24.08 18.07 -52.44
C GLU D 191 -23.34 19.38 -52.86
N PHE D 192 -23.97 20.54 -52.67
CA PHE D 192 -23.26 21.78 -52.95
C PHE D 192 -22.10 22.02 -51.98
N SER D 193 -22.33 21.77 -50.70
CA SER D 193 -21.26 21.92 -49.71
C SER D 193 -20.05 21.10 -50.12
N ARG D 194 -20.33 19.87 -50.52
CA ARG D 194 -19.33 18.90 -50.91
C ARG D 194 -18.45 19.39 -52.05
N THR D 195 -19.06 19.74 -53.18
CA THR D 195 -18.26 20.09 -54.34
C THR D 195 -17.57 21.43 -54.15
N LEU D 196 -17.86 22.07 -53.03
CA LEU D 196 -17.26 23.36 -52.70
C LEU D 196 -16.03 23.11 -51.85
N PHE D 197 -16.10 22.14 -50.96
CA PHE D 197 -14.94 21.74 -50.16
C PHE D 197 -13.86 21.13 -51.03
N ASN D 198 -14.26 20.53 -52.14
CA ASN D 198 -13.31 19.95 -53.07
C ASN D 198 -12.42 20.95 -53.80
N MET D 199 -12.87 22.20 -53.88
CA MET D 199 -12.10 23.22 -54.59
C MET D 199 -10.95 23.76 -53.74
N ARG D 200 -9.77 23.89 -54.33
CA ARG D 200 -8.65 24.47 -53.62
C ARG D 200 -8.87 25.98 -53.50
N PRO D 201 -8.85 26.48 -52.26
CA PRO D 201 -9.23 27.85 -51.91
C PRO D 201 -8.64 28.91 -52.82
N ASP D 202 -7.42 28.72 -53.29
CA ASP D 202 -6.76 29.76 -54.07
C ASP D 202 -7.42 29.87 -55.42
N ILE D 203 -7.61 28.72 -56.06
CA ILE D 203 -8.29 28.61 -57.34
C ILE D 203 -9.71 29.15 -57.21
N SER D 204 -10.39 28.74 -56.19
CA SER D 204 -11.71 29.20 -55.92
C SER D 204 -11.80 30.72 -55.70
N LEU D 205 -10.80 31.36 -55.10
CA LEU D 205 -10.82 32.79 -54.90
C LEU D 205 -10.48 33.38 -56.23
N HIS D 206 -9.57 32.75 -56.93
CA HIS D 206 -9.22 33.23 -58.24
C HIS D 206 -10.38 33.15 -59.22
N VAL D 207 -11.21 32.13 -59.12
CA VAL D 207 -12.33 31.96 -60.05
C VAL D 207 -13.50 32.88 -59.67
N CYS D 208 -13.68 33.09 -58.38
CA CYS D 208 -14.67 34.03 -57.87
C CYS D 208 -14.41 35.46 -58.33
N GLN D 209 -13.12 35.82 -58.40
CA GLN D 209 -12.69 37.13 -58.85
C GLN D 209 -12.86 37.33 -60.36
N THR D 210 -12.57 36.27 -61.12
CA THR D 210 -12.79 36.27 -62.55
C THR D 210 -14.24 36.54 -62.96
N VAL D 211 -15.17 35.93 -62.24
CA VAL D 211 -16.57 36.08 -62.56
C VAL D 211 -17.03 37.49 -62.24
N PHE D 212 -16.59 38.01 -61.10
CA PHE D 212 -17.11 39.26 -60.60
C PHE D 212 -16.68 40.41 -61.47
N LYS D 213 -15.65 40.17 -62.28
CA LYS D 213 -15.08 41.18 -63.15
C LYS D 213 -15.70 41.17 -64.53
N THR D 214 -16.33 40.05 -64.90
CA THR D 214 -16.87 39.90 -66.24
C THR D 214 -18.08 40.78 -66.42
N ASP D 215 -18.15 41.40 -67.59
CA ASP D 215 -19.28 42.22 -67.99
C ASP D 215 -19.57 41.93 -69.45
N LEU D 216 -20.67 41.24 -69.73
CA LEU D 216 -20.97 40.83 -71.08
C LEU D 216 -21.97 41.72 -71.77
N ARG D 217 -22.41 42.77 -71.08
CA ARG D 217 -23.45 43.64 -71.61
C ARG D 217 -23.03 44.18 -72.97
N GLY D 218 -21.75 44.46 -73.10
CA GLY D 218 -21.21 44.96 -74.33
C GLY D 218 -21.44 44.04 -75.51
N VAL D 219 -21.65 42.76 -75.27
CA VAL D 219 -21.68 41.82 -76.39
C VAL D 219 -22.92 40.96 -76.50
N LEU D 220 -23.97 41.24 -75.75
CA LEU D 220 -25.18 40.41 -75.80
C LEU D 220 -25.86 40.43 -77.19
N GLY D 221 -25.90 41.60 -77.81
CA GLY D 221 -26.48 41.73 -79.13
C GLY D 221 -25.71 40.96 -80.19
N MET D 222 -24.58 40.39 -79.85
CA MET D 222 -23.76 39.65 -80.81
C MET D 222 -24.13 38.19 -80.88
N VAL D 223 -25.05 37.77 -80.02
CA VAL D 223 -25.50 36.40 -80.03
C VAL D 223 -26.63 36.20 -81.03
N ARG D 224 -26.52 35.14 -81.83
CA ARG D 224 -27.53 34.88 -82.85
C ARG D 224 -28.35 33.64 -82.53
N ALA D 225 -27.78 32.74 -81.73
CA ALA D 225 -28.47 31.53 -81.31
C ALA D 225 -29.79 31.82 -80.60
N PRO D 226 -30.86 31.07 -80.94
CA PRO D 226 -32.06 31.11 -80.12
C PRO D 226 -31.73 30.70 -78.70
N CYS D 227 -32.28 31.43 -77.73
CA CYS D 227 -31.95 31.25 -76.34
C CYS D 227 -33.17 31.11 -75.45
N VAL D 228 -33.03 30.32 -74.39
CA VAL D 228 -34.06 30.23 -73.37
C VAL D 228 -33.49 30.58 -72.02
N VAL D 229 -34.10 31.54 -71.32
CA VAL D 229 -33.52 31.99 -70.05
C VAL D 229 -34.33 31.50 -68.83
N VAL D 230 -33.68 30.72 -67.99
CA VAL D 230 -34.27 30.14 -66.78
C VAL D 230 -34.07 30.95 -65.50
N GLN D 231 -35.12 31.57 -65.02
CA GLN D 231 -35.05 32.32 -63.77
C GLN D 231 -35.87 31.69 -62.72
N THR D 232 -35.26 31.56 -61.58
CA THR D 232 -35.85 31.01 -60.40
C THR D 232 -36.49 32.17 -59.69
N THR D 233 -37.32 31.87 -58.71
CA THR D 233 -38.13 32.88 -58.05
C THR D 233 -37.37 33.77 -57.11
N ARG D 234 -36.35 33.22 -56.46
CA ARG D 234 -35.54 34.03 -55.59
C ARG D 234 -34.11 33.54 -55.68
N ASP D 235 -33.33 34.31 -56.41
CA ASP D 235 -31.94 33.99 -56.65
C ASP D 235 -31.12 35.07 -55.99
N VAL D 236 -30.31 34.67 -55.02
CA VAL D 236 -29.48 35.62 -54.30
C VAL D 236 -28.46 36.34 -55.18
N SER D 237 -28.12 35.76 -56.32
CA SER D 237 -27.08 36.30 -57.19
C SER D 237 -27.62 36.83 -58.51
N VAL D 238 -28.93 36.75 -58.69
CA VAL D 238 -29.55 37.24 -59.92
C VAL D 238 -30.93 37.76 -59.63
N PRO D 239 -31.07 39.07 -59.54
CA PRO D 239 -32.41 39.66 -59.44
C PRO D 239 -33.24 39.30 -60.67
N ALA D 240 -34.56 39.43 -60.60
CA ALA D 240 -35.41 39.18 -61.78
C ALA D 240 -35.24 40.27 -62.83
N SER D 241 -34.74 41.42 -62.40
CA SER D 241 -34.46 42.52 -63.30
C SER D 241 -33.41 42.09 -64.31
N VAL D 242 -32.37 41.41 -63.82
CA VAL D 242 -31.28 40.98 -64.68
C VAL D 242 -31.73 39.99 -65.76
N ALA D 243 -32.62 39.08 -65.41
CA ALA D 243 -33.11 38.15 -66.42
C ALA D 243 -33.92 38.89 -67.47
N ALA D 244 -34.62 39.95 -67.07
CA ALA D 244 -35.39 40.74 -68.02
C ALA D 244 -34.42 41.44 -68.98
N TYR D 245 -33.27 41.84 -68.44
CA TYR D 245 -32.21 42.49 -69.20
C TYR D 245 -31.59 41.53 -70.21
N LEU D 246 -31.38 40.27 -69.80
CA LEU D 246 -30.83 39.28 -70.72
C LEU D 246 -31.69 39.21 -71.97
N LYS D 247 -32.99 39.08 -71.79
CA LYS D 247 -33.88 38.83 -72.92
C LYS D 247 -34.10 40.09 -73.74
N ALA D 248 -33.71 41.24 -73.22
CA ALA D 248 -33.92 42.48 -73.96
C ALA D 248 -32.71 42.88 -74.75
N HIS D 249 -31.63 42.14 -74.62
CA HIS D 249 -30.38 42.61 -75.21
C HIS D 249 -29.59 41.50 -75.93
N LEU D 250 -29.88 40.24 -75.63
CA LEU D 250 -29.35 39.15 -76.44
C LEU D 250 -29.93 39.23 -77.86
N GLY D 251 -29.08 39.01 -78.86
CA GLY D 251 -29.47 39.15 -80.26
C GLY D 251 -30.62 38.28 -80.74
N GLY D 252 -30.42 36.96 -80.69
CA GLY D 252 -31.37 35.98 -81.19
C GLY D 252 -32.72 35.99 -80.48
N ARG D 253 -33.66 35.18 -80.96
CA ARG D 253 -34.99 35.17 -80.36
C ARG D 253 -34.92 34.52 -79.00
N THR D 254 -35.36 35.25 -77.97
CA THR D 254 -35.18 34.82 -76.59
C THR D 254 -36.50 34.70 -75.84
N THR D 255 -36.53 33.84 -74.84
CA THR D 255 -37.70 33.66 -73.98
C THR D 255 -37.22 33.48 -72.57
N VAL D 256 -38.13 33.58 -71.62
CA VAL D 256 -37.76 33.46 -70.23
C VAL D 256 -38.75 32.61 -69.46
N GLU D 257 -38.45 31.33 -69.34
CA GLU D 257 -39.20 30.49 -68.44
C GLU D 257 -38.93 30.98 -67.00
N PHE D 258 -39.98 31.16 -66.23
CA PHE D 258 -39.86 31.53 -64.82
C PHE D 258 -40.28 30.37 -63.94
N LEU D 259 -39.38 29.95 -63.07
CA LEU D 259 -39.62 28.77 -62.25
C LEU D 259 -40.20 29.15 -60.88
N GLN D 260 -41.19 28.36 -60.42
CA GLN D 260 -41.87 28.65 -59.16
C GLN D 260 -40.98 28.34 -57.96
N THR D 261 -39.85 27.69 -58.17
CA THR D 261 -39.00 27.36 -57.02
C THR D 261 -37.91 28.41 -56.75
N GLU D 262 -37.48 28.48 -55.49
CA GLU D 262 -36.46 29.42 -55.04
C GLU D 262 -35.06 28.83 -55.17
N GLY D 263 -34.09 29.67 -55.49
CA GLY D 263 -32.72 29.21 -55.41
C GLY D 263 -31.95 29.42 -56.69
N HIS D 264 -30.63 29.50 -56.56
CA HIS D 264 -29.77 29.77 -57.68
C HIS D 264 -29.26 28.50 -58.35
N LEU D 265 -29.46 27.35 -57.69
CA LEU D 265 -28.99 26.08 -58.23
C LEU D 265 -30.14 25.08 -58.47
N PRO D 266 -31.05 25.42 -59.39
CA PRO D 266 -32.23 24.57 -59.67
C PRO D 266 -31.91 23.12 -60.08
N HIS D 267 -30.77 22.87 -60.73
CA HIS D 267 -30.42 21.50 -61.10
C HIS D 267 -30.25 20.60 -59.87
N LEU D 268 -29.71 21.18 -58.80
CA LEU D 268 -29.55 20.51 -57.51
C LEU D 268 -30.83 20.58 -56.68
N SER D 269 -31.38 21.78 -56.57
CA SER D 269 -32.43 22.11 -55.65
C SER D 269 -33.84 21.74 -56.15
N ALA D 270 -34.07 21.79 -57.46
CA ALA D 270 -35.41 21.52 -58.00
C ALA D 270 -35.42 20.68 -59.28
N PRO D 271 -34.77 19.52 -59.28
CA PRO D 271 -34.62 18.70 -60.48
C PRO D 271 -35.94 18.11 -61.03
N SER D 272 -36.92 17.84 -60.18
CA SER D 272 -38.23 17.45 -60.69
C SER D 272 -38.76 18.52 -61.66
N LEU D 273 -38.65 19.79 -61.27
CA LEU D 273 -39.12 20.90 -62.10
C LEU D 273 -38.21 21.11 -63.32
N LEU D 274 -36.91 21.29 -63.06
CA LEU D 274 -35.94 21.70 -64.08
C LEU D 274 -35.88 20.74 -65.24
N ALA D 275 -35.78 19.45 -64.93
CA ALA D 275 -35.62 18.43 -65.93
C ALA D 275 -36.70 18.51 -67.03
N GLN D 276 -37.88 18.98 -66.63
CA GLN D 276 -39.02 19.09 -67.53
C GLN D 276 -38.92 20.34 -68.39
N VAL D 277 -38.50 21.44 -67.78
CA VAL D 277 -38.19 22.64 -68.52
C VAL D 277 -37.15 22.36 -69.59
N LEU D 278 -36.07 21.72 -69.19
CA LEU D 278 -35.02 21.34 -70.11
C LEU D 278 -35.58 20.57 -71.30
N ARG D 279 -36.34 19.50 -71.06
CA ARG D 279 -36.92 18.72 -72.15
C ARG D 279 -37.70 19.59 -73.13
N ARG D 280 -38.50 20.51 -72.63
CA ARG D 280 -39.34 21.30 -73.50
C ARG D 280 -38.52 22.39 -74.20
N ALA D 281 -37.30 22.59 -73.72
CA ALA D 281 -36.41 23.56 -74.36
C ALA D 281 -35.49 22.87 -75.36
N LEU D 282 -35.20 21.61 -75.17
CA LEU D 282 -34.28 20.91 -76.06
C LEU D 282 -35.02 20.01 -77.03
N ALA D 283 -36.31 20.27 -77.16
CA ALA D 283 -37.18 19.50 -78.02
C ALA D 283 -36.84 19.69 -79.48
N ARG D 284 -36.52 20.91 -79.86
CA ARG D 284 -36.27 21.21 -81.27
C ARG D 284 -35.21 22.28 -81.39
N TYR D 285 -34.18 22.02 -82.16
CA TYR D 285 -33.17 23.05 -82.43
C TYR D 285 -32.30 22.71 -83.63
N GLY E 20 -21.77 -33.92 -33.20
CA GLY E 20 -21.17 -32.73 -32.59
C GLY E 20 -19.66 -32.89 -32.37
N ALA E 21 -18.95 -31.77 -32.50
CA ALA E 21 -17.52 -31.75 -32.25
C ALA E 21 -17.20 -31.31 -30.81
N SER E 22 -18.15 -31.51 -29.90
CA SER E 22 -17.84 -31.48 -28.47
C SER E 22 -16.79 -32.55 -28.23
N LEU E 23 -16.58 -33.36 -29.25
CA LEU E 23 -15.48 -34.28 -29.34
C LEU E 23 -14.15 -33.56 -29.32
N LEU E 24 -14.07 -32.45 -30.04
CA LEU E 24 -12.86 -31.67 -30.05
C LEU E 24 -12.47 -31.31 -28.63
N GLN E 25 -13.41 -30.80 -27.87
CA GLN E 25 -13.16 -30.48 -26.48
C GLN E 25 -12.85 -31.74 -25.65
N ILE E 26 -13.66 -32.78 -25.77
CA ILE E 26 -13.48 -34.00 -24.97
C ILE E 26 -12.11 -34.64 -25.12
N LEU E 27 -11.60 -34.65 -26.34
CA LEU E 27 -10.31 -35.27 -26.60
C LEU E 27 -9.17 -34.26 -26.65
N ASN E 28 -9.42 -33.04 -26.18
CA ASN E 28 -8.37 -32.02 -26.11
C ASN E 28 -7.66 -31.69 -27.43
N VAL E 29 -8.40 -31.60 -28.51
CA VAL E 29 -7.79 -31.51 -29.82
C VAL E 29 -7.08 -30.18 -29.98
N ARG E 30 -5.93 -30.22 -30.64
CA ARG E 30 -5.13 -29.04 -30.83
C ARG E 30 -4.64 -28.96 -32.26
N VAL E 31 -4.62 -27.74 -32.81
CA VAL E 31 -4.09 -27.48 -34.14
C VAL E 31 -3.00 -26.43 -34.00
N VAL E 32 -1.83 -26.69 -34.56
CA VAL E 32 -0.65 -25.83 -34.39
C VAL E 32 0.13 -25.77 -35.69
N GLY E 33 0.66 -24.59 -35.99
CA GLY E 33 1.52 -24.46 -37.15
C GLY E 33 0.84 -23.77 -38.31
N SER E 34 1.48 -23.82 -39.46
CA SER E 34 0.89 -23.26 -40.66
C SER E 34 1.40 -24.03 -41.86
N GLY E 35 0.60 -24.04 -42.91
CA GLY E 35 0.94 -24.77 -44.11
C GLY E 35 -0.30 -25.38 -44.72
N GLU E 36 -0.17 -25.79 -45.97
CA GLU E 36 -1.27 -26.43 -46.66
C GLU E 36 -1.27 -27.92 -46.37
N ARG E 37 -0.08 -28.45 -46.06
CA ARG E 37 0.03 -29.85 -45.66
C ARG E 37 -0.35 -30.00 -44.20
N VAL E 38 -1.39 -30.80 -43.98
CA VAL E 38 -1.83 -31.19 -42.65
C VAL E 38 -1.10 -32.44 -42.21
N VAL E 39 -0.79 -32.51 -40.93
CA VAL E 39 -0.25 -33.74 -40.33
C VAL E 39 -0.98 -34.05 -39.06
N VAL E 40 -1.25 -35.31 -38.80
CA VAL E 40 -1.93 -35.66 -37.56
C VAL E 40 -0.99 -36.47 -36.74
N LEU E 41 -0.82 -36.09 -35.48
CA LEU E 41 0.01 -36.86 -34.59
C LEU E 41 -0.88 -37.61 -33.63
N SER E 42 -0.74 -38.95 -33.61
CA SER E 42 -1.58 -39.77 -32.73
C SER E 42 -0.74 -40.62 -31.81
N HIS E 43 -0.95 -40.49 -30.50
CA HIS E 43 -0.09 -41.18 -29.54
C HIS E 43 -0.56 -42.58 -29.17
N GLY E 44 0.26 -43.25 -28.37
CA GLY E 44 0.06 -44.65 -28.06
C GLY E 44 -0.34 -44.85 -26.62
N PHE E 45 -0.26 -46.09 -26.18
CA PHE E 45 -0.70 -46.47 -24.85
C PHE E 45 0.12 -45.80 -23.78
N GLY E 46 -0.57 -45.26 -22.79
CA GLY E 46 0.13 -44.77 -21.62
C GLY E 46 0.74 -43.39 -21.72
N THR E 47 0.52 -42.70 -22.81
CA THR E 47 0.93 -41.31 -22.91
C THR E 47 -0.24 -40.44 -23.32
N ASP E 48 0.02 -39.17 -23.60
CA ASP E 48 -0.93 -38.35 -24.33
C ASP E 48 -0.16 -37.53 -25.34
N GLN E 49 -0.81 -36.54 -25.93
CA GLN E 49 -0.17 -35.74 -26.97
C GLN E 49 1.08 -34.98 -26.49
N SER E 50 1.28 -34.85 -25.18
CA SER E 50 2.49 -34.21 -24.70
C SER E 50 3.71 -35.00 -25.11
N ALA E 51 3.53 -36.26 -25.49
CA ALA E 51 4.66 -37.08 -25.92
C ALA E 51 5.32 -36.53 -27.18
N TRP E 52 4.59 -35.73 -27.93
CA TRP E 52 5.07 -35.19 -29.20
C TRP E 52 5.72 -33.83 -29.09
N SER E 53 5.77 -33.29 -27.89
CA SER E 53 6.15 -31.89 -27.74
C SER E 53 7.56 -31.60 -28.22
N ARG E 54 8.46 -32.55 -28.05
CA ARG E 54 9.85 -32.32 -28.40
C ARG E 54 10.07 -32.20 -29.91
N VAL E 55 9.23 -32.85 -30.71
CA VAL E 55 9.44 -32.83 -32.16
C VAL E 55 8.50 -31.88 -32.86
N LEU E 56 7.43 -31.51 -32.17
CA LEU E 56 6.42 -30.63 -32.72
C LEU E 56 6.98 -29.34 -33.29
N PRO E 57 7.93 -28.72 -32.59
CA PRO E 57 8.47 -27.46 -33.10
C PRO E 57 9.28 -27.66 -34.36
N TYR E 58 9.56 -28.90 -34.74
CA TYR E 58 10.25 -29.16 -35.99
C TYR E 58 9.27 -29.39 -37.11
N LEU E 59 8.00 -29.30 -36.82
CA LEU E 59 7.01 -29.58 -37.83
C LEU E 59 6.12 -28.41 -38.13
N THR E 60 5.96 -27.55 -37.14
CA THR E 60 4.93 -26.52 -37.16
C THR E 60 5.25 -25.32 -38.07
N ARG E 61 6.48 -25.20 -38.56
CA ARG E 61 6.82 -24.05 -39.42
C ARG E 61 6.21 -24.23 -40.78
N ASP E 62 6.20 -25.45 -41.29
CA ASP E 62 5.69 -25.68 -42.62
C ASP E 62 4.62 -26.78 -42.67
N HIS E 63 4.09 -27.15 -41.52
CA HIS E 63 2.95 -28.05 -41.46
C HIS E 63 1.88 -27.50 -40.56
N ARG E 64 0.62 -27.75 -40.89
CA ARG E 64 -0.45 -27.60 -39.92
C ARG E 64 -0.54 -28.95 -39.19
N VAL E 65 -0.38 -28.94 -37.88
CA VAL E 65 -0.37 -30.16 -37.11
C VAL E 65 -1.60 -30.30 -36.23
N VAL E 66 -2.22 -31.46 -36.29
CA VAL E 66 -3.36 -31.78 -35.45
C VAL E 66 -2.92 -32.80 -34.45
N LEU E 67 -3.11 -32.49 -33.18
CA LEU E 67 -2.84 -33.42 -32.08
C LEU E 67 -4.11 -33.69 -31.28
N TYR E 68 -4.20 -34.86 -30.67
CA TYR E 68 -5.36 -35.15 -29.84
C TYR E 68 -4.99 -36.25 -28.90
N ASP E 69 -5.84 -36.46 -27.90
CA ASP E 69 -5.66 -37.51 -26.91
C ASP E 69 -6.64 -38.64 -27.14
N LEU E 70 -6.13 -39.87 -27.13
CA LEU E 70 -7.00 -41.04 -27.21
C LEU E 70 -7.97 -40.97 -26.06
N VAL E 71 -9.15 -41.56 -26.23
CA VAL E 71 -10.18 -41.47 -25.22
C VAL E 71 -9.70 -42.08 -23.89
N CYS E 72 -8.60 -42.79 -23.94
CA CYS E 72 -8.14 -43.52 -22.78
C CYS E 72 -6.97 -42.85 -22.04
N ALA E 73 -6.44 -41.77 -22.61
CA ALA E 73 -5.40 -41.01 -21.95
C ALA E 73 -5.84 -40.47 -20.60
N GLY E 74 -4.89 -40.30 -19.70
CA GLY E 74 -5.15 -39.79 -18.37
C GLY E 74 -5.58 -38.33 -18.38
N SER E 75 -5.48 -37.66 -19.53
CA SER E 75 -5.81 -36.25 -19.59
C SER E 75 -7.18 -36.00 -20.22
N VAL E 76 -7.88 -37.09 -20.52
CA VAL E 76 -9.28 -37.05 -20.92
C VAL E 76 -10.18 -37.43 -19.75
N ASN E 77 -11.37 -36.82 -19.61
CA ASN E 77 -12.28 -37.20 -18.54
C ASN E 77 -12.68 -38.68 -18.68
N PRO E 78 -12.33 -39.48 -17.68
CA PRO E 78 -12.54 -40.93 -17.76
C PRO E 78 -14.02 -41.32 -17.85
N ASP E 79 -14.93 -40.48 -17.35
CA ASP E 79 -16.36 -40.70 -17.57
C ASP E 79 -16.76 -40.89 -19.05
N HIS E 80 -15.99 -40.33 -19.97
CA HIS E 80 -16.24 -40.54 -21.39
C HIS E 80 -15.77 -41.93 -21.87
N PHE E 81 -15.18 -42.72 -21.00
CA PHE E 81 -14.69 -44.00 -21.46
C PHE E 81 -15.72 -45.10 -21.31
N ASP E 82 -16.31 -45.46 -22.44
CA ASP E 82 -17.35 -46.46 -22.51
C ASP E 82 -16.75 -47.83 -22.82
N PHE E 83 -16.64 -48.67 -21.81
CA PHE E 83 -16.00 -49.96 -21.99
C PHE E 83 -16.60 -50.83 -23.08
N ARG E 84 -17.90 -50.73 -23.33
CA ARG E 84 -18.44 -51.55 -24.40
C ARG E 84 -18.12 -50.97 -25.75
N ARG E 85 -18.31 -49.67 -25.92
CA ARG E 85 -17.98 -49.03 -27.19
C ARG E 85 -16.51 -49.27 -27.55
N TYR E 86 -15.61 -48.97 -26.65
CA TYR E 86 -14.20 -49.06 -27.02
C TYR E 86 -13.66 -50.46 -26.82
N ASP E 87 -14.48 -51.44 -27.15
CA ASP E 87 -14.16 -52.86 -27.01
C ASP E 87 -13.13 -53.31 -28.04
N ASN E 88 -13.16 -52.73 -29.23
CA ASN E 88 -12.06 -52.90 -30.15
C ASN E 88 -11.68 -51.56 -30.79
N LEU E 89 -10.83 -51.60 -31.79
CA LEU E 89 -10.20 -50.37 -32.26
C LEU E 89 -11.08 -49.56 -33.20
N ASP E 90 -12.18 -50.14 -33.68
CA ASP E 90 -13.05 -49.43 -34.60
C ASP E 90 -13.58 -48.14 -34.01
N ALA E 91 -13.86 -48.14 -32.71
CA ALA E 91 -14.36 -46.93 -32.06
C ALA E 91 -13.30 -45.81 -32.01
N TYR E 92 -12.04 -46.18 -31.80
CA TYR E 92 -10.95 -45.20 -31.80
C TYR E 92 -10.82 -44.58 -33.17
N VAL E 93 -11.03 -45.41 -34.18
CA VAL E 93 -11.01 -44.97 -35.56
C VAL E 93 -12.16 -43.98 -35.77
N ASP E 94 -13.34 -44.32 -35.28
CA ASP E 94 -14.48 -43.41 -35.38
C ASP E 94 -14.13 -42.03 -34.85
N ASP E 95 -13.49 -42.01 -33.69
CA ASP E 95 -13.09 -40.76 -33.07
C ASP E 95 -12.12 -39.98 -33.97
N LEU E 96 -11.13 -40.68 -34.50
CA LEU E 96 -10.16 -40.10 -35.40
C LEU E 96 -10.85 -39.44 -36.58
N LEU E 97 -11.75 -40.17 -37.19
CA LEU E 97 -12.37 -39.67 -38.41
C LEU E 97 -13.27 -38.51 -38.08
N ALA E 98 -13.90 -38.56 -36.91
CA ALA E 98 -14.86 -37.53 -36.55
C ALA E 98 -14.11 -36.22 -36.29
N ILE E 99 -12.90 -36.35 -35.76
CA ILE E 99 -12.08 -35.17 -35.51
C ILE E 99 -11.74 -34.49 -36.83
N LEU E 100 -11.28 -35.28 -37.79
CA LEU E 100 -11.01 -34.75 -39.13
C LEU E 100 -12.24 -34.14 -39.78
N ASP E 101 -13.38 -34.79 -39.65
CA ASP E 101 -14.60 -34.24 -40.23
C ASP E 101 -15.00 -32.96 -39.55
N ALA E 102 -14.90 -32.93 -38.22
CA ALA E 102 -15.24 -31.72 -37.49
C ALA E 102 -14.32 -30.55 -37.85
N LEU E 103 -13.08 -30.85 -38.23
CA LEU E 103 -12.14 -29.81 -38.61
C LEU E 103 -12.17 -29.50 -40.10
N ARG E 104 -12.92 -30.27 -40.85
CA ARG E 104 -13.04 -30.06 -42.29
C ARG E 104 -11.72 -30.30 -43.00
N ILE E 105 -10.98 -31.28 -42.51
CA ILE E 105 -9.75 -31.72 -43.15
C ILE E 105 -9.98 -32.93 -44.04
N PRO E 106 -9.86 -32.71 -45.35
CA PRO E 106 -10.13 -33.71 -46.38
C PRO E 106 -8.92 -34.56 -46.73
N ARG E 107 -7.75 -34.16 -46.26
CA ARG E 107 -6.54 -34.90 -46.58
C ARG E 107 -5.44 -34.51 -45.64
N CYS E 108 -4.64 -35.49 -45.26
CA CYS E 108 -3.60 -35.25 -44.29
C CYS E 108 -2.60 -36.37 -44.33
N ALA E 109 -1.51 -36.21 -43.59
CA ALA E 109 -0.63 -37.32 -43.32
C ALA E 109 -0.87 -37.72 -41.88
N PHE E 110 -0.76 -39.01 -41.60
CA PHE E 110 -0.98 -39.48 -40.26
C PHE E 110 0.32 -40.08 -39.70
N VAL E 111 0.62 -39.74 -38.46
CA VAL E 111 1.79 -40.23 -37.76
C VAL E 111 1.30 -41.01 -36.57
N GLY E 112 1.61 -42.29 -36.50
CA GLY E 112 1.02 -43.10 -35.46
C GLY E 112 2.02 -43.94 -34.70
N HIS E 113 1.95 -43.85 -33.39
CA HIS E 113 2.80 -44.64 -32.53
C HIS E 113 2.05 -45.81 -31.91
N SER E 114 2.59 -47.01 -32.04
CA SER E 114 2.07 -48.19 -31.33
C SER E 114 0.61 -48.49 -31.72
N VAL E 115 -0.29 -48.52 -30.75
CA VAL E 115 -1.69 -48.74 -31.05
C VAL E 115 -2.24 -47.73 -32.06
N SER E 116 -1.73 -46.51 -32.03
CA SER E 116 -2.18 -45.52 -33.02
C SER E 116 -1.70 -45.90 -34.42
N ALA E 117 -0.68 -46.72 -34.51
CA ALA E 117 -0.29 -47.20 -35.82
C ALA E 117 -1.37 -48.13 -36.35
N MET E 118 -1.92 -48.95 -35.47
CA MET E 118 -2.99 -49.83 -35.87
C MET E 118 -4.18 -48.96 -36.28
N ILE E 119 -4.54 -48.00 -35.45
CA ILE E 119 -5.67 -47.14 -35.74
C ILE E 119 -5.62 -46.52 -37.14
N GLY E 120 -4.50 -45.91 -37.47
CA GLY E 120 -4.41 -45.23 -38.73
C GLY E 120 -4.48 -46.19 -39.89
N ILE E 121 -4.00 -47.41 -39.68
CA ILE E 121 -4.10 -48.42 -40.71
C ILE E 121 -5.56 -48.72 -40.99
N LEU E 122 -6.32 -48.97 -39.95
CA LEU E 122 -7.76 -49.15 -40.10
C LEU E 122 -8.39 -47.91 -40.70
N ALA E 123 -7.86 -46.74 -40.38
CA ALA E 123 -8.51 -45.52 -40.82
C ALA E 123 -8.41 -45.38 -42.33
N SER E 124 -7.21 -45.52 -42.89
CA SER E 124 -7.02 -45.28 -44.31
C SER E 124 -7.64 -46.37 -45.16
N ILE E 125 -7.90 -47.52 -44.55
CA ILE E 125 -8.69 -48.53 -45.23
C ILE E 125 -10.12 -48.05 -45.30
N ARG E 126 -10.52 -47.35 -44.27
CA ARG E 126 -11.89 -46.91 -44.15
C ARG E 126 -12.11 -45.69 -45.02
N ARG E 127 -11.16 -44.76 -45.00
CA ARG E 127 -11.24 -43.56 -45.83
C ARG E 127 -9.94 -43.32 -46.58
N PRO E 128 -9.73 -44.04 -47.66
CA PRO E 128 -8.51 -44.06 -48.48
C PRO E 128 -8.12 -42.70 -49.02
N ASP E 129 -9.11 -41.85 -49.26
CA ASP E 129 -8.82 -40.58 -49.85
C ASP E 129 -8.29 -39.60 -48.81
N LEU E 130 -8.52 -39.89 -47.54
CA LEU E 130 -8.21 -38.94 -46.47
C LEU E 130 -6.74 -38.89 -46.06
N PHE E 131 -6.04 -40.02 -46.19
CA PHE E 131 -4.67 -40.10 -45.73
C PHE E 131 -3.72 -40.30 -46.89
N ALA E 132 -2.87 -39.31 -47.13
CA ALA E 132 -2.00 -39.32 -48.30
C ALA E 132 -0.77 -40.13 -48.04
N LYS E 133 -0.47 -40.35 -46.77
CA LYS E 133 0.76 -40.98 -46.35
C LYS E 133 0.65 -41.44 -44.91
N LEU E 134 1.23 -42.57 -44.57
CA LEU E 134 1.26 -42.98 -43.18
C LEU E 134 2.66 -43.11 -42.68
N VAL E 135 2.87 -42.68 -41.43
CA VAL E 135 4.15 -42.85 -40.75
C VAL E 135 3.90 -43.63 -39.46
N LEU E 136 4.44 -44.83 -39.40
CA LEU E 136 4.15 -45.71 -38.28
C LEU E 136 5.38 -45.91 -37.43
N ILE E 137 5.24 -45.65 -36.14
CA ILE E 137 6.34 -45.73 -35.19
C ILE E 137 6.05 -46.78 -34.16
N GLY E 138 7.01 -47.67 -33.92
CA GLY E 138 6.81 -48.76 -32.97
C GLY E 138 5.58 -49.56 -33.34
N ALA E 139 5.49 -49.92 -34.62
CA ALA E 139 4.26 -50.46 -35.17
C ALA E 139 4.30 -51.96 -35.27
N SER E 140 3.18 -52.56 -34.89
CA SER E 140 2.92 -53.98 -35.07
C SER E 140 1.51 -54.26 -35.56
N PRO E 141 1.33 -55.32 -36.36
CA PRO E 141 -0.03 -55.74 -36.74
C PRO E 141 -0.60 -56.73 -35.76
N ARG E 142 0.28 -57.31 -34.95
CA ARG E 142 -0.12 -58.28 -33.94
C ARG E 142 1.01 -58.50 -32.95
N PHE E 143 0.70 -58.35 -31.66
CA PHE E 143 1.72 -58.45 -30.60
C PHE E 143 1.90 -59.87 -30.07
N LEU E 144 0.85 -60.66 -30.15
CA LEU E 144 0.96 -62.06 -29.75
C LEU E 144 1.77 -62.87 -30.74
N ASN E 145 2.53 -63.83 -30.22
CA ASN E 145 3.19 -64.78 -31.07
C ASN E 145 2.14 -65.70 -31.70
N ASP E 146 2.54 -66.41 -32.74
CA ASP E 146 1.63 -67.30 -33.44
C ASP E 146 2.47 -68.38 -34.10
N SER E 147 1.83 -69.36 -34.72
CA SER E 147 2.51 -70.48 -35.35
C SER E 147 3.67 -70.04 -36.22
N ASP E 148 3.38 -69.23 -37.22
CA ASP E 148 4.38 -68.87 -38.20
C ASP E 148 4.85 -67.44 -37.97
N TYR E 149 4.43 -66.87 -36.85
CA TYR E 149 4.56 -65.44 -36.66
C TYR E 149 5.22 -65.09 -35.34
N HIS E 150 6.32 -64.35 -35.38
CA HIS E 150 6.98 -63.98 -34.15
C HIS E 150 6.59 -62.57 -33.79
N GLY E 151 5.61 -62.44 -32.89
CA GLY E 151 5.06 -61.15 -32.54
C GLY E 151 5.70 -60.47 -31.33
N GLY E 152 6.19 -61.27 -30.39
CA GLY E 152 6.96 -60.72 -29.28
C GLY E 152 6.41 -61.07 -27.92
N PHE E 153 5.18 -61.55 -27.87
CA PHE E 153 4.51 -61.83 -26.60
C PHE E 153 3.79 -63.17 -26.61
N GLU E 154 3.56 -63.71 -25.42
CA GLU E 154 2.80 -64.93 -25.23
C GLU E 154 1.64 -64.66 -24.28
N LEU E 155 0.60 -65.47 -24.37
CA LEU E 155 -0.60 -65.29 -23.58
C LEU E 155 -0.39 -65.34 -22.09
N GLU E 156 0.35 -66.33 -21.62
CA GLU E 156 0.60 -66.48 -20.19
C GLU E 156 1.27 -65.22 -19.65
N GLU E 157 2.23 -64.73 -20.41
CA GLU E 157 3.02 -63.60 -19.97
C GLU E 157 2.14 -62.36 -19.86
N ILE E 158 1.18 -62.25 -20.77
CA ILE E 158 0.23 -61.16 -20.79
C ILE E 158 -0.65 -61.20 -19.56
N GLN E 159 -1.06 -62.41 -19.20
CA GLN E 159 -1.93 -62.59 -18.06
C GLN E 159 -1.24 -62.09 -16.82
N GLN E 160 0.06 -62.35 -16.77
CA GLN E 160 0.88 -61.89 -15.64
C GLN E 160 1.00 -60.37 -15.57
N VAL E 161 1.05 -59.71 -16.71
CA VAL E 161 1.08 -58.25 -16.66
C VAL E 161 -0.23 -57.67 -16.09
N PHE E 162 -1.36 -58.16 -16.60
CA PHE E 162 -2.67 -57.87 -16.06
C PHE E 162 -2.72 -58.05 -14.54
N ASP E 163 -2.22 -59.16 -14.04
CA ASP E 163 -2.23 -59.37 -12.60
C ASP E 163 -1.45 -58.26 -11.88
N ALA E 164 -0.27 -57.95 -12.38
CA ALA E 164 0.59 -56.95 -11.80
C ALA E 164 -0.09 -55.60 -11.83
N MET E 165 -0.70 -55.29 -12.97
CA MET E 165 -1.38 -54.02 -13.07
C MET E 165 -2.55 -53.91 -12.13
N GLY E 166 -3.31 -55.00 -11.96
CA GLY E 166 -4.48 -54.99 -11.10
C GLY E 166 -4.10 -55.01 -9.63
N ALA E 167 -3.04 -55.73 -9.30
CA ALA E 167 -2.54 -55.85 -7.92
C ALA E 167 -2.18 -54.51 -7.30
N ASN E 168 -1.32 -53.75 -7.96
CA ASN E 168 -0.91 -52.46 -7.45
C ASN E 168 -0.41 -51.60 -8.59
N TYR E 169 -1.30 -50.80 -9.15
CA TYR E 169 -1.04 -50.25 -10.47
C TYR E 169 0.18 -49.32 -10.55
N SER E 170 0.33 -48.40 -9.59
CA SER E 170 1.44 -47.44 -9.61
C SER E 170 2.77 -48.14 -9.55
N ALA E 171 2.88 -49.10 -8.65
CA ALA E 171 4.13 -49.82 -8.49
C ALA E 171 4.46 -50.56 -9.77
N TRP E 172 3.43 -51.01 -10.47
CA TRP E 172 3.67 -51.62 -11.76
C TRP E 172 4.17 -50.61 -12.80
N ALA E 173 3.45 -49.51 -12.92
CA ALA E 173 3.80 -48.43 -13.85
C ALA E 173 5.26 -48.01 -13.70
N THR E 174 5.69 -47.84 -12.46
CA THR E 174 7.07 -47.47 -12.19
C THR E 174 8.09 -48.48 -12.72
N GLY E 175 7.77 -49.76 -12.61
CA GLY E 175 8.68 -50.79 -13.08
C GLY E 175 8.63 -50.91 -14.58
N TYR E 176 7.46 -50.65 -15.14
CA TYR E 176 7.25 -50.80 -16.56
C TYR E 176 7.86 -49.68 -17.40
N ALA E 177 7.74 -48.44 -16.93
CA ALA E 177 8.24 -47.30 -17.71
C ALA E 177 9.66 -47.48 -18.26
N PRO E 178 10.64 -47.77 -17.40
CA PRO E 178 12.05 -47.85 -17.81
C PRO E 178 12.31 -48.92 -18.83
N LEU E 179 11.54 -49.99 -18.77
CA LEU E 179 11.70 -51.07 -19.73
C LEU E 179 11.12 -50.74 -21.07
N ALA E 180 10.04 -49.98 -21.08
CA ALA E 180 9.48 -49.60 -22.38
C ALA E 180 10.32 -48.51 -23.02
N VAL E 181 10.83 -47.60 -22.19
CA VAL E 181 11.70 -46.55 -22.70
C VAL E 181 12.94 -47.23 -23.26
N GLY E 182 13.38 -48.27 -22.58
CA GLY E 182 14.45 -49.12 -23.08
C GLY E 182 15.81 -48.55 -22.76
N ALA E 183 16.15 -47.46 -23.44
CA ALA E 183 17.39 -46.75 -23.26
C ALA E 183 17.46 -46.04 -21.94
N ASP E 184 18.67 -45.66 -21.56
CA ASP E 184 18.87 -44.88 -20.36
C ASP E 184 18.70 -43.40 -20.65
N VAL E 185 17.46 -42.96 -20.77
CA VAL E 185 17.18 -41.54 -20.90
C VAL E 185 16.13 -41.19 -19.85
N PRO E 186 16.59 -40.95 -18.62
CA PRO E 186 15.74 -40.79 -17.44
C PRO E 186 14.62 -39.78 -17.67
N ALA E 187 14.84 -38.86 -18.58
CA ALA E 187 13.81 -37.86 -18.81
C ALA E 187 12.64 -38.49 -19.51
N ALA E 188 12.92 -39.47 -20.36
CA ALA E 188 11.84 -40.15 -21.05
C ALA E 188 11.14 -41.08 -20.07
N VAL E 189 11.94 -41.76 -19.25
CA VAL E 189 11.39 -42.60 -18.19
C VAL E 189 10.41 -41.83 -17.32
N GLN E 190 10.70 -40.57 -17.04
CA GLN E 190 9.89 -39.85 -16.07
C GLN E 190 8.59 -39.33 -16.70
N GLU E 191 8.61 -38.90 -17.97
CA GLU E 191 7.41 -38.43 -18.69
C GLU E 191 6.42 -39.53 -18.89
N PHE E 192 6.90 -40.68 -19.32
CA PHE E 192 6.09 -41.83 -19.54
C PHE E 192 5.44 -42.34 -18.28
N SER E 193 6.23 -42.45 -17.25
CA SER E 193 5.78 -42.91 -15.98
C SER E 193 4.68 -42.01 -15.48
N ARG E 194 4.88 -40.73 -15.70
CA ARG E 194 3.95 -39.73 -15.33
C ARG E 194 2.64 -39.84 -16.02
N THR E 195 2.63 -39.96 -17.32
CA THR E 195 1.37 -40.12 -18.04
C THR E 195 0.78 -41.54 -17.84
N LEU E 196 1.60 -42.50 -17.44
CA LEU E 196 1.08 -43.82 -17.10
C LEU E 196 0.33 -43.72 -15.81
N PHE E 197 0.88 -42.97 -14.87
CA PHE E 197 0.22 -42.75 -13.60
C PHE E 197 -1.15 -42.10 -13.81
N ASN E 198 -1.31 -41.27 -14.83
CA ASN E 198 -2.55 -40.52 -14.96
C ASN E 198 -3.73 -41.42 -15.33
N MET E 199 -3.44 -42.57 -15.93
CA MET E 199 -4.53 -43.45 -16.37
C MET E 199 -5.22 -44.16 -15.21
N ARG E 200 -6.53 -44.22 -15.27
CA ARG E 200 -7.26 -45.02 -14.32
C ARG E 200 -6.94 -46.48 -14.62
N PRO E 201 -6.62 -47.26 -13.59
CA PRO E 201 -6.10 -48.62 -13.76
C PRO E 201 -7.02 -49.50 -14.57
N ASP E 202 -8.32 -49.28 -14.44
CA ASP E 202 -9.26 -50.19 -15.05
C ASP E 202 -9.30 -49.90 -16.52
N ILE E 203 -9.09 -48.64 -16.86
CA ILE E 203 -9.00 -48.22 -18.25
C ILE E 203 -7.70 -48.69 -18.89
N SER E 204 -6.61 -48.69 -18.15
CA SER E 204 -5.36 -49.18 -18.70
C SER E 204 -5.47 -50.64 -19.04
N LEU E 205 -6.04 -51.41 -18.12
CA LEU E 205 -6.23 -52.83 -18.40
C LEU E 205 -7.06 -53.00 -19.64
N HIS E 206 -8.23 -52.36 -19.68
CA HIS E 206 -9.11 -52.54 -20.83
C HIS E 206 -8.42 -52.19 -22.16
N VAL E 207 -7.56 -51.17 -22.18
CA VAL E 207 -6.96 -50.76 -23.43
C VAL E 207 -5.79 -51.67 -23.77
N CYS E 208 -5.05 -52.04 -22.75
CA CYS E 208 -3.99 -53.02 -22.86
C CYS E 208 -4.54 -54.33 -23.46
N GLN E 209 -5.61 -54.81 -22.87
CA GLN E 209 -6.39 -55.93 -23.36
C GLN E 209 -6.79 -55.81 -24.84
N THR E 210 -7.35 -54.68 -25.22
CA THR E 210 -7.78 -54.49 -26.59
C THR E 210 -6.62 -54.59 -27.58
N VAL E 211 -5.45 -54.15 -27.16
CA VAL E 211 -4.31 -54.11 -28.03
C VAL E 211 -3.75 -55.49 -28.28
N PHE E 212 -3.83 -56.37 -27.29
CA PHE E 212 -3.24 -57.69 -27.45
C PHE E 212 -4.18 -58.66 -28.15
N LYS E 213 -5.46 -58.33 -28.20
CA LYS E 213 -6.37 -59.19 -28.95
C LYS E 213 -6.56 -58.68 -30.36
N THR E 214 -5.78 -57.67 -30.76
CA THR E 214 -5.92 -57.09 -32.10
C THR E 214 -4.98 -57.72 -33.13
N ASP E 215 -5.49 -58.09 -34.30
CA ASP E 215 -4.68 -58.74 -35.33
C ASP E 215 -5.06 -58.18 -36.67
N LEU E 216 -4.17 -57.38 -37.26
CA LEU E 216 -4.49 -56.71 -38.51
C LEU E 216 -3.80 -57.38 -39.67
N ARG E 217 -3.21 -58.52 -39.41
CA ARG E 217 -2.41 -59.17 -40.43
C ARG E 217 -3.24 -59.37 -41.67
N GLY E 218 -4.54 -59.59 -41.48
CA GLY E 218 -5.44 -59.81 -42.59
C GLY E 218 -5.80 -58.60 -43.44
N VAL E 219 -5.63 -57.40 -42.92
CA VAL E 219 -6.08 -56.26 -43.70
C VAL E 219 -4.92 -55.38 -44.16
N LEU E 220 -3.70 -55.77 -43.84
CA LEU E 220 -2.54 -54.96 -44.21
C LEU E 220 -2.48 -54.71 -45.71
N GLY E 221 -2.73 -55.75 -46.48
CA GLY E 221 -2.67 -55.66 -47.92
C GLY E 221 -3.71 -54.75 -48.52
N MET E 222 -4.66 -54.29 -47.71
CA MET E 222 -5.73 -53.42 -48.20
C MET E 222 -5.33 -51.97 -48.13
N VAL E 223 -4.31 -51.68 -47.35
CA VAL E 223 -3.82 -50.31 -47.29
C VAL E 223 -3.31 -49.94 -48.67
N ARG E 224 -3.69 -48.77 -49.15
CA ARG E 224 -3.15 -48.25 -50.39
C ARG E 224 -2.15 -47.11 -50.19
N ALA E 225 -2.31 -46.34 -49.12
CA ALA E 225 -1.43 -45.20 -48.86
C ALA E 225 0.04 -45.58 -48.76
N PRO E 226 0.92 -44.73 -49.32
CA PRO E 226 2.35 -44.94 -49.09
C PRO E 226 2.65 -44.92 -47.61
N CYS E 227 3.56 -45.75 -47.15
CA CYS E 227 3.83 -45.83 -45.73
C CYS E 227 5.31 -45.73 -45.44
N VAL E 228 5.64 -45.12 -44.32
CA VAL E 228 7.00 -45.15 -43.83
C VAL E 228 6.95 -45.85 -42.49
N VAL E 229 7.70 -46.92 -42.36
CA VAL E 229 7.73 -47.66 -41.12
C VAL E 229 9.01 -47.30 -40.33
N VAL E 230 8.84 -46.80 -39.12
CA VAL E 230 9.98 -46.37 -38.32
C VAL E 230 10.29 -47.39 -37.25
N GLN E 231 11.43 -48.05 -37.37
CA GLN E 231 11.78 -49.13 -36.47
C GLN E 231 13.00 -48.75 -35.66
N THR E 232 12.96 -48.98 -34.35
CA THR E 232 14.11 -48.75 -33.47
C THR E 232 14.85 -50.05 -33.21
N THR E 233 16.02 -49.95 -32.57
CA THR E 233 16.97 -51.04 -32.48
C THR E 233 16.64 -52.21 -31.54
N ARG E 234 16.11 -51.94 -30.35
CA ARG E 234 15.80 -53.05 -29.45
C ARG E 234 14.47 -52.76 -28.79
N ASP E 235 13.41 -52.95 -29.54
CA ASP E 235 12.10 -52.55 -29.12
C ASP E 235 11.46 -53.76 -28.48
N VAL E 236 11.28 -53.72 -27.17
CA VAL E 236 10.67 -54.84 -26.45
C VAL E 236 9.40 -55.34 -27.12
N SER E 237 8.53 -54.41 -27.42
CA SER E 237 7.25 -54.72 -28.06
C SER E 237 7.31 -55.04 -29.53
N VAL E 238 8.44 -54.82 -30.19
CA VAL E 238 8.45 -55.02 -31.63
C VAL E 238 9.75 -55.60 -32.12
N PRO E 239 9.78 -56.92 -32.27
CA PRO E 239 10.89 -57.60 -32.94
C PRO E 239 11.25 -56.91 -34.25
N ALA E 240 12.53 -56.81 -34.57
CA ALA E 240 12.97 -56.35 -35.87
C ALA E 240 12.19 -56.97 -37.02
N SER E 241 11.91 -58.27 -36.92
CA SER E 241 11.24 -58.96 -38.01
C SER E 241 9.80 -58.49 -38.22
N VAL E 242 9.15 -57.99 -37.18
CA VAL E 242 7.78 -57.49 -37.34
C VAL E 242 7.77 -56.35 -38.32
N ALA E 243 8.73 -55.44 -38.18
CA ALA E 243 8.86 -54.32 -39.08
C ALA E 243 9.06 -54.79 -40.51
N ALA E 244 9.86 -55.83 -40.69
CA ALA E 244 10.07 -56.39 -42.02
C ALA E 244 8.79 -56.96 -42.56
N TYR E 245 8.02 -57.57 -41.67
CA TYR E 245 6.78 -58.18 -42.04
C TYR E 245 5.81 -57.09 -42.51
N LEU E 246 5.70 -56.04 -41.71
CA LEU E 246 4.87 -54.90 -42.07
C LEU E 246 5.21 -54.43 -43.45
N LYS E 247 6.49 -54.24 -43.65
CA LYS E 247 7.01 -53.80 -44.93
C LYS E 247 6.55 -54.68 -46.04
N ALA E 248 6.58 -55.99 -45.81
CA ALA E 248 6.30 -56.92 -46.91
C ALA E 248 4.83 -57.01 -47.23
N HIS E 249 3.97 -56.65 -46.30
CA HIS E 249 2.57 -56.99 -46.50
C HIS E 249 1.64 -55.81 -46.61
N LEU E 250 2.06 -54.64 -46.11
CA LEU E 250 1.32 -53.41 -46.38
C LEU E 250 1.12 -53.27 -47.89
N GLY E 251 -0.09 -52.93 -48.31
CA GLY E 251 -0.43 -52.92 -49.73
C GLY E 251 -0.05 -51.65 -50.47
N GLY E 252 0.55 -50.69 -49.78
CA GLY E 252 0.94 -49.45 -50.42
C GLY E 252 2.43 -49.43 -50.63
N ARG E 253 2.91 -48.40 -51.31
CA ARG E 253 4.35 -48.23 -51.47
C ARG E 253 4.95 -48.01 -50.09
N THR E 254 5.92 -48.83 -49.70
CA THR E 254 6.36 -48.82 -48.31
C THR E 254 7.87 -48.78 -48.15
N THR E 255 8.37 -47.98 -47.22
CA THR E 255 9.81 -47.97 -46.91
C THR E 255 10.06 -48.11 -45.41
N VAL E 256 11.23 -48.61 -45.04
CA VAL E 256 11.54 -48.80 -43.64
C VAL E 256 12.71 -47.95 -43.22
N GLU E 257 12.51 -47.21 -42.14
CA GLU E 257 13.55 -46.38 -41.57
C GLU E 257 14.00 -47.01 -40.26
N PHE E 258 15.26 -47.40 -40.22
CA PHE E 258 15.86 -48.01 -39.03
C PHE E 258 16.59 -46.99 -38.18
N LEU E 259 16.06 -46.72 -37.00
CA LEU E 259 16.72 -45.83 -36.08
C LEU E 259 17.88 -46.50 -35.37
N GLN E 260 19.03 -45.83 -35.33
CA GLN E 260 20.16 -46.28 -34.52
C GLN E 260 19.78 -46.41 -33.04
N THR E 261 18.76 -45.69 -32.60
CA THR E 261 18.49 -45.64 -31.18
C THR E 261 17.66 -46.79 -30.68
N GLU E 262 17.82 -47.08 -29.40
CA GLU E 262 17.13 -48.15 -28.75
C GLU E 262 15.79 -47.70 -28.19
N GLY E 263 14.79 -48.56 -28.25
CA GLY E 263 13.61 -48.38 -27.43
C GLY E 263 12.34 -48.15 -28.20
N HIS E 264 11.24 -48.39 -27.52
CA HIS E 264 9.92 -48.43 -28.14
C HIS E 264 9.28 -47.04 -28.30
N LEU E 265 9.76 -46.03 -27.56
CA LEU E 265 9.18 -44.68 -27.63
C LEU E 265 10.18 -43.58 -28.08
N PRO E 266 10.58 -43.59 -29.37
CA PRO E 266 11.57 -42.61 -29.85
C PRO E 266 11.16 -41.16 -29.79
N HIS E 267 9.87 -40.84 -29.72
CA HIS E 267 9.54 -39.42 -29.59
C HIS E 267 9.83 -38.89 -28.19
N LEU E 268 9.96 -39.79 -27.22
CA LEU E 268 10.31 -39.40 -25.88
C LEU E 268 11.82 -39.45 -25.68
N SER E 269 12.45 -40.43 -26.28
CA SER E 269 13.80 -40.79 -25.93
C SER E 269 14.84 -40.51 -27.00
N ALA E 270 14.41 -40.33 -28.24
CA ALA E 270 15.33 -39.95 -29.31
C ALA E 270 14.81 -38.78 -30.15
N PRO E 271 14.23 -37.76 -29.52
CA PRO E 271 13.59 -36.74 -30.36
C PRO E 271 14.57 -35.97 -31.24
N SER E 272 15.82 -35.81 -30.83
CA SER E 272 16.81 -35.20 -31.72
C SER E 272 16.91 -36.02 -33.01
N LEU E 273 16.75 -37.33 -32.94
CA LEU E 273 16.80 -38.12 -34.17
C LEU E 273 15.43 -38.15 -34.87
N LEU E 274 14.39 -38.52 -34.13
CA LEU E 274 13.07 -38.72 -34.70
C LEU E 274 12.52 -37.52 -35.46
N ALA E 275 12.82 -36.34 -34.96
CA ALA E 275 12.34 -35.11 -35.58
C ALA E 275 12.83 -34.95 -37.01
N GLN E 276 14.06 -35.39 -37.28
CA GLN E 276 14.63 -35.22 -38.59
C GLN E 276 14.03 -36.28 -39.49
N VAL E 277 13.83 -37.46 -38.92
CA VAL E 277 13.17 -38.55 -39.60
C VAL E 277 11.78 -38.13 -40.04
N LEU E 278 11.05 -37.48 -39.14
CA LEU E 278 9.72 -37.02 -39.45
C LEU E 278 9.74 -35.91 -40.47
N ARG E 279 10.71 -35.03 -40.39
CA ARG E 279 10.76 -33.97 -41.36
C ARG E 279 10.92 -34.60 -42.72
N ARG E 280 11.82 -35.56 -42.84
CA ARG E 280 12.02 -36.16 -44.14
C ARG E 280 10.80 -36.98 -44.56
N ALA E 281 10.07 -37.54 -43.61
CA ALA E 281 8.94 -38.40 -43.96
C ALA E 281 7.75 -37.58 -44.40
N LEU E 282 7.70 -36.33 -44.00
CA LEU E 282 6.53 -35.51 -44.24
C LEU E 282 6.80 -34.35 -45.17
N ALA E 283 7.86 -34.43 -45.96
CA ALA E 283 8.28 -33.29 -46.76
C ALA E 283 7.45 -33.14 -48.04
N ARG E 284 6.97 -34.24 -48.59
CA ARG E 284 6.12 -34.14 -49.77
C ARG E 284 5.08 -35.24 -49.82
N TYR E 285 3.82 -34.85 -49.87
CA TYR E 285 2.76 -35.83 -50.03
C TYR E 285 1.46 -35.19 -50.50
N ALA F 21 34.22 -2.51 57.67
CA ALA F 21 34.99 -2.07 56.52
C ALA F 21 34.15 -1.23 55.56
N SER F 22 33.98 -1.73 54.34
CA SER F 22 33.37 -0.97 53.26
C SER F 22 31.93 -0.49 53.56
N LEU F 23 31.35 -1.04 54.61
CA LEU F 23 30.04 -0.63 55.08
C LEU F 23 30.06 0.82 55.54
N LEU F 24 31.25 1.36 55.77
CA LEU F 24 31.39 2.77 56.07
C LEU F 24 30.98 3.62 54.88
N GLN F 25 31.36 3.16 53.68
CA GLN F 25 31.02 3.84 52.44
C GLN F 25 29.54 3.72 52.20
N ILE F 26 29.04 2.50 52.29
CA ILE F 26 27.66 2.18 51.95
C ILE F 26 26.63 2.96 52.78
N LEU F 27 26.81 3.01 54.09
CA LEU F 27 25.89 3.70 55.00
C LEU F 27 26.29 5.15 55.28
N ASN F 28 27.19 5.66 54.43
CA ASN F 28 27.52 7.09 54.41
C ASN F 28 28.02 7.61 55.76
N VAL F 29 28.79 6.78 56.45
CA VAL F 29 29.26 7.09 57.80
C VAL F 29 30.07 8.36 57.91
N ARG F 30 29.75 9.15 58.93
CA ARG F 30 30.34 10.48 59.11
C ARG F 30 30.87 10.66 60.53
N VAL F 31 32.08 11.21 60.66
CA VAL F 31 32.60 11.55 61.97
C VAL F 31 32.81 13.05 62.01
N VAL F 32 32.40 13.66 63.10
CA VAL F 32 32.39 15.12 63.15
C VAL F 32 32.45 15.62 64.59
N GLY F 33 33.27 16.65 64.83
CA GLY F 33 33.43 17.23 66.14
C GLY F 33 34.74 16.80 66.76
N SER F 34 34.85 17.01 68.06
CA SER F 34 36.05 16.62 68.80
C SER F 34 35.67 16.43 70.25
N GLY F 35 36.45 15.63 70.97
CA GLY F 35 36.18 15.38 72.37
C GLY F 35 36.20 13.91 72.67
N GLU F 36 36.73 13.55 73.83
CA GLU F 36 36.83 12.16 74.24
C GLU F 36 35.46 11.48 74.23
N ARG F 37 34.42 12.26 74.51
CA ARG F 37 33.06 11.72 74.58
C ARG F 37 32.56 11.43 73.18
N VAL F 38 32.06 10.21 72.97
CA VAL F 38 31.58 9.80 71.66
C VAL F 38 30.07 9.66 71.61
N VAL F 39 29.47 10.28 70.60
CA VAL F 39 28.01 10.27 70.44
C VAL F 39 27.62 9.77 69.04
N VAL F 40 26.76 8.76 69.02
CA VAL F 40 26.23 8.20 67.79
C VAL F 40 24.82 8.71 67.54
N LEU F 41 24.58 9.22 66.34
CA LEU F 41 23.24 9.64 65.95
C LEU F 41 22.65 8.68 64.93
N SER F 42 21.49 8.12 65.25
CA SER F 42 20.83 7.17 64.39
C SER F 42 19.41 7.64 64.07
N HIS F 43 19.17 7.95 62.79
CA HIS F 43 17.90 8.48 62.32
C HIS F 43 16.82 7.40 62.17
N GLY F 44 15.56 7.80 62.04
CA GLY F 44 14.46 6.86 61.94
C GLY F 44 13.85 6.69 60.56
N PHE F 45 12.69 6.04 60.53
CA PHE F 45 12.01 5.74 59.27
C PHE F 45 11.78 6.96 58.43
N GLY F 46 12.24 6.91 57.19
CA GLY F 46 11.83 7.89 56.22
C GLY F 46 12.80 9.04 56.11
N THR F 47 13.84 9.00 56.92
CA THR F 47 14.86 10.03 56.87
C THR F 47 16.24 9.44 56.58
N ASP F 48 17.25 10.29 56.58
CA ASP F 48 18.62 9.85 56.60
C ASP F 48 19.30 10.72 57.63
N GLN F 49 20.61 10.64 57.71
CA GLN F 49 21.32 11.30 58.78
C GLN F 49 21.17 12.84 58.74
N SER F 50 20.67 13.39 57.63
CA SER F 50 20.51 14.84 57.47
C SER F 50 19.44 15.43 58.40
N ALA F 51 18.57 14.58 58.93
CA ALA F 51 17.59 15.04 59.91
C ALA F 51 18.26 15.60 61.18
N TRP F 52 19.50 15.21 61.43
CA TRP F 52 20.24 15.66 62.61
C TRP F 52 20.98 17.00 62.45
N SER F 53 20.91 17.63 61.30
CA SER F 53 21.74 18.82 60.99
C SER F 53 21.47 20.04 61.88
N ARG F 54 20.20 20.22 62.22
CA ARG F 54 19.75 21.36 62.99
C ARG F 54 20.23 21.32 64.44
N VAL F 55 20.63 20.16 64.93
CA VAL F 55 21.09 20.03 66.31
C VAL F 55 22.55 19.63 66.39
N LEU F 56 23.14 19.28 65.25
CA LEU F 56 24.54 18.81 65.24
C LEU F 56 25.56 19.86 65.75
N PRO F 57 25.40 21.13 65.35
CA PRO F 57 26.37 22.14 65.83
C PRO F 57 26.38 22.27 67.36
N TYR F 58 25.36 21.76 68.02
CA TYR F 58 25.24 21.90 69.46
C TYR F 58 25.98 20.81 70.20
N LEU F 59 26.44 19.80 69.48
CA LEU F 59 27.15 18.71 70.13
C LEU F 59 28.63 18.62 69.76
N THR F 60 28.97 19.13 68.58
CA THR F 60 30.28 18.92 67.97
C THR F 60 31.45 19.67 68.57
N ARG F 61 31.17 20.67 69.40
CA ARG F 61 32.26 21.43 70.02
C ARG F 61 32.94 20.60 71.11
N ASP F 62 32.17 19.74 71.78
CA ASP F 62 32.75 18.90 72.81
C ASP F 62 32.28 17.44 72.78
N HIS F 63 31.76 16.97 71.66
CA HIS F 63 31.57 15.52 71.47
C HIS F 63 32.03 15.10 70.09
N ARG F 64 32.67 13.94 70.01
CA ARG F 64 32.95 13.35 68.72
C ARG F 64 31.68 12.66 68.25
N VAL F 65 31.09 13.19 67.19
CA VAL F 65 29.77 12.77 66.72
C VAL F 65 29.83 11.81 65.53
N VAL F 66 29.23 10.64 65.69
CA VAL F 66 29.20 9.65 64.63
C VAL F 66 27.81 9.51 64.05
N LEU F 67 27.70 9.68 62.74
CA LEU F 67 26.41 9.57 62.09
C LEU F 67 26.47 8.60 60.91
N TYR F 68 25.36 7.95 60.62
CA TYR F 68 25.31 7.07 59.47
C TYR F 68 23.89 6.92 58.96
N ASP F 69 23.75 6.43 57.74
CA ASP F 69 22.42 6.23 57.16
C ASP F 69 21.98 4.82 57.37
N LEU F 70 20.75 4.64 57.83
CA LEU F 70 20.17 3.30 57.88
C LEU F 70 20.13 2.74 56.49
N VAL F 71 20.40 1.44 56.38
CA VAL F 71 20.55 0.78 55.08
C VAL F 71 19.31 0.96 54.21
N CYS F 72 18.18 1.33 54.80
CA CYS F 72 16.95 1.56 54.04
C CYS F 72 16.71 3.03 53.59
N ALA F 73 17.57 3.95 54.03
CA ALA F 73 17.55 5.36 53.59
C ALA F 73 17.78 5.53 52.09
N GLY F 74 16.95 6.34 51.44
CA GLY F 74 17.05 6.58 50.01
C GLY F 74 18.45 6.98 49.55
N SER F 75 19.21 7.50 50.50
CA SER F 75 20.59 7.92 50.33
C SER F 75 21.58 6.75 50.32
N VAL F 76 21.12 5.58 50.72
CA VAL F 76 21.90 4.36 50.54
C VAL F 76 21.54 3.77 49.18
N ASN F 77 22.53 3.24 48.48
CA ASN F 77 22.25 2.47 47.28
C ASN F 77 21.30 1.34 47.64
N PRO F 78 20.11 1.35 47.04
CA PRO F 78 19.05 0.41 47.41
C PRO F 78 19.30 -0.99 46.84
N ASP F 79 20.48 -1.23 46.29
CA ASP F 79 20.90 -2.57 45.94
C ASP F 79 21.51 -3.30 47.13
N HIS F 80 21.71 -2.56 48.21
CA HIS F 80 22.32 -3.17 49.36
C HIS F 80 21.28 -3.69 50.33
N PHE F 81 20.01 -3.42 50.04
CA PHE F 81 18.92 -3.86 50.90
C PHE F 81 18.53 -5.32 50.64
N ASP F 82 19.11 -6.19 51.45
CA ASP F 82 18.83 -7.61 51.45
C ASP F 82 17.54 -7.94 52.19
N PHE F 83 16.45 -8.16 51.45
CA PHE F 83 15.16 -8.40 52.06
C PHE F 83 15.15 -9.63 52.98
N ARG F 84 15.89 -10.66 52.60
CA ARG F 84 16.03 -11.82 53.45
C ARG F 84 16.78 -11.42 54.70
N ARG F 85 17.89 -10.72 54.49
CA ARG F 85 18.82 -10.40 55.57
C ARG F 85 18.18 -9.46 56.59
N TYR F 86 17.50 -8.44 56.09
CA TYR F 86 16.94 -7.43 56.96
C TYR F 86 15.52 -7.75 57.35
N ASP F 87 15.27 -9.01 57.68
CA ASP F 87 13.92 -9.45 57.98
C ASP F 87 13.48 -9.06 59.39
N ASN F 88 14.44 -8.82 60.28
CA ASN F 88 14.15 -8.23 61.58
C ASN F 88 15.24 -7.24 61.99
N LEU F 89 15.00 -6.50 63.06
CA LEU F 89 15.85 -5.36 63.40
C LEU F 89 17.27 -5.79 63.75
N ASP F 90 17.41 -7.10 64.00
CA ASP F 90 18.67 -7.71 64.37
C ASP F 90 19.75 -7.51 63.33
N ALA F 91 19.36 -7.45 62.07
CA ALA F 91 20.30 -7.14 60.99
C ALA F 91 20.72 -5.68 61.06
N TYR F 92 19.83 -4.81 61.55
CA TYR F 92 20.15 -3.40 61.72
C TYR F 92 21.13 -3.25 62.84
N VAL F 93 20.94 -4.06 63.87
CA VAL F 93 21.86 -4.06 65.00
C VAL F 93 23.25 -4.47 64.50
N ASP F 94 23.29 -5.48 63.64
CA ASP F 94 24.55 -6.02 63.12
C ASP F 94 25.37 -4.96 62.39
N ASP F 95 24.66 -4.05 61.73
CA ASP F 95 25.28 -2.97 60.98
C ASP F 95 25.86 -1.93 61.91
N LEU F 96 25.05 -1.50 62.87
CA LEU F 96 25.44 -0.47 63.83
C LEU F 96 26.67 -0.90 64.62
N LEU F 97 26.65 -2.14 65.10
CA LEU F 97 27.76 -2.66 65.88
C LEU F 97 29.00 -2.82 65.03
N ALA F 98 28.84 -3.11 63.74
CA ALA F 98 30.00 -3.33 62.89
C ALA F 98 30.69 -2.01 62.57
N ILE F 99 29.90 -0.96 62.38
CA ILE F 99 30.47 0.35 62.14
C ILE F 99 31.34 0.81 63.31
N LEU F 100 30.76 0.77 64.51
CA LEU F 100 31.46 1.18 65.73
C LEU F 100 32.78 0.44 65.91
N ASP F 101 32.77 -0.86 65.70
CA ASP F 101 33.98 -1.65 65.83
C ASP F 101 34.94 -1.26 64.73
N ALA F 102 34.40 -1.00 63.55
CA ALA F 102 35.20 -0.57 62.40
C ALA F 102 35.86 0.79 62.65
N LEU F 103 35.23 1.60 63.49
CA LEU F 103 35.79 2.88 63.87
C LEU F 103 36.65 2.76 65.13
N ARG F 104 36.64 1.58 65.74
CA ARG F 104 37.46 1.29 66.92
C ARG F 104 36.97 2.03 68.18
N ILE F 105 35.67 2.21 68.29
CA ILE F 105 35.06 2.90 69.42
C ILE F 105 34.66 1.94 70.54
N PRO F 106 35.32 2.06 71.69
CA PRO F 106 35.01 1.22 72.86
C PRO F 106 33.74 1.66 73.62
N ARG F 107 33.59 2.96 73.82
CA ARG F 107 32.43 3.45 74.56
C ARG F 107 31.85 4.70 73.92
N CYS F 108 30.53 4.76 73.91
CA CYS F 108 29.85 5.91 73.36
C CYS F 108 28.48 6.02 73.98
N ALA F 109 27.83 7.15 73.76
CA ALA F 109 26.43 7.30 74.07
C ALA F 109 25.65 7.15 72.79
N PHE F 110 24.43 6.64 72.88
CA PHE F 110 23.66 6.40 71.68
C PHE F 110 22.39 7.24 71.68
N VAL F 111 22.04 7.77 70.53
CA VAL F 111 20.79 8.49 70.40
C VAL F 111 19.99 7.86 69.28
N GLY F 112 18.77 7.47 69.57
CA GLY F 112 17.93 6.80 68.59
C GLY F 112 16.52 7.34 68.51
N HIS F 113 15.99 7.37 67.30
CA HIS F 113 14.64 7.82 67.01
C HIS F 113 13.84 6.78 66.21
N SER F 114 12.54 6.65 66.49
CA SER F 114 11.68 5.67 65.81
C SER F 114 12.28 4.25 65.90
N VAL F 115 12.52 3.64 64.75
CA VAL F 115 13.11 2.31 64.73
C VAL F 115 14.51 2.30 65.34
N SER F 116 15.19 3.44 65.36
CA SER F 116 16.56 3.48 65.88
C SER F 116 16.64 3.42 67.41
N ALA F 117 15.64 3.95 68.10
CA ALA F 117 15.55 3.76 69.54
C ALA F 117 15.51 2.26 69.85
N MET F 118 14.74 1.53 69.04
CA MET F 118 14.60 0.09 69.19
C MET F 118 15.92 -0.62 68.96
N ILE F 119 16.60 -0.21 67.90
CA ILE F 119 17.88 -0.80 67.53
C ILE F 119 18.90 -0.67 68.67
N GLY F 120 19.08 0.54 69.15
CA GLY F 120 20.03 0.80 70.21
C GLY F 120 19.69 0.03 71.46
N ILE F 121 18.40 -0.05 71.77
CA ILE F 121 17.95 -0.90 72.85
C ILE F 121 18.47 -2.32 72.66
N LEU F 122 18.37 -2.85 71.45
CA LEU F 122 18.85 -4.19 71.18
C LEU F 122 20.39 -4.27 71.20
N ALA F 123 21.02 -3.22 70.69
CA ALA F 123 22.48 -3.12 70.65
C ALA F 123 23.11 -3.07 72.03
N SER F 124 22.53 -2.27 72.92
CA SER F 124 23.00 -2.21 74.29
C SER F 124 22.80 -3.54 75.02
N ILE F 125 21.79 -4.30 74.62
CA ILE F 125 21.58 -5.61 75.19
C ILE F 125 22.63 -6.60 74.73
N ARG F 126 23.04 -6.48 73.46
CA ARG F 126 24.05 -7.38 72.92
C ARG F 126 25.44 -6.93 73.29
N ARG F 127 25.62 -5.64 73.53
CA ARG F 127 26.93 -5.11 73.90
C ARG F 127 26.83 -4.04 75.00
N PRO F 128 26.57 -4.49 76.22
CA PRO F 128 26.36 -3.59 77.37
C PRO F 128 27.62 -2.82 77.70
N ASP F 129 28.75 -3.37 77.27
CA ASP F 129 30.05 -2.76 77.46
C ASP F 129 30.16 -1.49 76.63
N LEU F 130 29.47 -1.48 75.49
CA LEU F 130 29.68 -0.49 74.44
C LEU F 130 28.93 0.83 74.67
N PHE F 131 27.77 0.79 75.30
CA PHE F 131 26.91 1.95 75.36
C PHE F 131 26.81 2.55 76.74
N ALA F 132 27.51 3.66 76.94
CA ALA F 132 27.53 4.34 78.23
C ALA F 132 26.19 4.99 78.55
N LYS F 133 25.36 5.17 77.53
CA LYS F 133 24.08 5.82 77.73
C LYS F 133 23.20 5.71 76.51
N LEU F 134 21.90 5.70 76.76
CA LEU F 134 20.91 5.64 75.70
C LEU F 134 19.95 6.82 75.76
N VAL F 135 19.76 7.48 74.64
CA VAL F 135 18.76 8.54 74.57
C VAL F 135 17.74 8.16 73.52
N LEU F 136 16.53 7.87 73.98
CA LEU F 136 15.51 7.38 73.08
C LEU F 136 14.53 8.49 72.74
N ILE F 137 14.19 8.58 71.46
CA ILE F 137 13.31 9.64 70.99
C ILE F 137 12.19 9.06 70.15
N GLY F 138 10.96 9.32 70.56
CA GLY F 138 9.80 8.82 69.85
C GLY F 138 9.82 7.31 69.79
N ALA F 139 10.20 6.70 70.90
CA ALA F 139 10.44 5.28 70.95
C ALA F 139 9.23 4.48 71.45
N SER F 140 9.14 3.26 70.96
CA SER F 140 8.13 2.35 71.37
C SER F 140 8.68 0.95 71.25
N PRO F 141 8.25 0.07 72.22
CA PRO F 141 8.76 -1.29 72.07
C PRO F 141 7.82 -2.17 71.32
N ARG F 142 6.62 -1.68 71.05
CA ARG F 142 5.57 -2.42 70.34
C ARG F 142 4.55 -1.44 69.80
N PHE F 143 4.45 -1.35 68.50
CA PHE F 143 3.52 -0.45 67.86
C PHE F 143 2.09 -0.97 67.86
N LEU F 144 1.88 -2.23 67.55
CA LEU F 144 0.54 -2.79 67.55
C LEU F 144 -0.05 -2.77 68.95
N ASN F 145 -1.38 -2.62 69.01
CA ASN F 145 -2.09 -2.79 70.26
C ASN F 145 -2.06 -4.25 70.67
N ASP F 146 -2.15 -4.49 71.95
CA ASP F 146 -2.25 -5.83 72.41
C ASP F 146 -3.27 -5.82 73.50
N SER F 147 -3.47 -6.96 74.12
CA SER F 147 -4.41 -7.14 75.17
C SER F 147 -4.35 -6.07 76.22
N ASP F 148 -3.28 -6.05 76.98
CA ASP F 148 -3.15 -5.09 78.05
C ASP F 148 -2.28 -3.95 77.62
N TYR F 149 -2.04 -3.90 76.34
CA TYR F 149 -1.08 -2.95 75.80
C TYR F 149 -1.62 -2.12 74.63
N HIS F 150 -1.88 -0.85 74.89
CA HIS F 150 -2.24 0.08 73.85
C HIS F 150 -0.98 0.60 73.16
N GLY F 151 -0.74 0.13 71.93
CA GLY F 151 0.45 0.50 71.19
C GLY F 151 0.21 1.61 70.20
N GLY F 152 -1.03 1.75 69.74
CA GLY F 152 -1.43 2.86 68.91
C GLY F 152 -1.84 2.52 67.49
N PHE F 153 -1.62 1.29 67.07
CA PHE F 153 -1.97 0.87 65.72
C PHE F 153 -2.76 -0.43 65.78
N GLU F 154 -3.68 -0.62 64.85
CA GLU F 154 -4.46 -1.86 64.77
C GLU F 154 -4.11 -2.57 63.47
N LEU F 155 -4.23 -3.90 63.44
CA LEU F 155 -3.82 -4.65 62.26
C LEU F 155 -4.49 -4.20 60.97
N GLU F 156 -5.82 -4.05 61.00
CA GLU F 156 -6.55 -3.56 59.84
C GLU F 156 -6.11 -2.16 59.44
N GLU F 157 -5.63 -1.40 60.41
CA GLU F 157 -5.17 -0.05 60.13
C GLU F 157 -3.85 -0.04 59.36
N ILE F 158 -2.88 -0.80 59.83
CA ILE F 158 -1.56 -0.81 59.19
C ILE F 158 -1.65 -1.45 57.82
N GLN F 159 -2.57 -2.39 57.64
CA GLN F 159 -2.77 -3.03 56.34
C GLN F 159 -3.23 -2.01 55.32
N GLN F 160 -4.07 -1.07 55.75
CA GLN F 160 -4.53 0.03 54.90
C GLN F 160 -3.42 1.02 54.54
N VAL F 161 -2.44 1.18 55.43
CA VAL F 161 -1.31 2.04 55.13
C VAL F 161 -0.43 1.38 54.06
N PHE F 162 -0.06 0.12 54.28
CA PHE F 162 0.58 -0.73 53.28
C PHE F 162 -0.09 -0.62 51.90
N ASP F 163 -1.40 -0.88 51.83
CA ASP F 163 -2.12 -0.78 50.56
C ASP F 163 -2.02 0.62 49.94
N ALA F 164 -2.00 1.64 50.79
CA ALA F 164 -1.86 3.03 50.35
C ALA F 164 -0.44 3.33 49.88
N MET F 165 0.53 2.80 50.61
CA MET F 165 1.93 2.87 50.20
C MET F 165 2.17 2.26 48.81
N GLY F 166 1.57 1.10 48.56
CA GLY F 166 1.78 0.39 47.31
C GLY F 166 0.97 0.89 46.12
N ALA F 167 -0.17 1.51 46.38
CA ALA F 167 -1.05 2.03 45.32
C ALA F 167 -0.42 3.22 44.59
N ASN F 168 0.06 4.19 45.36
CA ASN F 168 0.69 5.39 44.81
C ASN F 168 1.61 5.92 45.89
N TYR F 169 2.85 5.44 45.92
CA TYR F 169 3.76 5.75 47.00
C TYR F 169 3.98 7.25 47.16
N SER F 170 4.37 7.90 46.07
CA SER F 170 4.60 9.32 46.07
C SER F 170 3.40 10.05 46.62
N ALA F 171 2.22 9.72 46.12
CA ALA F 171 1.01 10.32 46.65
C ALA F 171 0.88 10.08 48.16
N TRP F 172 1.04 8.83 48.60
CA TRP F 172 0.98 8.50 50.03
C TRP F 172 1.91 9.37 50.88
N ALA F 173 3.14 9.56 50.43
CA ALA F 173 4.15 10.29 51.20
C ALA F 173 3.79 11.76 51.40
N THR F 174 3.46 12.46 50.33
CA THR F 174 2.95 13.81 50.44
C THR F 174 1.88 13.92 51.49
N GLY F 175 1.02 12.91 51.61
CA GLY F 175 -0.06 12.96 52.56
C GLY F 175 0.37 12.62 53.97
N TYR F 176 1.38 11.76 54.06
CA TYR F 176 1.80 11.21 55.34
C TYR F 176 2.66 12.21 56.12
N ALA F 177 3.57 12.84 55.40
CA ALA F 177 4.50 13.82 55.96
C ALA F 177 3.89 14.85 56.94
N PRO F 178 2.70 15.42 56.63
CA PRO F 178 2.14 16.41 57.57
C PRO F 178 1.59 15.78 58.86
N LEU F 179 1.29 14.48 58.81
CA LEU F 179 0.74 13.81 59.98
C LEU F 179 1.85 13.32 60.92
N ALA F 180 2.95 12.88 60.34
CA ALA F 180 4.12 12.47 61.13
C ALA F 180 4.78 13.63 61.85
N VAL F 181 4.87 14.76 61.17
CA VAL F 181 5.52 15.93 61.75
C VAL F 181 4.69 16.44 62.93
N GLY F 182 3.38 16.51 62.76
CA GLY F 182 2.53 16.97 63.84
C GLY F 182 2.29 18.46 63.78
N ALA F 183 3.20 19.23 64.36
CA ALA F 183 3.05 20.68 64.39
C ALA F 183 3.14 21.31 63.00
N ASP F 184 2.51 22.46 62.81
CA ASP F 184 2.64 23.17 61.54
C ASP F 184 4.03 23.77 61.49
N VAL F 185 4.94 22.95 60.97
CA VAL F 185 6.29 23.37 60.71
C VAL F 185 6.56 22.95 59.27
N PRO F 186 6.24 23.83 58.33
CA PRO F 186 6.36 23.61 56.90
C PRO F 186 7.75 23.10 56.52
N ALA F 187 8.77 23.77 57.05
CA ALA F 187 10.15 23.37 56.79
C ALA F 187 10.39 21.92 57.19
N ALA F 188 9.71 21.46 58.24
CA ALA F 188 9.89 20.08 58.66
C ALA F 188 9.04 19.14 57.80
N VAL F 189 7.81 19.53 57.52
CA VAL F 189 6.99 18.77 56.62
C VAL F 189 7.57 18.67 55.21
N GLN F 190 8.49 19.57 54.86
CA GLN F 190 9.11 19.44 53.54
C GLN F 190 10.44 18.67 53.59
N GLU F 191 11.06 18.65 54.76
CA GLU F 191 12.27 17.85 54.96
C GLU F 191 11.96 16.37 55.15
N PHE F 192 10.82 16.05 55.73
CA PHE F 192 10.44 14.66 55.88
C PHE F 192 9.88 14.15 54.56
N SER F 193 9.19 15.03 53.86
CA SER F 193 8.69 14.75 52.53
C SER F 193 9.81 14.35 51.59
N ARG F 194 10.79 15.24 51.44
CA ARG F 194 11.88 14.94 50.54
C ARG F 194 12.52 13.59 50.83
N THR F 195 12.95 13.38 52.07
CA THR F 195 13.69 12.15 52.33
C THR F 195 12.78 10.90 52.24
N LEU F 196 11.46 11.08 52.32
CA LEU F 196 10.53 9.97 52.24
C LEU F 196 10.36 9.52 50.81
N PHE F 197 10.59 10.48 49.92
CA PHE F 197 10.50 10.29 48.48
C PHE F 197 11.66 9.45 47.94
N ASN F 198 12.87 9.75 48.40
CA ASN F 198 14.08 9.07 47.97
C ASN F 198 14.06 7.55 48.24
N MET F 199 13.25 7.12 49.20
CA MET F 199 13.18 5.70 49.47
C MET F 199 12.44 4.99 48.36
N ARG F 200 13.00 3.88 47.92
CA ARG F 200 12.30 3.01 46.99
C ARG F 200 11.17 2.34 47.75
N PRO F 201 9.96 2.42 47.21
CA PRO F 201 8.74 1.92 47.85
C PRO F 201 8.81 0.50 48.43
N ASP F 202 9.44 -0.41 47.73
CA ASP F 202 9.38 -1.80 48.10
C ASP F 202 10.11 -1.97 49.42
N ILE F 203 11.13 -1.15 49.62
CA ILE F 203 11.91 -1.14 50.84
C ILE F 203 11.21 -0.39 51.98
N SER F 204 10.58 0.72 51.63
CA SER F 204 9.80 1.47 52.59
C SER F 204 8.68 0.59 53.17
N LEU F 205 8.11 -0.26 52.32
CA LEU F 205 7.12 -1.22 52.75
C LEU F 205 7.72 -2.35 53.57
N HIS F 206 8.85 -2.87 53.15
CA HIS F 206 9.48 -3.93 53.91
C HIS F 206 9.85 -3.48 55.33
N VAL F 207 10.30 -2.23 55.48
CA VAL F 207 10.69 -1.67 56.77
C VAL F 207 9.52 -1.43 57.70
N CYS F 208 8.44 -0.89 57.14
CA CYS F 208 7.23 -0.66 57.92
C CYS F 208 6.68 -1.97 58.44
N GLN F 209 6.69 -2.98 57.57
CA GLN F 209 6.36 -4.33 57.97
C GLN F 209 7.22 -4.74 59.14
N THR F 210 8.53 -4.66 58.96
CA THR F 210 9.49 -5.01 60.00
C THR F 210 9.32 -4.24 61.30
N VAL F 211 9.25 -2.92 61.19
CA VAL F 211 9.12 -2.12 62.39
C VAL F 211 7.80 -2.44 63.07
N PHE F 212 6.81 -2.80 62.27
CA PHE F 212 5.47 -3.05 62.78
C PHE F 212 5.31 -4.45 63.36
N LYS F 213 6.31 -5.31 63.14
CA LYS F 213 6.27 -6.65 63.70
C LYS F 213 7.03 -6.69 65.02
N THR F 214 7.84 -5.67 65.26
CA THR F 214 8.68 -5.62 66.44
C THR F 214 7.90 -5.70 67.75
N ASP F 215 8.37 -6.54 68.67
CA ASP F 215 7.84 -6.55 70.03
C ASP F 215 8.97 -6.74 71.04
N LEU F 216 9.43 -5.64 71.61
CA LEU F 216 10.61 -5.70 72.47
C LEU F 216 10.27 -5.79 73.94
N ARG F 217 8.99 -5.77 74.26
CA ARG F 217 8.55 -5.74 75.65
C ARG F 217 9.25 -6.79 76.51
N GLY F 218 9.42 -7.98 75.97
CA GLY F 218 10.08 -9.06 76.68
C GLY F 218 11.51 -8.80 77.14
N VAL F 219 12.23 -7.90 76.48
CA VAL F 219 13.65 -7.79 76.75
C VAL F 219 14.04 -6.45 77.33
N LEU F 220 13.08 -5.57 77.57
CA LEU F 220 13.39 -4.24 78.09
C LEU F 220 14.11 -4.30 79.44
N GLY F 221 13.78 -5.28 80.25
CA GLY F 221 14.43 -5.41 81.54
C GLY F 221 15.89 -5.83 81.50
N MET F 222 16.36 -6.22 80.33
CA MET F 222 17.74 -6.67 80.18
C MET F 222 18.69 -5.50 79.92
N VAL F 223 18.16 -4.40 79.40
CA VAL F 223 18.94 -3.18 79.23
C VAL F 223 19.57 -2.77 80.56
N ARG F 224 20.87 -2.51 80.57
CA ARG F 224 21.56 -2.15 81.79
C ARG F 224 22.08 -0.73 81.76
N ALA F 225 22.08 -0.12 80.58
CA ALA F 225 22.58 1.24 80.45
C ALA F 225 21.52 2.21 80.89
N PRO F 226 21.95 3.32 81.50
CA PRO F 226 21.02 4.39 81.81
C PRO F 226 20.42 4.97 80.53
N CYS F 227 19.13 5.25 80.56
CA CYS F 227 18.45 5.74 79.38
C CYS F 227 17.70 7.02 79.65
N VAL F 228 17.59 7.85 78.62
CA VAL F 228 16.70 8.98 78.65
C VAL F 228 15.63 8.75 77.60
N VAL F 229 14.37 8.70 78.03
CA VAL F 229 13.26 8.53 77.10
C VAL F 229 12.63 9.87 76.71
N VAL F 230 12.93 10.34 75.50
CA VAL F 230 12.41 11.63 75.09
C VAL F 230 11.03 11.44 74.47
N GLN F 231 10.04 12.13 74.99
CA GLN F 231 8.70 11.97 74.46
C GLN F 231 8.07 13.32 74.22
N THR F 232 7.32 13.41 73.13
CA THR F 232 6.64 14.64 72.77
C THR F 232 5.15 14.54 73.03
N THR F 233 4.48 15.68 72.94
CA THR F 233 3.10 15.84 73.38
C THR F 233 2.07 14.97 72.67
N ARG F 234 2.07 14.97 71.35
CA ARG F 234 1.00 14.26 70.67
C ARG F 234 1.57 13.46 69.53
N ASP F 235 2.51 12.59 69.87
CA ASP F 235 3.15 11.74 68.89
C ASP F 235 2.08 10.80 68.38
N VAL F 236 1.81 10.87 67.08
CA VAL F 236 0.75 10.09 66.46
C VAL F 236 1.14 8.63 66.31
N SER F 237 2.42 8.33 66.54
CA SER F 237 2.89 6.95 66.49
C SER F 237 3.23 6.43 67.89
N VAL F 238 3.39 7.34 68.84
CA VAL F 238 3.74 6.92 70.20
C VAL F 238 2.82 7.56 71.22
N PRO F 239 1.85 6.77 71.70
CA PRO F 239 1.00 7.23 72.79
C PRO F 239 1.83 7.46 74.05
N ALA F 240 1.39 8.39 74.89
CA ALA F 240 2.13 8.77 76.09
C ALA F 240 2.24 7.62 77.08
N SER F 241 1.25 6.73 77.09
CA SER F 241 1.29 5.60 78.01
C SER F 241 2.44 4.68 77.64
N VAL F 242 2.76 4.62 76.35
CA VAL F 242 3.83 3.75 75.85
C VAL F 242 5.18 4.20 76.35
N ALA F 243 5.37 5.52 76.36
CA ALA F 243 6.58 6.13 76.89
C ALA F 243 6.70 5.85 78.37
N ALA F 244 5.56 5.83 79.06
CA ALA F 244 5.54 5.55 80.49
C ALA F 244 5.83 4.07 80.71
N TYR F 245 5.25 3.24 79.84
CA TYR F 245 5.53 1.82 79.85
C TYR F 245 7.02 1.58 79.66
N LEU F 246 7.55 2.21 78.63
CA LEU F 246 8.95 2.14 78.29
C LEU F 246 9.85 2.49 79.48
N LYS F 247 9.59 3.63 80.09
CA LYS F 247 10.40 4.08 81.22
C LYS F 247 10.37 3.05 82.32
N ALA F 248 9.17 2.61 82.67
CA ALA F 248 8.98 1.70 83.79
C ALA F 248 9.74 0.40 83.63
N HIS F 249 9.67 -0.19 82.45
CA HIS F 249 10.13 -1.55 82.27
C HIS F 249 11.57 -1.67 81.78
N LEU F 250 12.14 -0.55 81.35
CA LEU F 250 13.54 -0.52 80.94
C LEU F 250 14.48 -0.85 82.11
N GLY F 251 15.43 -1.75 81.86
CA GLY F 251 16.24 -2.31 82.93
C GLY F 251 17.30 -1.40 83.54
N GLY F 252 17.75 -0.40 82.79
CA GLY F 252 18.75 0.51 83.32
C GLY F 252 18.14 1.64 84.12
N ARG F 253 18.96 2.58 84.56
CA ARG F 253 18.48 3.77 85.24
C ARG F 253 17.86 4.68 84.20
N THR F 254 16.64 5.13 84.46
CA THR F 254 15.86 5.74 83.42
C THR F 254 15.26 7.06 83.84
N THR F 255 15.25 8.01 82.93
CA THR F 255 14.58 9.26 83.20
C THR F 255 13.76 9.66 81.99
N VAL F 256 12.70 10.42 82.24
CA VAL F 256 11.82 10.85 81.17
C VAL F 256 11.98 12.33 80.85
N GLU F 257 12.06 12.63 79.55
CA GLU F 257 12.07 14.00 79.08
C GLU F 257 10.86 14.25 78.21
N PHE F 258 9.88 14.94 78.77
CA PHE F 258 8.65 15.26 78.02
C PHE F 258 8.74 16.67 77.45
N LEU F 259 8.78 16.74 76.13
CA LEU F 259 8.90 18.00 75.41
C LEU F 259 7.56 18.72 75.25
N GLN F 260 7.60 20.05 75.31
CA GLN F 260 6.42 20.88 75.17
C GLN F 260 5.81 20.76 73.76
N THR F 261 6.65 20.48 72.78
CA THR F 261 6.23 20.56 71.39
C THR F 261 5.52 19.31 70.89
N GLU F 262 4.89 19.42 69.75
CA GLU F 262 4.10 18.33 69.23
C GLU F 262 4.72 17.66 68.00
N GLY F 263 4.60 16.34 67.93
CA GLY F 263 4.96 15.61 66.73
C GLY F 263 5.99 14.52 66.91
N HIS F 264 6.12 13.67 65.90
CA HIS F 264 6.99 12.51 65.98
C HIS F 264 8.47 12.81 65.70
N LEU F 265 8.73 13.87 64.94
CA LEU F 265 10.10 14.19 64.53
C LEU F 265 10.59 15.53 65.07
N PRO F 266 10.93 15.55 66.37
CA PRO F 266 11.37 16.76 67.03
C PRO F 266 12.76 17.23 66.59
N HIS F 267 13.58 16.33 66.05
CA HIS F 267 14.90 16.73 65.57
C HIS F 267 14.73 17.47 64.23
N LEU F 268 13.61 17.24 63.58
CA LEU F 268 13.22 18.06 62.45
C LEU F 268 12.39 19.29 62.86
N SER F 269 11.37 19.09 63.67
CA SER F 269 10.33 20.09 63.81
C SER F 269 10.51 21.00 65.02
N ALA F 270 11.35 20.58 65.96
CA ALA F 270 11.62 21.42 67.12
C ALA F 270 13.04 21.31 67.61
N PRO F 271 14.02 21.57 66.74
CA PRO F 271 15.44 21.41 67.10
C PRO F 271 15.98 22.36 68.18
N SER F 272 15.61 23.64 68.16
CA SER F 272 16.00 24.62 69.18
C SER F 272 15.85 24.09 70.59
N LEU F 273 14.77 23.37 70.86
CA LEU F 273 14.57 22.76 72.17
C LEU F 273 15.40 21.49 72.27
N LEU F 274 15.21 20.62 71.29
CA LEU F 274 15.84 19.32 71.26
C LEU F 274 17.35 19.38 71.38
N ALA F 275 17.95 20.33 70.69
CA ALA F 275 19.40 20.44 70.76
C ALA F 275 19.80 20.63 72.21
N GLN F 276 19.01 21.41 72.95
CA GLN F 276 19.24 21.67 74.37
C GLN F 276 18.94 20.47 75.24
N VAL F 277 17.90 19.73 74.88
CA VAL F 277 17.56 18.54 75.63
C VAL F 277 18.70 17.55 75.53
N LEU F 278 19.32 17.49 74.36
CA LEU F 278 20.43 16.57 74.09
C LEU F 278 21.72 16.96 74.78
N ARG F 279 22.02 18.25 74.85
CA ARG F 279 23.23 18.70 75.52
C ARG F 279 23.13 18.32 76.97
N ARG F 280 21.95 18.47 77.56
CA ARG F 280 21.81 18.05 78.94
C ARG F 280 21.94 16.52 79.05
N ALA F 281 21.41 15.80 78.07
CA ALA F 281 21.42 14.34 78.11
C ALA F 281 22.82 13.77 77.93
N LEU F 282 23.66 14.44 77.16
CA LEU F 282 24.98 13.91 76.87
C LEU F 282 26.11 14.60 77.64
N ALA F 283 25.75 15.30 78.71
CA ALA F 283 26.73 16.07 79.45
C ALA F 283 27.68 15.18 80.25
N ARG F 284 27.24 14.00 80.64
CA ARG F 284 28.13 13.13 81.40
C ARG F 284 27.79 11.65 81.35
N TYR F 285 28.71 10.85 80.80
CA TYR F 285 28.50 9.41 80.73
C TYR F 285 29.82 8.64 80.63
N ALA G 21 12.63 3.88 11.43
CA ALA G 21 13.86 4.30 12.11
C ALA G 21 13.66 4.22 13.61
N SER G 22 14.71 4.57 14.35
CA SER G 22 14.72 4.40 15.79
C SER G 22 13.88 5.44 16.52
N LEU G 23 13.35 6.42 15.78
CA LEU G 23 12.43 7.38 16.38
C LEU G 23 11.17 6.68 16.84
N LEU G 24 10.71 5.72 16.03
CA LEU G 24 9.54 4.93 16.36
C LEU G 24 9.74 4.18 17.65
N GLN G 25 10.96 3.76 17.91
CA GLN G 25 11.26 3.11 19.19
C GLN G 25 11.41 4.10 20.36
N ILE G 26 12.11 5.21 20.13
CA ILE G 26 12.43 6.13 21.20
C ILE G 26 11.18 6.79 21.79
N LEU G 27 10.20 7.04 20.94
CA LEU G 27 8.97 7.64 21.42
C LEU G 27 7.90 6.57 21.60
N ASN G 28 8.35 5.31 21.58
CA ASN G 28 7.51 4.16 21.88
C ASN G 28 6.23 4.07 21.03
N VAL G 29 6.37 4.20 19.71
CA VAL G 29 5.21 4.32 18.86
C VAL G 29 4.43 3.03 18.79
N ARG G 30 3.11 3.14 18.77
CA ARG G 30 2.22 1.99 18.75
C ARG G 30 1.18 2.13 17.64
N VAL G 31 1.04 1.09 16.83
CA VAL G 31 -0.08 1.08 15.89
C VAL G 31 -1.06 0.02 16.31
N VAL G 32 -2.34 0.35 16.23
CA VAL G 32 -3.38 -0.58 16.63
C VAL G 32 -4.65 -0.40 15.78
N GLY G 33 -5.37 -1.49 15.57
CA GLY G 33 -6.62 -1.45 14.83
C GLY G 33 -6.53 -1.69 13.33
N SER G 34 -7.55 -2.32 12.77
CA SER G 34 -7.67 -2.47 11.32
C SER G 34 -8.52 -1.34 10.77
N GLY G 35 -8.20 -0.87 9.56
CA GLY G 35 -8.96 0.21 8.96
C GLY G 35 -8.23 1.06 7.93
N GLU G 36 -8.98 1.62 7.00
CA GLU G 36 -8.45 2.52 5.98
C GLU G 36 -8.16 3.89 6.59
N ARG G 37 -9.13 4.42 7.34
CA ARG G 37 -8.96 5.71 7.99
C ARG G 37 -7.94 5.63 9.11
N VAL G 38 -6.92 6.47 9.02
CA VAL G 38 -5.85 6.50 10.00
C VAL G 38 -6.10 7.58 11.02
N VAL G 39 -5.95 7.25 12.30
CA VAL G 39 -6.09 8.24 13.34
C VAL G 39 -4.84 8.31 14.22
N VAL G 40 -4.47 9.52 14.59
CA VAL G 40 -3.31 9.77 15.42
C VAL G 40 -3.74 10.31 16.76
N LEU G 41 -3.34 9.65 17.85
CA LEU G 41 -3.60 10.10 19.21
C LEU G 41 -2.35 10.71 19.84
N SER G 42 -2.43 11.98 20.21
CA SER G 42 -1.27 12.68 20.73
C SER G 42 -1.58 13.37 22.05
N HIS G 43 -0.92 12.91 23.10
CA HIS G 43 -1.22 13.37 24.45
C HIS G 43 -0.57 14.70 24.77
N GLY G 44 -0.94 15.23 25.93
CA GLY G 44 -0.44 16.51 26.37
C GLY G 44 0.48 16.40 27.56
N PHE G 45 0.70 17.53 28.22
CA PHE G 45 1.64 17.63 29.32
C PHE G 45 1.25 16.77 30.49
N GLY G 46 2.26 16.20 31.14
CA GLY G 46 2.01 15.44 32.34
C GLY G 46 1.55 13.99 32.19
N THR G 47 1.33 13.53 30.97
CA THR G 47 0.95 12.14 30.79
C THR G 47 1.74 11.44 29.69
N ASP G 48 1.27 10.26 29.30
CA ASP G 48 1.78 9.65 28.08
C ASP G 48 0.63 8.99 27.34
N GLN G 49 0.96 8.15 26.37
CA GLN G 49 -0.09 7.63 25.51
C GLN G 49 -1.03 6.74 26.27
N SER G 50 -0.60 6.25 27.44
CA SER G 50 -1.47 5.41 28.24
C SER G 50 -2.73 6.18 28.68
N ALA G 51 -2.71 7.51 28.58
CA ALA G 51 -3.92 8.31 28.82
C ALA G 51 -5.08 8.03 27.86
N TRP G 52 -4.81 7.43 26.71
CA TRP G 52 -5.85 7.23 25.71
C TRP G 52 -6.57 5.88 25.84
N SER G 53 -6.01 4.96 26.61
CA SER G 53 -6.45 3.57 26.63
C SER G 53 -7.95 3.36 26.82
N ARG G 54 -8.60 4.20 27.60
CA ARG G 54 -10.04 4.04 27.82
C ARG G 54 -10.89 4.33 26.56
N VAL G 55 -10.46 5.22 25.69
CA VAL G 55 -11.27 5.50 24.50
C VAL G 55 -10.78 4.71 23.31
N LEU G 56 -9.54 4.24 23.39
CA LEU G 56 -8.94 3.43 22.32
C LEU G 56 -9.83 2.28 21.75
N PRO G 57 -10.47 1.48 22.62
CA PRO G 57 -11.29 0.35 22.17
C PRO G 57 -12.45 0.74 21.28
N TYR G 58 -12.90 1.98 21.41
CA TYR G 58 -14.01 2.46 20.62
C TYR G 58 -13.56 3.00 19.29
N LEU G 59 -12.27 3.06 19.04
CA LEU G 59 -11.80 3.62 17.76
C LEU G 59 -11.14 2.57 16.86
N THR G 60 -10.71 1.47 17.46
CA THR G 60 -9.84 0.54 16.75
C THR G 60 -10.58 -0.43 15.83
N ARG G 61 -11.87 -0.64 16.06
CA ARG G 61 -12.65 -1.46 15.13
C ARG G 61 -12.69 -0.79 13.76
N ASP G 62 -12.84 0.52 13.78
CA ASP G 62 -13.15 1.29 12.57
C ASP G 62 -11.97 2.14 12.11
N HIS G 63 -10.86 2.14 12.86
CA HIS G 63 -9.71 2.93 12.44
C HIS G 63 -8.39 2.18 12.61
N ARG G 64 -7.40 2.58 11.83
CA ARG G 64 -6.02 2.30 12.14
C ARG G 64 -5.51 3.42 13.05
N VAL G 65 -5.12 3.08 14.28
CA VAL G 65 -4.79 4.11 15.27
C VAL G 65 -3.31 4.15 15.60
N VAL G 66 -2.79 5.36 15.64
CA VAL G 66 -1.39 5.57 15.87
C VAL G 66 -1.26 6.39 17.14
N LEU G 67 -0.47 5.88 18.07
CA LEU G 67 -0.17 6.58 19.30
C LEU G 67 1.32 6.68 19.46
N TYR G 68 1.78 7.69 20.18
CA TYR G 68 3.17 7.83 20.53
C TYR G 68 3.30 8.69 21.77
N ASP G 69 4.49 8.74 22.32
CA ASP G 69 4.79 9.60 23.46
C ASP G 69 5.65 10.79 23.06
N LEU G 70 5.26 11.97 23.52
CA LEU G 70 6.10 13.15 23.40
C LEU G 70 7.47 12.84 24.00
N VAL G 71 8.49 13.45 23.42
CA VAL G 71 9.86 13.25 23.88
C VAL G 71 10.04 13.60 25.36
N CYS G 72 9.11 14.33 25.94
CA CYS G 72 9.25 14.73 27.35
C CYS G 72 8.52 13.82 28.34
N ALA G 73 7.74 12.88 27.82
CA ALA G 73 6.96 11.97 28.66
C ALA G 73 7.87 11.07 29.51
N GLY G 74 7.39 10.69 30.69
CA GLY G 74 8.18 9.85 31.59
C GLY G 74 8.29 8.40 31.15
N SER G 75 7.87 8.11 29.93
CA SER G 75 8.00 6.77 29.41
C SER G 75 9.04 6.72 28.29
N VAL G 76 9.77 7.81 28.13
CA VAL G 76 10.83 7.89 27.14
C VAL G 76 12.16 8.06 27.84
N ASN G 77 13.23 7.51 27.28
CA ASN G 77 14.54 7.66 27.89
C ASN G 77 14.89 9.13 28.00
N PRO G 78 14.80 9.68 29.21
CA PRO G 78 14.90 11.13 29.36
C PRO G 78 16.25 11.66 28.93
N ASP G 79 17.18 10.78 28.59
CA ASP G 79 18.46 11.20 28.01
C ASP G 79 18.30 11.75 26.60
N HIS G 80 17.23 11.39 25.90
CA HIS G 80 16.96 11.94 24.58
C HIS G 80 16.37 13.35 24.62
N PHE G 81 16.02 13.82 25.81
CA PHE G 81 15.45 15.15 25.90
C PHE G 81 16.53 16.19 25.63
N ASP G 82 16.65 16.55 24.36
CA ASP G 82 17.58 17.57 23.92
C ASP G 82 17.02 18.94 24.37
N PHE G 83 17.60 19.52 25.42
CA PHE G 83 17.10 20.77 26.00
C PHE G 83 17.16 21.95 25.03
N ARG G 84 18.21 22.00 24.22
CA ARG G 84 18.37 23.02 23.20
C ARG G 84 17.35 22.84 22.08
N ARG G 85 17.38 21.65 21.49
CA ARG G 85 16.56 21.29 20.35
C ARG G 85 15.05 21.50 20.58
N TYR G 86 14.63 21.34 21.83
CA TYR G 86 13.20 21.35 22.14
C TYR G 86 12.77 22.61 22.90
N ASP G 87 13.25 23.76 22.44
CA ASP G 87 12.83 25.04 23.01
C ASP G 87 11.61 25.57 22.26
N ASN G 88 11.45 25.12 21.03
CA ASN G 88 10.26 25.42 20.27
C ASN G 88 9.34 24.21 20.29
N LEU G 89 8.12 24.40 19.84
CA LEU G 89 7.24 23.27 19.63
C LEU G 89 7.54 22.69 18.26
N ASP G 90 8.20 23.49 17.43
CA ASP G 90 8.59 23.09 16.09
C ASP G 90 9.36 21.77 16.13
N ALA G 91 10.13 21.57 17.18
CA ALA G 91 10.86 20.32 17.33
C ALA G 91 9.88 19.19 17.60
N TYR G 92 8.79 19.48 18.30
CA TYR G 92 7.77 18.45 18.54
C TYR G 92 7.04 18.12 17.25
N VAL G 93 6.91 19.12 16.39
CA VAL G 93 6.26 18.91 15.11
C VAL G 93 7.18 18.09 14.21
N ASP G 94 8.50 18.32 14.33
CA ASP G 94 9.45 17.51 13.58
C ASP G 94 9.28 16.04 13.91
N ASP G 95 9.06 15.73 15.19
CA ASP G 95 8.90 14.36 15.65
C ASP G 95 7.62 13.69 15.14
N LEU G 96 6.50 14.37 15.32
CA LEU G 96 5.22 13.90 14.82
C LEU G 96 5.27 13.58 13.32
N LEU G 97 5.85 14.50 12.55
CA LEU G 97 5.91 14.33 11.09
C LEU G 97 6.84 13.21 10.70
N ALA G 98 7.94 13.08 11.43
CA ALA G 98 8.91 12.04 11.16
C ALA G 98 8.29 10.66 11.35
N ILE G 99 7.63 10.47 12.49
CA ILE G 99 6.91 9.25 12.77
C ILE G 99 6.00 8.87 11.64
N LEU G 100 5.22 9.84 11.17
CA LEU G 100 4.25 9.60 10.11
C LEU G 100 4.94 9.30 8.79
N ASP G 101 6.04 9.99 8.53
CA ASP G 101 6.83 9.74 7.34
C ASP G 101 7.47 8.37 7.42
N ALA G 102 7.89 7.97 8.61
CA ALA G 102 8.56 6.68 8.78
C ALA G 102 7.54 5.56 8.75
N LEU G 103 6.30 5.87 9.07
CA LEU G 103 5.20 4.91 8.99
C LEU G 103 4.56 4.95 7.60
N ARG G 104 5.03 5.87 6.76
CA ARG G 104 4.49 5.98 5.40
C ARG G 104 3.00 6.25 5.40
N ILE G 105 2.57 7.16 6.27
CA ILE G 105 1.18 7.62 6.31
C ILE G 105 1.05 8.98 5.62
N PRO G 106 0.37 9.00 4.46
CA PRO G 106 0.22 10.22 3.66
C PRO G 106 -1.00 11.06 4.05
N ARG G 107 -2.03 10.48 4.62
CA ARG G 107 -3.17 11.25 5.10
C ARG G 107 -3.68 10.61 6.36
N CYS G 108 -4.07 11.43 7.33
CA CYS G 108 -4.60 10.89 8.58
C CYS G 108 -5.49 11.86 9.33
N ALA G 109 -6.18 11.33 10.34
CA ALA G 109 -6.91 12.14 11.28
C ALA G 109 -6.03 12.36 12.49
N PHE G 110 -6.14 13.53 13.11
CA PHE G 110 -5.29 13.85 14.26
C PHE G 110 -6.08 14.35 15.46
N VAL G 111 -5.70 13.84 16.63
CA VAL G 111 -6.32 14.22 17.89
C VAL G 111 -5.27 14.67 18.89
N GLY G 112 -5.34 15.91 19.34
CA GLY G 112 -4.43 16.42 20.36
C GLY G 112 -5.06 16.92 21.65
N HIS G 113 -4.34 16.73 22.76
CA HIS G 113 -4.74 17.31 24.04
C HIS G 113 -3.80 18.39 24.49
N SER G 114 -4.36 19.46 25.07
CA SER G 114 -3.56 20.57 25.57
C SER G 114 -2.50 20.95 24.56
N VAL G 115 -1.23 20.89 24.96
CA VAL G 115 -0.17 21.22 24.08
C VAL G 115 -0.08 20.41 22.78
N SER G 116 -0.63 19.21 22.76
CA SER G 116 -0.67 18.43 21.52
C SER G 116 -1.64 19.08 20.53
N ALA G 117 -2.69 19.71 21.06
CA ALA G 117 -3.55 20.59 20.27
C ALA G 117 -2.69 21.64 19.54
N MET G 118 -1.81 22.30 20.28
CA MET G 118 -0.91 23.26 19.68
C MET G 118 -0.09 22.59 18.56
N ILE G 119 0.73 21.61 18.92
CA ILE G 119 1.54 20.85 17.97
C ILE G 119 0.80 20.50 16.66
N GLY G 120 -0.47 20.13 16.79
CA GLY G 120 -1.27 19.77 15.66
C GLY G 120 -1.53 20.94 14.73
N ILE G 121 -1.84 22.09 15.30
CA ILE G 121 -2.09 23.27 14.49
C ILE G 121 -0.88 23.52 13.62
N LEU G 122 0.30 23.54 14.23
CA LEU G 122 1.52 23.78 13.49
C LEU G 122 1.77 22.74 12.40
N ALA G 123 1.53 21.48 12.75
CA ALA G 123 1.89 20.38 11.89
C ALA G 123 1.04 20.42 10.63
N SER G 124 -0.22 20.83 10.77
CA SER G 124 -1.08 20.83 9.60
C SER G 124 -0.83 22.10 8.79
N ILE G 125 -0.30 23.13 9.45
CA ILE G 125 0.12 24.30 8.72
C ILE G 125 1.34 23.96 7.85
N ARG G 126 2.22 23.12 8.37
CA ARG G 126 3.44 22.78 7.65
C ARG G 126 3.19 21.75 6.55
N ARG G 127 2.30 20.81 6.81
CA ARG G 127 2.05 19.70 5.90
C ARG G 127 0.56 19.53 5.69
N PRO G 128 -0.04 20.47 4.96
CA PRO G 128 -1.48 20.63 4.79
C PRO G 128 -2.19 19.43 4.21
N ASP G 129 -1.46 18.57 3.52
CA ASP G 129 -2.07 17.45 2.86
C ASP G 129 -2.13 16.24 3.77
N LEU G 130 -1.36 16.28 4.84
CA LEU G 130 -1.22 15.15 5.74
C LEU G 130 -2.39 15.01 6.71
N PHE G 131 -3.14 16.08 6.93
CA PHE G 131 -4.18 16.10 7.93
C PHE G 131 -5.56 16.46 7.41
N ALA G 132 -6.40 15.45 7.27
CA ALA G 132 -7.75 15.60 6.73
C ALA G 132 -8.64 16.37 7.68
N LYS G 133 -8.45 16.12 8.98
CA LYS G 133 -9.23 16.81 10.00
C LYS G 133 -8.47 16.90 11.30
N LEU G 134 -8.64 18.00 12.01
CA LEU G 134 -8.03 18.15 13.33
C LEU G 134 -9.11 18.07 14.42
N VAL G 135 -8.77 17.39 15.52
CA VAL G 135 -9.65 17.35 16.70
C VAL G 135 -8.88 17.76 17.96
N LEU G 136 -9.22 18.93 18.48
CA LEU G 136 -8.48 19.56 19.57
C LEU G 136 -9.21 19.55 20.92
N ILE G 137 -8.56 18.94 21.91
CA ILE G 137 -9.16 18.79 23.22
C ILE G 137 -8.37 19.60 24.23
N GLY G 138 -9.07 20.35 25.09
CA GLY G 138 -8.42 21.15 26.11
C GLY G 138 -7.40 22.05 25.48
N ALA G 139 -7.84 22.63 24.36
CA ALA G 139 -7.01 23.32 23.38
C ALA G 139 -6.90 24.81 23.69
N SER G 140 -5.69 25.35 23.55
CA SER G 140 -5.50 26.79 23.65
C SER G 140 -4.37 27.26 22.76
N PRO G 141 -4.53 28.46 22.18
CA PRO G 141 -3.51 29.11 21.35
C PRO G 141 -2.62 30.03 22.18
N ARG G 142 -3.15 30.50 23.31
CA ARG G 142 -2.33 31.20 24.29
C ARG G 142 -2.92 31.03 25.69
N PHE G 143 -2.21 30.28 26.53
CA PHE G 143 -2.59 30.14 27.92
C PHE G 143 -2.36 31.42 28.70
N LEU G 144 -1.36 32.19 28.25
CA LEU G 144 -1.01 33.45 28.90
C LEU G 144 -2.03 34.53 28.61
N ASN G 145 -2.39 35.31 29.62
CA ASN G 145 -3.29 36.43 29.42
C ASN G 145 -2.64 37.54 28.59
N ASP G 146 -3.48 38.41 28.05
CA ASP G 146 -2.99 39.42 27.12
C ASP G 146 -3.91 40.63 27.12
N SER G 147 -3.35 41.79 26.80
CA SER G 147 -4.00 43.10 26.90
C SER G 147 -5.49 43.11 26.54
N ASP G 148 -5.84 42.43 25.47
CA ASP G 148 -7.24 42.26 25.12
C ASP G 148 -7.50 40.78 24.78
N TYR G 149 -7.00 39.90 25.63
CA TYR G 149 -7.15 38.46 25.45
C TYR G 149 -7.12 37.75 26.79
N HIS G 150 -8.21 37.05 27.10
CA HIS G 150 -8.25 36.22 28.30
C HIS G 150 -7.92 34.80 27.87
N GLY G 151 -6.81 34.28 28.38
CA GLY G 151 -6.42 32.89 28.15
C GLY G 151 -6.43 32.04 29.41
N GLY G 152 -6.18 32.67 30.56
CA GLY G 152 -6.25 31.98 31.84
C GLY G 152 -5.22 32.29 32.91
N PHE G 153 -3.98 32.59 32.52
CA PHE G 153 -2.89 32.71 33.49
C PHE G 153 -2.20 34.05 33.49
N GLU G 154 -1.59 34.36 34.62
CA GLU G 154 -0.81 35.57 34.82
C GLU G 154 0.67 35.24 34.90
N LEU G 155 1.51 36.12 34.37
CA LEU G 155 2.94 35.86 34.33
C LEU G 155 3.44 35.64 35.75
N GLU G 156 2.92 36.43 36.69
CA GLU G 156 3.28 36.28 38.09
C GLU G 156 2.88 34.91 38.59
N GLU G 157 1.66 34.51 38.22
CA GLU G 157 1.08 33.24 38.61
C GLU G 157 2.02 32.10 38.24
N ILE G 158 2.57 32.19 37.04
CA ILE G 158 3.38 31.13 36.43
C ILE G 158 4.78 30.97 37.03
N GLN G 159 5.31 32.04 37.61
CA GLN G 159 6.61 31.94 38.27
C GLN G 159 6.44 31.07 39.50
N GLN G 160 5.36 31.29 40.22
CA GLN G 160 5.14 30.58 41.45
C GLN G 160 4.88 29.09 41.15
N VAL G 161 4.42 28.80 39.94
CA VAL G 161 4.33 27.42 39.47
C VAL G 161 5.73 26.79 39.46
N PHE G 162 6.61 27.33 38.63
CA PHE G 162 7.99 26.88 38.56
C PHE G 162 8.61 26.70 39.94
N ASP G 163 8.40 27.67 40.82
CA ASP G 163 9.02 27.62 42.14
C ASP G 163 8.56 26.41 42.95
N ALA G 164 7.25 26.21 43.04
CA ALA G 164 6.71 25.05 43.71
C ALA G 164 7.22 23.75 43.05
N MET G 165 7.27 23.74 41.72
CA MET G 165 7.74 22.57 40.99
C MET G 165 9.19 22.25 41.34
N GLY G 166 10.04 23.26 41.32
CA GLY G 166 11.46 23.10 41.62
C GLY G 166 11.78 22.87 43.08
N ALA G 167 10.99 23.47 43.96
CA ALA G 167 11.17 23.33 45.41
C ALA G 167 10.97 21.89 45.86
N ASN G 168 9.88 21.29 45.45
CA ASN G 168 9.58 19.93 45.84
C ASN G 168 8.58 19.30 44.89
N TYR G 169 9.09 18.64 43.84
CA TYR G 169 8.30 18.31 42.65
C TYR G 169 7.26 17.22 42.84
N SER G 170 7.58 16.20 43.63
CA SER G 170 6.61 15.15 43.90
C SER G 170 5.46 15.75 44.71
N ALA G 171 5.83 16.60 45.66
CA ALA G 171 4.86 17.30 46.50
C ALA G 171 4.02 18.24 45.66
N TRP G 172 4.64 18.91 44.69
CA TRP G 172 3.86 19.75 43.80
C TRP G 172 2.84 18.93 42.98
N ALA G 173 3.33 17.87 42.33
CA ALA G 173 2.52 16.99 41.47
C ALA G 173 1.27 16.41 42.13
N THR G 174 1.40 15.93 43.35
CA THR G 174 0.25 15.35 44.03
C THR G 174 -0.83 16.42 44.19
N GLY G 175 -0.38 17.66 44.36
CA GLY G 175 -1.27 18.79 44.47
C GLY G 175 -1.94 19.19 43.15
N TYR G 176 -1.16 19.30 42.09
CA TYR G 176 -1.71 19.83 40.85
C TYR G 176 -2.64 18.81 40.18
N ALA G 177 -2.34 17.53 40.29
CA ALA G 177 -3.16 16.50 39.67
C ALA G 177 -4.67 16.78 39.83
N PRO G 178 -5.17 16.85 41.09
CA PRO G 178 -6.61 16.97 41.34
C PRO G 178 -7.27 18.22 40.75
N LEU G 179 -6.53 19.32 40.59
CA LEU G 179 -7.06 20.55 39.97
C LEU G 179 -7.07 20.47 38.47
N ALA G 180 -6.09 19.77 37.92
CA ALA G 180 -6.06 19.49 36.48
C ALA G 180 -7.29 18.67 36.09
N VAL G 181 -7.49 17.57 36.81
CA VAL G 181 -8.64 16.70 36.58
C VAL G 181 -9.94 17.43 36.80
N GLY G 182 -9.98 18.30 37.81
CA GLY G 182 -11.15 19.12 38.06
C GLY G 182 -12.30 18.38 38.70
N ALA G 183 -12.80 17.37 38.01
CA ALA G 183 -13.90 16.56 38.51
C ALA G 183 -13.39 15.61 39.57
N ASP G 184 -14.29 15.11 40.43
CA ASP G 184 -13.92 14.11 41.43
C ASP G 184 -13.88 12.71 40.81
N VAL G 185 -12.75 12.36 40.21
CA VAL G 185 -12.59 11.06 39.57
C VAL G 185 -11.20 10.47 39.82
N PRO G 186 -11.10 9.52 40.77
CA PRO G 186 -9.87 8.87 41.22
C PRO G 186 -8.97 8.35 40.09
N ALA G 187 -9.48 7.44 39.26
CA ALA G 187 -8.66 6.80 38.22
C ALA G 187 -7.88 7.81 37.44
N ALA G 188 -8.47 8.99 37.25
CA ALA G 188 -7.82 10.06 36.54
C ALA G 188 -6.74 10.70 37.40
N VAL G 189 -7.12 11.15 38.59
CA VAL G 189 -6.16 11.84 39.45
C VAL G 189 -5.06 10.89 39.85
N GLN G 190 -5.38 9.60 39.89
CA GLN G 190 -4.40 8.56 40.14
C GLN G 190 -3.52 8.33 38.93
N GLU G 191 -4.15 8.13 37.78
CA GLU G 191 -3.41 7.95 36.56
C GLU G 191 -2.66 9.25 36.22
N PHE G 192 -3.29 10.40 36.43
CA PHE G 192 -2.59 11.64 36.15
C PHE G 192 -1.44 11.90 37.10
N SER G 193 -1.63 11.63 38.38
CA SER G 193 -0.51 11.80 39.32
C SER G 193 0.65 10.91 38.90
N ARG G 194 0.28 9.73 38.41
CA ARG G 194 1.20 8.70 37.98
C ARG G 194 2.14 9.20 36.91
N THR G 195 1.59 9.51 35.74
CA THR G 195 2.39 9.95 34.60
C THR G 195 3.14 11.25 34.90
N LEU G 196 2.79 11.88 36.01
CA LEU G 196 3.35 13.17 36.37
C LEU G 196 4.59 12.94 37.21
N PHE G 197 4.51 12.00 38.13
CA PHE G 197 5.64 11.60 38.94
C PHE G 197 6.77 11.06 38.09
N ASN G 198 6.42 10.45 36.98
CA ASN G 198 7.41 9.83 36.10
C ASN G 198 8.31 10.82 35.38
N MET G 199 7.82 12.04 35.18
CA MET G 199 8.59 13.04 34.47
C MET G 199 9.71 13.61 35.33
N ARG G 200 10.91 13.71 34.76
CA ARG G 200 12.00 14.37 35.43
C ARG G 200 11.70 15.86 35.50
N PRO G 201 11.76 16.41 36.72
CA PRO G 201 11.33 17.76 37.08
C PRO G 201 11.92 18.85 36.20
N ASP G 202 13.16 18.69 35.77
CA ASP G 202 13.82 19.71 34.97
C ASP G 202 13.20 19.79 33.59
N ILE G 203 13.02 18.64 32.95
CA ILE G 203 12.34 18.51 31.67
C ILE G 203 10.93 19.05 31.79
N SER G 204 10.20 18.55 32.79
CA SER G 204 8.87 19.03 33.09
C SER G 204 8.82 20.56 33.30
N LEU G 205 9.78 21.09 34.05
CA LEU G 205 9.88 22.54 34.22
C LEU G 205 10.17 23.19 32.88
N HIS G 206 11.00 22.50 32.11
CA HIS G 206 11.33 23.00 30.79
C HIS G 206 10.11 22.95 29.83
N VAL G 207 9.31 21.89 29.90
CA VAL G 207 8.17 21.74 28.99
C VAL G 207 7.01 22.67 29.39
N CYS G 208 6.85 22.96 30.69
CA CYS G 208 5.93 24.02 31.14
C CYS G 208 6.30 25.37 30.60
N GLN G 209 7.59 25.66 30.63
CA GLN G 209 8.08 26.95 30.16
C GLN G 209 7.84 27.11 28.66
N THR G 210 8.21 26.10 27.90
CA THR G 210 7.93 26.09 26.48
C THR G 210 6.46 26.42 26.22
N VAL G 211 5.59 25.65 26.83
CA VAL G 211 4.16 25.78 26.60
C VAL G 211 3.66 27.15 27.02
N PHE G 212 4.26 27.69 28.07
CA PHE G 212 3.80 28.94 28.63
C PHE G 212 4.13 30.15 27.75
N LYS G 213 5.03 29.99 26.79
CA LYS G 213 5.37 31.15 25.97
C LYS G 213 5.04 30.91 24.52
N THR G 214 4.18 29.93 24.27
CA THR G 214 3.66 29.71 22.94
C THR G 214 2.43 30.56 22.70
N ASP G 215 2.41 31.19 21.53
CA ASP G 215 1.30 32.03 21.13
C ASP G 215 1.06 31.72 19.67
N LEU G 216 -0.05 31.09 19.38
CA LEU G 216 -0.34 30.64 18.03
C LEU G 216 -1.41 31.48 17.38
N ARG G 217 -1.82 32.55 18.05
CA ARG G 217 -2.87 33.41 17.55
C ARG G 217 -2.50 33.94 16.18
N GLY G 218 -1.22 34.17 15.99
CA GLY G 218 -0.73 34.72 14.74
C GLY G 218 -0.92 33.80 13.57
N VAL G 219 -1.18 32.52 13.80
CA VAL G 219 -1.21 31.56 12.70
C VAL G 219 -2.47 30.69 12.58
N LEU G 220 -3.51 30.94 13.37
CA LEU G 220 -4.72 30.10 13.34
C LEU G 220 -5.43 30.13 11.98
N GLY G 221 -5.54 31.30 11.39
CA GLY G 221 -6.13 31.45 10.08
C GLY G 221 -5.37 30.73 8.97
N MET G 222 -4.19 30.21 9.30
CA MET G 222 -3.38 29.48 8.33
C MET G 222 -3.74 28.01 8.26
N VAL G 223 -4.54 27.55 9.22
CA VAL G 223 -5.02 26.18 9.20
C VAL G 223 -6.09 25.97 8.14
N ARG G 224 -6.05 24.84 7.43
CA ARG G 224 -7.03 24.56 6.39
C ARG G 224 -7.88 23.35 6.69
N ALA G 225 -7.30 22.41 7.43
CA ALA G 225 -8.02 21.23 7.85
C ALA G 225 -9.34 21.55 8.55
N PRO G 226 -10.40 20.82 8.20
CA PRO G 226 -11.59 20.89 9.06
C PRO G 226 -11.22 20.46 10.48
N CYS G 227 -11.77 21.18 11.45
CA CYS G 227 -11.42 20.97 12.83
C CYS G 227 -12.63 20.86 13.74
N VAL G 228 -12.47 20.13 14.83
CA VAL G 228 -13.50 20.02 15.85
C VAL G 228 -12.97 20.41 17.23
N VAL G 229 -13.53 21.45 17.84
CA VAL G 229 -13.02 21.87 19.14
C VAL G 229 -13.83 21.34 20.34
N VAL G 230 -13.19 20.46 21.11
CA VAL G 230 -13.78 19.88 22.31
C VAL G 230 -13.52 20.70 23.56
N GLN G 231 -14.55 21.41 24.03
CA GLN G 231 -14.38 22.19 25.24
C GLN G 231 -15.23 21.59 26.36
N THR G 232 -14.61 21.40 27.52
CA THR G 232 -15.33 20.93 28.69
C THR G 232 -15.97 22.12 29.42
N THR G 233 -16.73 21.81 30.46
CA THR G 233 -17.56 22.79 31.16
C THR G 233 -16.81 23.75 32.06
N ARG G 234 -15.75 23.27 32.69
CA ARG G 234 -14.95 24.13 33.54
C ARG G 234 -13.54 23.61 33.50
N ASP G 235 -12.77 24.18 32.58
CA ASP G 235 -11.38 23.83 32.42
C ASP G 235 -10.59 24.89 33.16
N VAL G 236 -9.66 24.46 34.02
CA VAL G 236 -8.86 25.42 34.77
C VAL G 236 -7.78 26.13 33.96
N SER G 237 -7.46 25.62 32.78
CA SER G 237 -6.41 26.23 31.97
C SER G 237 -6.92 26.73 30.62
N VAL G 238 -8.20 26.52 30.36
CA VAL G 238 -8.85 27.03 29.17
C VAL G 238 -10.25 27.48 29.48
N PRO G 239 -10.46 28.79 29.60
CA PRO G 239 -11.82 29.28 29.79
C PRO G 239 -12.61 29.15 28.49
N ALA G 240 -13.94 29.21 28.55
CA ALA G 240 -14.77 29.02 27.36
C ALA G 240 -14.53 30.11 26.31
N SER G 241 -14.12 31.28 26.79
CA SER G 241 -13.84 32.40 25.89
C SER G 241 -12.80 31.97 24.89
N VAL G 242 -11.75 31.29 25.35
CA VAL G 242 -10.67 30.87 24.46
C VAL G 242 -11.12 29.85 23.43
N ALA G 243 -12.01 28.94 23.81
CA ALA G 243 -12.51 27.99 22.83
C ALA G 243 -13.34 28.74 21.81
N ALA G 244 -14.04 29.77 22.27
CA ALA G 244 -14.88 30.56 21.40
C ALA G 244 -14.00 31.25 20.35
N TYR G 245 -12.79 31.60 20.77
CA TYR G 245 -11.78 32.29 19.94
C TYR G 245 -11.16 31.35 18.91
N LEU G 246 -10.91 30.09 19.30
CA LEU G 246 -10.38 29.12 18.36
C LEU G 246 -11.25 29.04 17.12
N LYS G 247 -12.55 28.91 17.30
CA LYS G 247 -13.48 28.73 16.19
C LYS G 247 -13.67 30.00 15.38
N ALA G 248 -13.20 31.12 15.90
CA ALA G 248 -13.38 32.39 15.20
C ALA G 248 -12.19 32.70 14.30
N HIS G 249 -11.15 31.90 14.41
CA HIS G 249 -9.91 32.29 13.77
C HIS G 249 -9.18 31.13 13.08
N LEU G 250 -9.47 29.90 13.46
CA LEU G 250 -8.97 28.76 12.68
C LEU G 250 -9.51 28.85 11.24
N GLY G 251 -8.62 28.68 10.27
CA GLY G 251 -8.97 28.77 8.86
C GLY G 251 -10.13 27.91 8.41
N GLY G 252 -9.94 26.58 8.46
CA GLY G 252 -10.93 25.65 7.95
C GLY G 252 -12.27 25.69 8.63
N ARG G 253 -13.22 24.89 8.13
CA ARG G 253 -14.55 24.85 8.74
C ARG G 253 -14.46 24.26 10.15
N THR G 254 -14.88 25.04 11.14
CA THR G 254 -14.71 24.67 12.54
C THR G 254 -16.05 24.57 13.29
N THR G 255 -16.06 23.70 14.29
CA THR G 255 -17.21 23.52 15.19
C THR G 255 -16.70 23.33 16.58
N VAL G 256 -17.55 23.60 17.55
CA VAL G 256 -17.20 23.41 18.95
C VAL G 256 -18.26 22.59 19.65
N GLU G 257 -17.99 21.29 19.80
CA GLU G 257 -18.80 20.44 20.63
C GLU G 257 -18.57 20.83 22.09
N PHE G 258 -19.65 20.95 22.86
CA PHE G 258 -19.52 21.33 24.27
C PHE G 258 -19.90 20.20 25.20
N LEU G 259 -18.97 19.81 26.07
CA LEU G 259 -19.15 18.64 26.92
C LEU G 259 -19.72 19.02 28.29
N GLN G 260 -20.65 18.20 28.81
CA GLN G 260 -21.28 18.48 30.11
C GLN G 260 -20.35 18.19 31.26
N THR G 261 -19.23 17.53 31.01
CA THR G 261 -18.38 17.18 32.14
C THR G 261 -17.31 18.23 32.42
N GLU G 262 -16.80 18.19 33.65
CA GLU G 262 -15.82 19.14 34.11
C GLU G 262 -14.42 18.56 34.00
N GLY G 263 -13.44 19.41 33.75
CA GLY G 263 -12.05 19.00 33.86
C GLY G 263 -11.31 19.28 32.60
N HIS G 264 -10.00 19.35 32.65
CA HIS G 264 -9.18 19.61 31.48
C HIS G 264 -8.72 18.35 30.73
N LEU G 265 -8.66 17.21 31.40
CA LEU G 265 -8.29 15.93 30.82
C LEU G 265 -9.45 14.95 30.65
N PRO G 266 -10.38 15.22 29.77
CA PRO G 266 -11.58 14.39 29.59
C PRO G 266 -11.33 12.95 29.10
N HIS G 267 -10.19 12.68 28.47
CA HIS G 267 -9.87 11.30 28.08
C HIS G 267 -9.66 10.42 29.32
N LEU G 268 -9.12 11.02 30.38
CA LEU G 268 -8.99 10.36 31.69
C LEU G 268 -10.28 10.46 32.51
N SER G 269 -10.78 11.67 32.67
CA SER G 269 -11.91 12.02 33.54
C SER G 269 -13.28 11.54 33.02
N ALA G 270 -13.50 11.59 31.72
CA ALA G 270 -14.82 11.34 31.17
C ALA G 270 -14.85 10.42 29.95
N PRO G 271 -14.14 9.28 29.99
CA PRO G 271 -13.99 8.42 28.81
C PRO G 271 -15.29 7.88 28.21
N SER G 272 -16.31 7.59 29.01
CA SER G 272 -17.61 7.13 28.50
C SER G 272 -18.21 8.17 27.57
N LEU G 273 -18.00 9.45 27.87
CA LEU G 273 -18.52 10.53 27.05
C LEU G 273 -17.62 10.84 25.86
N LEU G 274 -16.32 10.99 26.13
CA LEU G 274 -15.37 11.46 25.13
C LEU G 274 -15.29 10.48 23.98
N ALA G 275 -15.15 9.20 24.30
CA ALA G 275 -15.05 8.16 23.29
C ALA G 275 -16.15 8.32 22.22
N GLN G 276 -17.30 8.82 22.64
CA GLN G 276 -18.46 8.94 21.75
C GLN G 276 -18.40 10.20 20.89
N VAL G 277 -17.95 11.30 21.48
CA VAL G 277 -17.67 12.50 20.73
C VAL G 277 -16.61 12.21 19.64
N LEU G 278 -15.55 11.55 20.05
CA LEU G 278 -14.49 11.21 19.13
C LEU G 278 -15.04 10.44 17.94
N ARG G 279 -15.79 9.37 18.19
CA ARG G 279 -16.33 8.56 17.09
C ARG G 279 -17.13 9.40 16.09
N ARG G 280 -17.90 10.37 16.58
CA ARG G 280 -18.75 11.13 15.67
C ARG G 280 -17.96 12.19 14.93
N ALA G 281 -16.75 12.46 15.42
CA ALA G 281 -15.87 13.42 14.79
C ALA G 281 -14.97 12.74 13.77
N LEU G 282 -14.63 11.50 14.00
CA LEU G 282 -13.79 10.76 13.10
C LEU G 282 -14.55 9.88 12.16
N ALA G 283 -15.83 10.12 12.05
CA ALA G 283 -16.68 9.34 11.19
C ALA G 283 -16.27 9.47 9.74
N ARG G 284 -16.15 10.69 9.25
CA ARG G 284 -15.74 10.90 7.91
C ARG G 284 -14.78 12.06 7.78
N TYR G 285 -13.77 11.91 6.96
CA TYR G 285 -12.82 12.97 6.75
C TYR G 285 -11.95 12.69 5.54
N ALA H 21 45.99 17.50 58.40
CA ALA H 21 44.96 16.52 58.70
C ALA H 21 43.92 17.08 59.67
N SER H 22 44.35 17.98 60.54
CA SER H 22 43.45 18.55 61.53
C SER H 22 42.57 19.62 60.90
N LEU H 23 42.97 20.11 59.73
CA LEU H 23 42.13 20.98 58.93
C LEU H 23 40.87 20.25 58.49
N LEU H 24 41.02 18.97 58.19
CA LEU H 24 39.89 18.11 57.85
C LEU H 24 38.89 18.08 58.99
N GLN H 25 39.40 18.09 60.21
CA GLN H 25 38.53 18.14 61.36
C GLN H 25 37.97 19.55 61.63
N ILE H 26 38.81 20.58 61.57
CA ILE H 26 38.35 21.94 61.88
C ILE H 26 37.24 22.40 60.94
N LEU H 27 37.33 22.06 59.67
CA LEU H 27 36.29 22.48 58.75
C LEU H 27 35.32 21.33 58.52
N ASN H 28 35.37 20.35 59.41
CA ASN H 28 34.43 19.22 59.42
C ASN H 28 34.27 18.53 58.04
N VAL H 29 35.37 18.25 57.37
CA VAL H 29 35.31 17.76 56.01
C VAL H 29 34.70 16.37 55.93
N ARG H 30 33.87 16.18 54.91
CA ARG H 30 33.08 14.97 54.70
C ARG H 30 33.29 14.36 53.31
N VAL H 31 33.55 13.07 53.25
CA VAL H 31 33.62 12.42 51.97
C VAL H 31 32.47 11.44 51.85
N VAL H 32 31.83 11.39 50.70
CA VAL H 32 30.67 10.53 50.52
C VAL H 32 30.51 10.08 49.07
N GLY H 33 30.03 8.86 48.88
CA GLY H 33 29.82 8.28 47.56
C GLY H 33 30.98 7.49 46.97
N SER H 34 30.67 6.61 46.03
CA SER H 34 31.69 5.83 45.34
C SER H 34 31.85 6.32 43.90
N GLY H 35 33.02 6.11 43.32
CA GLY H 35 33.27 6.51 41.95
C GLY H 35 34.62 7.18 41.73
N GLU H 36 35.08 7.16 40.50
CA GLU H 36 36.36 7.78 40.19
C GLU H 36 36.29 9.30 39.97
N ARG H 37 35.23 9.83 39.37
CA ARG H 37 35.15 11.26 39.25
C ARG H 37 34.75 11.94 40.58
N VAL H 38 35.64 12.79 41.02
CA VAL H 38 35.49 13.48 42.29
C VAL H 38 34.78 14.78 42.15
N VAL H 39 33.82 15.04 43.01
CA VAL H 39 33.15 16.33 43.02
C VAL H 39 33.31 17.05 44.35
N VAL H 40 33.43 18.37 44.31
CA VAL H 40 33.64 19.16 45.52
C VAL H 40 32.48 20.08 45.70
N LEU H 41 31.83 20.03 46.85
CA LEU H 41 30.72 20.94 47.17
C LEU H 41 31.17 21.98 48.19
N SER H 42 31.10 23.24 47.81
CA SER H 42 31.53 24.33 48.65
C SER H 42 30.43 25.37 48.77
N HIS H 43 29.98 25.64 49.99
CA HIS H 43 28.86 26.55 50.20
C HIS H 43 29.28 28.03 50.25
N GLY H 44 28.28 28.89 50.19
CA GLY H 44 28.48 30.31 50.25
C GLY H 44 28.09 30.88 51.59
N PHE H 45 27.91 32.19 51.62
CA PHE H 45 27.70 32.91 52.85
C PHE H 45 26.44 32.54 53.60
N GLY H 46 26.57 32.37 54.90
CA GLY H 46 25.43 32.22 55.76
C GLY H 46 24.78 30.84 55.84
N THR H 47 25.46 29.84 55.27
CA THR H 47 24.98 28.47 55.37
C THR H 47 26.17 27.58 55.72
N ASP H 48 25.96 26.28 55.85
CA ASP H 48 27.09 25.35 55.88
C ASP H 48 26.79 24.22 54.90
N GLN H 49 27.60 23.17 54.91
CA GLN H 49 27.48 22.14 53.90
C GLN H 49 26.14 21.47 53.94
N SER H 50 25.44 21.56 55.07
CA SER H 50 24.11 20.97 55.18
C SER H 50 23.17 21.55 54.10
N ALA H 51 23.55 22.71 53.55
CA ALA H 51 22.86 23.24 52.37
C ALA H 51 22.79 22.28 51.16
N TRP H 52 23.72 21.34 51.07
CA TRP H 52 23.78 20.46 49.89
C TRP H 52 22.93 19.18 50.00
N SER H 53 22.48 18.84 51.21
CA SER H 53 21.88 17.53 51.50
C SER H 53 20.79 17.04 50.54
N ARG H 54 19.97 17.95 50.04
CA ARG H 54 18.89 17.60 49.12
C ARG H 54 19.39 17.13 47.75
N VAL H 55 20.49 17.68 47.25
CA VAL H 55 21.02 17.26 45.95
C VAL H 55 22.12 16.22 46.10
N LEU H 56 22.65 16.05 47.31
CA LEU H 56 23.68 15.05 47.55
C LEU H 56 23.33 13.62 47.08
N PRO H 57 22.13 13.11 47.42
CA PRO H 57 21.65 11.78 47.01
C PRO H 57 21.76 11.55 45.51
N TYR H 58 21.52 12.61 44.75
CA TYR H 58 21.53 12.50 43.30
C TYR H 58 22.95 12.43 42.74
N LEU H 59 23.96 12.68 43.55
CA LEU H 59 25.31 12.76 43.02
C LEU H 59 26.22 11.63 43.48
N THR H 60 25.91 11.04 44.63
CA THR H 60 26.83 10.11 45.27
C THR H 60 26.90 8.69 44.63
N ARG H 61 25.90 8.24 43.90
CA ARG H 61 26.02 6.94 43.27
C ARG H 61 27.10 6.98 42.18
N ASP H 62 27.19 8.11 41.57
CA ASP H 62 28.03 8.38 40.47
C ASP H 62 29.31 9.03 40.75
N HIS H 63 29.45 9.68 41.90
CA HIS H 63 30.68 10.34 42.21
C HIS H 63 31.13 10.20 43.60
N ARG H 64 32.39 10.48 43.75
CA ARG H 64 33.00 10.63 45.04
C ARG H 64 32.88 12.12 45.43
N VAL H 65 32.13 12.43 46.48
CA VAL H 65 31.85 13.83 46.77
C VAL H 65 32.51 14.32 48.03
N VAL H 66 33.07 15.51 47.94
CA VAL H 66 33.79 16.12 49.04
C VAL H 66 33.00 17.33 49.49
N LEU H 67 32.64 17.38 50.77
CA LEU H 67 31.98 18.55 51.36
C LEU H 67 32.82 19.10 52.49
N TYR H 68 32.71 20.39 52.73
CA TYR H 68 33.36 21.00 53.87
C TYR H 68 32.66 22.30 54.21
N ASP H 69 32.96 22.82 55.40
CA ASP H 69 32.41 24.09 55.84
C ASP H 69 33.51 25.13 55.79
N LEU H 70 33.21 26.27 55.16
CA LEU H 70 34.10 27.43 55.22
C LEU H 70 34.40 27.80 56.66
N VAL H 71 35.60 28.34 56.87
CA VAL H 71 36.06 28.67 58.20
C VAL H 71 35.07 29.58 58.95
N CYS H 72 34.22 30.30 58.21
CA CYS H 72 33.25 31.19 58.85
C CYS H 72 31.87 30.56 59.14
N ALA H 73 31.59 29.39 58.58
CA ALA H 73 30.34 28.68 58.85
C ALA H 73 30.06 28.50 60.35
N GLY H 74 28.78 28.53 60.74
CA GLY H 74 28.40 28.34 62.12
C GLY H 74 28.57 26.92 62.65
N SER H 75 29.27 26.08 61.88
CA SER H 75 29.54 24.68 62.25
C SER H 75 30.98 24.50 62.72
N VAL H 76 31.77 25.56 62.58
CA VAL H 76 33.18 25.52 62.90
C VAL H 76 33.45 26.30 64.18
N ASN H 77 34.34 25.78 65.02
CA ASN H 77 34.70 26.46 66.26
C ASN H 77 35.20 27.85 65.91
N PRO H 78 34.38 28.86 66.17
CA PRO H 78 34.67 30.23 65.74
C PRO H 78 35.95 30.79 66.36
N ASP H 79 36.56 30.09 67.33
CA ASP H 79 37.89 30.46 67.80
C ASP H 79 38.93 30.42 66.66
N HIS H 80 38.67 29.63 65.62
CA HIS H 80 39.65 29.49 64.53
C HIS H 80 39.56 30.61 63.48
N PHE H 81 38.64 31.53 63.66
CA PHE H 81 38.47 32.56 62.64
C PHE H 81 39.54 33.61 62.83
N ASP H 82 40.67 33.40 62.19
CA ASP H 82 41.76 34.35 62.21
C ASP H 82 41.30 35.59 61.42
N PHE H 83 40.99 36.67 62.11
CA PHE H 83 40.45 37.87 61.48
C PHE H 83 41.43 38.54 60.50
N ARG H 84 42.71 38.50 60.80
CA ARG H 84 43.68 39.04 59.92
C ARG H 84 44.01 38.04 58.80
N ARG H 85 44.08 36.76 59.14
CA ARG H 85 44.41 35.72 58.18
C ARG H 85 43.38 35.64 57.05
N TYR H 86 42.11 35.89 57.38
CA TYR H 86 41.03 35.78 56.40
C TYR H 86 40.50 37.15 55.99
N ASP H 87 41.42 38.07 55.71
CA ASP H 87 41.10 39.39 55.17
C ASP H 87 40.79 39.30 53.68
N ASN H 88 41.41 38.34 53.02
CA ASN H 88 41.17 38.10 51.61
C ASN H 88 40.45 36.79 51.39
N LEU H 89 40.15 36.51 50.13
CA LEU H 89 39.57 35.22 49.78
C LEU H 89 40.69 34.19 49.55
N ASP H 90 41.91 34.69 49.38
CA ASP H 90 43.08 33.84 49.16
C ASP H 90 43.31 32.92 50.35
N ALA H 91 43.01 33.40 51.55
CA ALA H 91 43.03 32.52 52.71
C ALA H 91 42.02 31.39 52.56
N TYR H 92 40.84 31.66 51.99
CA TYR H 92 39.84 30.60 51.82
C TYR H 92 40.30 29.61 50.75
N VAL H 93 41.03 30.13 49.76
CA VAL H 93 41.59 29.30 48.72
C VAL H 93 42.62 28.34 49.32
N ASP H 94 43.43 28.83 50.25
CA ASP H 94 44.43 28.00 50.92
C ASP H 94 43.78 26.78 51.58
N ASP H 95 42.62 27.01 52.18
CA ASP H 95 41.88 25.96 52.86
C ASP H 95 41.35 24.91 51.90
N LEU H 96 40.78 25.37 50.80
CA LEU H 96 40.26 24.48 49.76
C LEU H 96 41.37 23.59 49.24
N LEU H 97 42.51 24.20 48.94
CA LEU H 97 43.66 23.50 48.38
C LEU H 97 44.27 22.50 49.38
N ALA H 98 44.43 22.93 50.62
CA ALA H 98 45.04 22.08 51.64
C ALA H 98 44.19 20.85 51.86
N ILE H 99 42.88 21.01 51.80
CA ILE H 99 41.96 19.91 52.04
C ILE H 99 42.10 18.86 50.96
N LEU H 100 42.05 19.31 49.71
CA LEU H 100 42.24 18.44 48.56
C LEU H 100 43.62 17.78 48.59
N ASP H 101 44.63 18.56 49.00
CA ASP H 101 45.97 18.02 49.15
C ASP H 101 46.04 17.01 50.29
N ALA H 102 45.28 17.23 51.35
CA ALA H 102 45.33 16.33 52.48
C ALA H 102 44.58 15.05 52.16
N LEU H 103 43.55 15.17 51.32
CA LEU H 103 42.80 14.00 50.86
C LEU H 103 43.46 13.38 49.65
N ARG H 104 44.59 13.97 49.23
CA ARG H 104 45.35 13.52 48.08
C ARG H 104 44.50 13.35 46.83
N ILE H 105 43.74 14.39 46.50
CA ILE H 105 42.91 14.43 45.30
C ILE H 105 43.60 15.29 44.27
N PRO H 106 44.08 14.66 43.18
CA PRO H 106 44.84 15.38 42.17
C PRO H 106 43.96 16.07 41.14
N ARG H 107 42.75 15.59 40.92
CA ARG H 107 41.88 16.18 39.91
C ARG H 107 40.43 16.04 40.36
N CYS H 108 39.67 17.11 40.21
CA CYS H 108 38.27 17.04 40.63
C CYS H 108 37.37 18.03 39.92
N ALA H 109 36.10 17.91 40.24
CA ALA H 109 35.09 18.83 39.78
C ALA H 109 34.61 19.66 40.95
N PHE H 110 34.40 20.95 40.70
CA PHE H 110 34.10 21.88 41.79
C PHE H 110 32.77 22.56 41.57
N VAL H 111 31.96 22.58 42.63
CA VAL H 111 30.71 23.31 42.61
C VAL H 111 30.74 24.39 43.69
N GLY H 112 30.58 25.64 43.27
CA GLY H 112 30.57 26.76 44.20
C GLY H 112 29.29 27.57 44.18
N HIS H 113 28.96 28.11 45.32
CA HIS H 113 27.82 28.98 45.49
C HIS H 113 28.23 30.31 46.01
N SER H 114 27.69 31.36 45.39
CA SER H 114 27.98 32.73 45.75
C SER H 114 29.48 32.93 45.88
N VAL H 115 29.92 33.27 47.08
CA VAL H 115 31.33 33.49 47.36
C VAL H 115 32.23 32.26 47.14
N SER H 116 31.67 31.06 47.25
CA SER H 116 32.44 29.85 46.94
C SER H 116 32.78 29.81 45.45
N ALA H 117 31.87 30.37 44.64
CA ALA H 117 32.13 30.61 43.22
C ALA H 117 33.39 31.46 43.04
N MET H 118 33.50 32.57 43.77
CA MET H 118 34.70 33.36 43.73
C MET H 118 35.91 32.48 44.07
N ILE H 119 35.84 31.79 45.20
CA ILE H 119 36.93 30.93 45.66
C ILE H 119 37.39 29.93 44.59
N GLY H 120 36.43 29.40 43.85
CA GLY H 120 36.72 28.45 42.80
C GLY H 120 37.49 29.08 41.65
N ILE H 121 37.06 30.26 41.23
CA ILE H 121 37.74 30.98 40.16
C ILE H 121 39.21 31.07 40.52
N LEU H 122 39.48 31.62 41.69
CA LEU H 122 40.83 31.80 42.16
C LEU H 122 41.54 30.46 42.29
N ALA H 123 40.83 29.48 42.86
CA ALA H 123 41.45 28.20 43.11
C ALA H 123 41.95 27.59 41.80
N SER H 124 41.18 27.73 40.74
CA SER H 124 41.55 27.10 39.47
C SER H 124 42.57 27.95 38.73
N ILE H 125 42.67 29.22 39.09
CA ILE H 125 43.77 30.04 38.58
C ILE H 125 45.11 29.60 39.19
N ARG H 126 45.12 29.39 40.50
CA ARG H 126 46.32 28.99 41.19
C ARG H 126 46.79 27.55 40.84
N ARG H 127 45.84 26.65 40.56
CA ARG H 127 46.15 25.24 40.26
C ARG H 127 45.32 24.75 39.10
N PRO H 128 45.73 25.08 37.88
CA PRO H 128 44.93 24.78 36.68
C PRO H 128 44.67 23.30 36.44
N ASP H 129 45.49 22.44 37.01
CA ASP H 129 45.35 21.03 36.70
C ASP H 129 44.43 20.31 37.69
N LEU H 130 44.14 20.95 38.80
CA LEU H 130 43.38 20.33 39.88
C LEU H 130 41.88 20.37 39.60
N PHE H 131 41.45 21.31 38.76
CA PHE H 131 40.04 21.45 38.46
C PHE H 131 39.69 21.21 37.00
N ALA H 132 39.10 20.06 36.73
CA ALA H 132 38.68 19.67 35.39
C ALA H 132 37.56 20.54 34.90
N LYS H 133 36.73 20.99 35.83
CA LYS H 133 35.54 21.75 35.47
C LYS H 133 34.98 22.50 36.65
N LEU H 134 34.48 23.70 36.40
CA LEU H 134 33.88 24.49 37.46
C LEU H 134 32.39 24.69 37.23
N VAL H 135 31.61 24.63 38.28
CA VAL H 135 30.18 24.83 38.25
C VAL H 135 29.87 25.91 39.31
N LEU H 136 29.50 27.07 38.82
CA LEU H 136 29.21 28.26 39.64
C LEU H 136 27.74 28.66 39.71
N ILE H 137 27.20 28.63 40.91
CA ILE H 137 25.81 28.92 41.21
C ILE H 137 25.69 30.22 41.96
N GLY H 138 24.76 31.05 41.52
CA GLY H 138 24.56 32.37 42.12
C GLY H 138 25.87 33.11 42.22
N ALA H 139 26.55 33.17 41.08
CA ALA H 139 27.96 33.55 41.05
C ALA H 139 28.13 34.96 40.59
N SER H 140 29.09 35.64 41.20
CA SER H 140 29.38 37.03 40.89
C SER H 140 30.87 37.33 40.92
N PRO H 141 31.34 38.15 39.97
CA PRO H 141 32.71 38.68 39.96
C PRO H 141 32.79 39.96 40.77
N ARG H 142 31.73 40.75 40.78
CA ARG H 142 31.66 41.93 41.62
C ARG H 142 30.22 42.27 41.97
N PHE H 143 29.90 42.20 43.25
CA PHE H 143 28.56 42.52 43.71
C PHE H 143 28.32 44.03 43.73
N LEU H 144 29.40 44.78 43.91
CA LEU H 144 29.35 46.23 43.97
C LEU H 144 29.28 46.84 42.57
N ASN H 145 28.31 47.72 42.35
CA ASN H 145 28.21 48.40 41.06
C ASN H 145 29.45 49.22 40.72
N ASP H 146 29.61 49.58 39.46
CA ASP H 146 30.83 50.25 39.06
C ASP H 146 30.60 51.17 37.87
N SER H 147 31.66 51.85 37.43
CA SER H 147 31.63 52.88 36.39
C SER H 147 30.75 52.52 35.21
N ASP H 148 30.98 51.34 34.66
CA ASP H 148 30.17 50.83 33.59
C ASP H 148 29.97 49.34 33.80
N TYR H 149 29.48 49.01 35.00
CA TYR H 149 29.23 47.63 35.38
C TYR H 149 28.13 47.61 36.43
N HIS H 150 27.01 46.99 36.08
CA HIS H 150 25.90 46.82 37.01
C HIS H 150 26.15 45.51 37.76
N GLY H 151 26.38 45.62 39.07
CA GLY H 151 26.60 44.47 39.92
C GLY H 151 25.42 44.15 40.82
N GLY H 152 24.71 45.18 41.26
CA GLY H 152 23.51 45.00 42.07
C GLY H 152 23.45 45.81 43.35
N PHE H 153 24.62 46.14 43.91
CA PHE H 153 24.71 46.84 45.19
C PHE H 153 25.36 48.19 45.07
N GLU H 154 25.02 49.07 46.00
CA GLU H 154 25.60 50.39 46.10
C GLU H 154 26.33 50.51 47.45
N LEU H 155 27.37 51.32 47.50
CA LEU H 155 28.24 51.37 48.68
C LEU H 155 27.55 51.93 49.92
N GLU H 156 26.56 52.79 49.74
CA GLU H 156 25.81 53.30 50.89
C GLU H 156 24.75 52.30 51.27
N GLU H 157 24.35 51.49 50.29
CA GLU H 157 23.41 50.41 50.56
C GLU H 157 24.05 49.39 51.50
N ILE H 158 25.33 49.10 51.28
CA ILE H 158 26.04 48.09 52.06
C ILE H 158 26.42 48.57 53.47
N GLN H 159 26.54 49.88 53.65
CA GLN H 159 26.80 50.41 54.96
C GLN H 159 25.61 50.17 55.86
N GLN H 160 24.41 50.26 55.29
CA GLN H 160 23.20 50.14 56.06
C GLN H 160 22.99 48.69 56.40
N VAL H 161 23.58 47.82 55.59
CA VAL H 161 23.59 46.39 55.87
C VAL H 161 24.34 46.10 57.16
N PHE H 162 25.62 46.44 57.17
CA PHE H 162 26.44 46.35 58.35
C PHE H 162 25.74 46.96 59.56
N ASP H 163 25.11 48.13 59.40
CA ASP H 163 24.49 48.76 60.56
C ASP H 163 23.37 47.89 61.12
N ALA H 164 22.56 47.31 60.25
CA ALA H 164 21.47 46.48 60.70
C ALA H 164 21.99 45.18 61.33
N MET H 165 22.99 44.56 60.68
CA MET H 165 23.62 43.37 61.22
C MET H 165 24.19 43.57 62.61
N GLY H 166 24.94 44.67 62.78
CA GLY H 166 25.53 45.03 64.07
C GLY H 166 24.57 45.51 65.15
N ALA H 167 23.53 46.23 64.74
CA ALA H 167 22.51 46.76 65.65
C ALA H 167 21.75 45.63 66.35
N ASN H 168 21.35 44.63 65.57
CA ASN H 168 20.58 43.52 66.10
C ASN H 168 20.56 42.35 65.13
N TYR H 169 21.54 41.48 65.26
CA TYR H 169 21.88 40.47 64.24
C TYR H 169 20.84 39.38 64.05
N SER H 170 20.32 38.84 65.13
CA SER H 170 19.25 37.85 65.02
C SER H 170 18.05 38.46 64.32
N ALA H 171 17.75 39.70 64.68
CA ALA H 171 16.63 40.41 64.11
C ALA H 171 16.89 40.78 62.65
N TRP H 172 18.14 41.09 62.33
CA TRP H 172 18.51 41.29 60.95
C TRP H 172 18.36 40.00 60.12
N ALA H 173 18.84 38.88 60.65
CA ALA H 173 18.86 37.60 59.94
C ALA H 173 17.49 37.05 59.56
N THR H 174 16.49 37.25 60.42
CA THR H 174 15.17 36.71 60.11
C THR H 174 14.60 37.49 58.94
N GLY H 175 14.95 38.76 58.87
CA GLY H 175 14.56 39.60 57.75
C GLY H 175 15.28 39.26 56.45
N TYR H 176 16.58 39.06 56.50
CA TYR H 176 17.32 38.84 55.28
C TYR H 176 17.01 37.47 54.67
N ALA H 177 16.84 36.46 55.50
CA ALA H 177 16.63 35.11 54.99
C ALA H 177 15.60 35.03 53.83
N PRO H 178 14.37 35.49 54.06
CA PRO H 178 13.36 35.32 53.02
C PRO H 178 13.64 36.10 51.72
N LEU H 179 14.37 37.20 51.78
CA LEU H 179 14.67 37.94 50.55
C LEU H 179 15.81 37.28 49.82
N ALA H 180 16.66 36.61 50.57
CA ALA H 180 17.73 35.85 49.96
C ALA H 180 17.15 34.61 49.27
N VAL H 181 16.19 33.97 49.92
CA VAL H 181 15.57 32.80 49.33
C VAL H 181 14.75 33.22 48.14
N GLY H 182 14.15 34.41 48.22
CA GLY H 182 13.53 35.03 47.07
C GLY H 182 12.15 34.50 46.74
N ALA H 183 12.05 33.19 46.61
CA ALA H 183 10.81 32.53 46.29
C ALA H 183 10.13 32.03 47.57
N ASP H 184 8.81 31.82 47.50
CA ASP H 184 8.04 31.40 48.65
C ASP H 184 8.24 29.91 48.97
N VAL H 185 9.34 29.61 49.62
CA VAL H 185 9.65 28.23 49.99
C VAL H 185 10.20 28.18 51.42
N PRO H 186 9.34 27.81 52.38
CA PRO H 186 9.61 27.73 53.82
C PRO H 186 10.88 26.97 54.21
N ALA H 187 10.97 25.71 53.82
CA ALA H 187 12.10 24.88 54.21
C ALA H 187 13.47 25.51 53.91
N ALA H 188 13.55 26.32 52.85
CA ALA H 188 14.80 27.00 52.58
C ALA H 188 14.91 28.20 53.51
N VAL H 189 13.80 28.93 53.67
CA VAL H 189 13.75 30.10 54.55
C VAL H 189 14.07 29.74 55.99
N GLN H 190 13.55 28.60 56.43
CA GLN H 190 13.80 28.04 57.74
C GLN H 190 15.24 27.57 57.87
N GLU H 191 15.66 26.72 56.95
CA GLU H 191 16.99 26.16 56.99
C GLU H 191 18.04 27.27 56.81
N PHE H 192 17.77 28.23 55.94
CA PHE H 192 18.67 29.35 55.79
C PHE H 192 18.70 30.28 57.01
N SER H 193 17.56 30.54 57.62
CA SER H 193 17.57 31.39 58.81
C SER H 193 18.37 30.71 59.90
N ARG H 194 18.18 29.40 60.01
CA ARG H 194 18.91 28.55 60.92
C ARG H 194 20.42 28.73 60.82
N THR H 195 20.98 28.52 59.64
CA THR H 195 22.43 28.57 59.47
C THR H 195 22.96 29.99 59.66
N LEU H 196 22.09 30.97 59.46
CA LEU H 196 22.46 32.36 59.61
C LEU H 196 22.56 32.73 61.09
N PHE H 197 21.66 32.21 61.90
CA PHE H 197 21.70 32.44 63.34
C PHE H 197 22.92 31.85 64.01
N ASN H 198 23.40 30.73 63.48
CA ASN H 198 24.55 30.03 64.05
C ASN H 198 25.85 30.81 63.90
N MET H 199 25.90 31.70 62.93
CA MET H 199 27.11 32.47 62.65
C MET H 199 27.26 33.62 63.67
N ARG H 200 28.43 33.73 64.28
CA ARG H 200 28.72 34.81 65.20
C ARG H 200 28.79 36.12 64.44
N PRO H 201 27.98 37.11 64.85
CA PRO H 201 27.77 38.38 64.13
C PRO H 201 29.03 39.09 63.67
N ASP H 202 30.13 38.97 64.42
CA ASP H 202 31.35 39.71 64.06
C ASP H 202 32.06 39.10 62.85
N ILE H 203 32.23 37.79 62.89
CA ILE H 203 32.72 37.01 61.77
C ILE H 203 31.84 37.28 60.53
N SER H 204 30.54 37.03 60.68
CA SER H 204 29.56 37.32 59.66
C SER H 204 29.68 38.73 59.09
N LEU H 205 29.76 39.75 59.96
CA LEU H 205 30.00 41.10 59.46
C LEU H 205 31.34 41.14 58.78
N HIS H 206 32.30 40.45 59.37
CA HIS H 206 33.60 40.42 58.77
C HIS H 206 33.59 39.72 57.40
N VAL H 207 32.79 38.65 57.25
CA VAL H 207 32.77 37.90 55.99
C VAL H 207 31.92 38.59 54.91
N CYS H 208 30.95 39.43 55.31
CA CYS H 208 30.20 40.24 54.33
C CYS H 208 31.07 41.31 53.71
N GLN H 209 31.91 41.91 54.53
CA GLN H 209 32.86 42.91 54.10
C GLN H 209 33.91 42.37 53.13
N THR H 210 34.52 41.23 53.47
CA THR H 210 35.38 40.54 52.51
C THR H 210 34.68 40.36 51.16
N VAL H 211 33.49 39.80 51.19
CA VAL H 211 32.78 39.54 49.93
C VAL H 211 32.54 40.84 49.15
N PHE H 212 32.12 41.90 49.83
CA PHE H 212 31.69 43.09 49.10
C PHE H 212 32.86 43.86 48.48
N LYS H 213 34.07 43.58 48.93
CA LYS H 213 35.25 44.28 48.41
C LYS H 213 35.87 43.54 47.23
N THR H 214 35.52 42.28 47.05
CA THR H 214 36.20 41.45 46.07
C THR H 214 35.76 41.79 44.67
N ASP H 215 36.74 41.88 43.79
CA ASP H 215 36.53 42.17 42.38
C ASP H 215 37.45 41.25 41.60
N LEU H 216 36.88 40.25 40.94
CA LEU H 216 37.65 39.25 40.24
C LEU H 216 37.70 39.50 38.75
N ARG H 217 36.96 40.51 38.31
CA ARG H 217 36.82 40.82 36.90
C ARG H 217 38.17 40.80 36.23
N GLY H 218 39.18 41.21 37.00
CA GLY H 218 40.51 41.35 36.50
C GLY H 218 41.11 40.02 36.12
N VAL H 219 40.60 38.94 36.71
CA VAL H 219 41.21 37.63 36.49
C VAL H 219 40.28 36.56 35.93
N LEU H 220 39.10 36.92 35.44
CA LEU H 220 38.18 35.94 34.83
C LEU H 220 38.83 35.27 33.62
N GLY H 221 39.35 36.07 32.69
CA GLY H 221 40.05 35.56 31.54
C GLY H 221 41.24 34.68 31.86
N MET H 222 41.62 34.60 33.13
CA MET H 222 42.72 33.75 33.54
C MET H 222 42.29 32.30 33.81
N VAL H 223 41.00 32.05 33.78
CA VAL H 223 40.49 30.71 34.03
C VAL H 223 40.58 29.83 32.80
N ARG H 224 40.98 28.58 32.99
CA ARG H 224 41.14 27.66 31.87
C ARG H 224 40.18 26.48 31.94
N ALA H 225 39.72 26.15 33.13
CA ALA H 225 38.80 25.05 33.32
C ALA H 225 37.48 25.29 32.60
N PRO H 226 36.92 24.21 32.01
CA PRO H 226 35.53 24.28 31.55
C PRO H 226 34.58 24.66 32.69
N CYS H 227 33.68 25.60 32.39
CA CYS H 227 32.80 26.15 33.38
C CYS H 227 31.35 26.07 32.91
N VAL H 228 30.43 25.92 33.86
CA VAL H 228 29.01 26.05 33.58
C VAL H 228 28.40 27.06 34.49
N VAL H 229 27.73 28.06 33.94
CA VAL H 229 27.13 29.06 34.79
C VAL H 229 25.61 28.91 35.03
N VAL H 230 25.27 28.59 36.28
CA VAL H 230 23.89 28.49 36.75
C VAL H 230 23.28 29.81 37.22
N GLN H 231 22.37 30.38 36.43
CA GLN H 231 21.66 31.58 36.87
C GLN H 231 20.19 31.29 37.13
N THR H 232 19.69 31.73 38.27
CA THR H 232 18.27 31.66 38.59
C THR H 232 17.54 32.84 37.96
N THR H 233 16.21 32.81 37.95
CA THR H 233 15.42 33.78 37.20
C THR H 233 15.32 35.15 37.86
N ARG H 234 15.47 35.21 39.18
CA ARG H 234 15.62 36.51 39.84
C ARG H 234 16.38 36.36 41.14
N ASP H 235 17.69 36.41 41.01
CA ASP H 235 18.60 36.56 42.12
C ASP H 235 18.61 38.04 42.52
N VAL H 236 18.47 38.33 43.80
CA VAL H 236 18.54 39.71 44.28
C VAL H 236 20.00 40.19 44.42
N SER H 237 20.91 39.25 44.39
CA SER H 237 22.32 39.53 44.55
C SER H 237 23.06 39.44 43.21
N VAL H 238 22.39 38.92 42.18
CA VAL H 238 23.01 38.80 40.87
C VAL H 238 22.02 39.04 39.73
N PRO H 239 22.04 40.23 39.13
CA PRO H 239 21.30 40.50 37.90
C PRO H 239 21.70 39.50 36.82
N ALA H 240 20.85 39.28 35.84
CA ALA H 240 21.18 38.43 34.70
C ALA H 240 22.36 39.02 33.95
N SER H 241 22.50 40.34 34.02
CA SER H 241 23.61 41.06 33.38
C SER H 241 24.95 40.53 33.82
N VAL H 242 25.09 40.29 35.12
CA VAL H 242 26.34 39.78 35.67
C VAL H 242 26.64 38.36 35.20
N ALA H 243 25.61 37.55 35.02
CA ALA H 243 25.85 36.20 34.57
C ALA H 243 26.24 36.22 33.09
N ALA H 244 25.70 37.20 32.37
CA ALA H 244 26.03 37.36 30.96
C ALA H 244 27.51 37.74 30.80
N TYR H 245 28.02 38.48 31.80
CA TYR H 245 29.40 38.98 31.85
C TYR H 245 30.42 37.88 32.25
N LEU H 246 30.05 37.06 33.23
CA LEU H 246 30.83 35.89 33.63
C LEU H 246 31.25 35.10 32.40
N LYS H 247 30.27 34.81 31.56
CA LYS H 247 30.47 33.98 30.39
C LYS H 247 31.32 34.63 29.31
N ALA H 248 31.32 35.94 29.25
CA ALA H 248 32.05 36.62 28.20
C ALA H 248 33.52 36.69 28.55
N HIS H 249 33.84 36.59 29.83
CA HIS H 249 35.20 36.94 30.25
C HIS H 249 35.94 35.82 31.01
N LEU H 250 35.22 34.84 31.56
CA LEU H 250 35.87 33.60 31.98
C LEU H 250 36.65 33.00 30.79
N GLY H 251 37.88 32.58 31.05
CA GLY H 251 38.78 32.14 30.00
C GLY H 251 38.39 30.87 29.26
N GLY H 252 38.17 29.79 30.00
CA GLY H 252 37.83 28.52 29.41
C GLY H 252 36.46 28.58 28.75
N ARG H 253 36.04 27.47 28.15
CA ARG H 253 34.75 27.40 27.47
C ARG H 253 33.61 27.41 28.49
N THR H 254 32.65 28.30 28.28
CA THR H 254 31.63 28.58 29.30
C THR H 254 30.21 28.46 28.76
N THR H 255 29.30 27.94 29.58
CA THR H 255 27.89 27.87 29.20
C THR H 255 27.03 28.40 30.33
N VAL H 256 25.88 28.96 30.00
CA VAL H 256 25.00 29.51 31.00
C VAL H 256 23.61 28.88 30.94
N GLU H 257 23.41 27.90 31.81
CA GLU H 257 22.10 27.38 32.08
C GLU H 257 21.30 28.43 32.86
N PHE H 258 20.08 28.71 32.41
CA PHE H 258 19.16 29.65 33.07
C PHE H 258 18.02 28.89 33.74
N LEU H 259 17.97 28.91 35.06
CA LEU H 259 16.95 28.17 35.78
C LEU H 259 15.61 28.93 35.87
N GLN H 260 14.52 28.22 35.59
CA GLN H 260 13.17 28.79 35.61
C GLN H 260 12.75 29.21 37.02
N THR H 261 13.49 28.84 38.04
CA THR H 261 13.06 29.16 39.41
C THR H 261 13.71 30.45 39.97
N GLU H 262 13.06 31.03 40.97
CA GLU H 262 13.53 32.28 41.58
C GLU H 262 14.31 32.06 42.86
N GLY H 263 15.38 32.83 43.02
CA GLY H 263 16.07 32.89 44.30
C GLY H 263 17.56 32.77 44.18
N HIS H 264 18.25 33.14 45.25
CA HIS H 264 19.69 33.10 45.24
C HIS H 264 20.23 31.81 45.84
N LEU H 265 19.37 31.01 46.45
CA LEU H 265 19.85 29.75 47.03
C LEU H 265 19.17 28.53 46.41
N PRO H 266 19.43 28.31 45.12
CA PRO H 266 18.75 27.22 44.40
C PRO H 266 18.95 25.84 45.02
N HIS H 267 20.06 25.64 45.72
CA HIS H 267 20.32 24.35 46.33
C HIS H 267 19.33 24.10 47.44
N LEU H 268 18.91 25.17 48.11
CA LEU H 268 17.94 25.10 49.19
C LEU H 268 16.51 25.16 48.67
N SER H 269 16.23 26.04 47.74
CA SER H 269 14.85 26.37 47.40
C SER H 269 14.31 25.63 46.18
N ALA H 270 15.20 25.09 45.35
CA ALA H 270 14.79 24.37 44.15
C ALA H 270 15.59 23.08 43.89
N PRO H 271 15.78 22.24 44.93
CA PRO H 271 16.59 21.03 44.80
C PRO H 271 16.09 19.99 43.80
N SER H 272 14.79 19.95 43.53
CA SER H 272 14.23 19.06 42.51
C SER H 272 14.80 19.41 41.15
N LEU H 273 14.98 20.71 40.88
CA LEU H 273 15.51 21.20 39.60
C LEU H 273 17.03 21.16 39.56
N LEU H 274 17.66 21.75 40.56
CA LEU H 274 19.10 21.94 40.59
C LEU H 274 19.86 20.62 40.49
N ALA H 275 19.46 19.64 41.27
CA ALA H 275 20.15 18.37 41.30
C ALA H 275 20.26 17.74 39.90
N GLN H 276 19.33 18.10 39.01
CA GLN H 276 19.32 17.56 37.66
C GLN H 276 20.28 18.37 36.79
N VAL H 277 20.25 19.69 36.97
CA VAL H 277 21.19 20.55 36.31
C VAL H 277 22.59 20.06 36.63
N LEU H 278 22.85 19.88 37.91
CA LEU H 278 24.15 19.43 38.36
C LEU H 278 24.53 18.09 37.72
N ARG H 279 23.58 17.15 37.66
CA ARG H 279 23.89 15.84 37.10
C ARG H 279 24.39 15.90 35.64
N ARG H 280 23.83 16.79 34.83
CA ARG H 280 24.22 16.84 33.42
C ARG H 280 25.41 17.77 33.20
N ALA H 281 25.89 18.36 34.28
CA ALA H 281 27.08 19.19 34.25
C ALA H 281 28.25 18.38 34.77
N LEU H 282 27.98 17.43 35.64
CA LEU H 282 29.03 16.67 36.25
C LEU H 282 29.21 15.33 35.56
N ALA H 283 28.46 15.15 34.47
CA ALA H 283 28.40 13.91 33.72
C ALA H 283 29.70 13.54 33.01
N ARG H 284 30.46 14.53 32.53
CA ARG H 284 31.73 14.21 31.90
C ARG H 284 32.74 15.34 32.07
N TYR H 285 33.93 14.99 32.54
CA TYR H 285 34.96 15.99 32.77
C TYR H 285 36.32 15.36 33.03
O1 H3M I . 15.17 -14.67 -17.18
C1 H3M I . 16.21 -15.05 -16.84
C4 H3M I . 16.56 -15.37 -15.51
C5 H3M I . 15.59 -15.58 -14.37
C3 H3M I . 17.87 -15.54 -15.52
C2 H3M I . 18.26 -15.91 -16.94
O2 H3M I . 17.30 -15.28 -17.73
O3 H3M I . 19.55 -15.53 -17.37
#